data_1KPF
# 
_entry.id   1KPF 
# 
_audit_conform.dict_name       mmcif_pdbx.dic 
_audit_conform.dict_version    5.397 
_audit_conform.dict_location   http://mmcif.pdb.org/dictionaries/ascii/mmcif_pdbx.dic 
# 
loop_
_database_2.database_id 
_database_2.database_code 
_database_2.pdbx_database_accession 
_database_2.pdbx_DOI 
PDB   1KPF         pdb_00001kpf 10.2210/pdb1kpf/pdb 
WWPDB D_1000174477 ?            ?                   
# 
loop_
_pdbx_audit_revision_history.ordinal 
_pdbx_audit_revision_history.data_content_type 
_pdbx_audit_revision_history.major_revision 
_pdbx_audit_revision_history.minor_revision 
_pdbx_audit_revision_history.revision_date 
1 'Structure model' 1 0 1998-03-25 
2 'Structure model' 1 1 2008-03-24 
3 'Structure model' 1 2 2011-07-13 
4 'Structure model' 1 3 2024-02-14 
5 'Structure model' 1 4 2024-10-23 
# 
_pdbx_audit_revision_details.ordinal             1 
_pdbx_audit_revision_details.revision_ordinal    1 
_pdbx_audit_revision_details.data_content_type   'Structure model' 
_pdbx_audit_revision_details.provider            repository 
_pdbx_audit_revision_details.type                'Initial release' 
_pdbx_audit_revision_details.description         ? 
_pdbx_audit_revision_details.details             ? 
# 
loop_
_pdbx_audit_revision_group.ordinal 
_pdbx_audit_revision_group.revision_ordinal 
_pdbx_audit_revision_group.data_content_type 
_pdbx_audit_revision_group.group 
1 2 'Structure model' 'Version format compliance' 
2 3 'Structure model' 'Derived calculations'      
3 3 'Structure model' 'Version format compliance' 
4 4 'Structure model' 'Data collection'           
5 4 'Structure model' 'Database references'       
6 4 'Structure model' 'Derived calculations'      
7 4 'Structure model' Other                       
8 5 'Structure model' 'Structure summary'         
# 
loop_
_pdbx_audit_revision_category.ordinal 
_pdbx_audit_revision_category.revision_ordinal 
_pdbx_audit_revision_category.data_content_type 
_pdbx_audit_revision_category.category 
1 4 'Structure model' chem_comp_atom       
2 4 'Structure model' chem_comp_bond       
3 4 'Structure model' database_2           
4 4 'Structure model' pdbx_database_status 
5 4 'Structure model' struct_site          
6 5 'Structure model' pdbx_entry_details   
# 
loop_
_pdbx_audit_revision_item.ordinal 
_pdbx_audit_revision_item.revision_ordinal 
_pdbx_audit_revision_item.data_content_type 
_pdbx_audit_revision_item.item 
1 4 'Structure model' '_database_2.pdbx_DOI'                         
2 4 'Structure model' '_database_2.pdbx_database_accession'          
3 4 'Structure model' '_pdbx_database_status.process_site'           
4 4 'Structure model' '_struct_site.pdbx_auth_asym_id'               
5 4 'Structure model' '_struct_site.pdbx_auth_comp_id'               
6 4 'Structure model' '_struct_site.pdbx_auth_seq_id'                
7 5 'Structure model' '_pdbx_entry_details.has_protein_modification' 
# 
_pdbx_database_status.status_code                     REL 
_pdbx_database_status.entry_id                        1KPF 
_pdbx_database_status.recvd_initial_deposition_date   1997-09-25 
_pdbx_database_status.deposit_site                    ? 
_pdbx_database_status.process_site                    BNL 
_pdbx_database_status.SG_entry                        . 
_pdbx_database_status.pdb_format_compatible           Y 
_pdbx_database_status.status_code_mr                  ? 
_pdbx_database_status.status_code_sf                  ? 
_pdbx_database_status.status_code_cs                  ? 
_pdbx_database_status.status_code_nmr_data            ? 
_pdbx_database_status.methods_development_category    ? 
# 
loop_
_audit_author.name 
_audit_author.pdbx_ordinal 
'Lima, C.D.'        1 
'Klein, M.G.'       2 
'Hendrickson, W.A.' 3 
# 
loop_
_citation.id 
_citation.title 
_citation.journal_abbrev 
_citation.journal_volume 
_citation.page_first 
_citation.page_last 
_citation.year 
_citation.journal_id_ASTM 
_citation.country 
_citation.journal_id_ISSN 
_citation.journal_id_CSD 
_citation.book_publisher 
_citation.pdbx_database_id_PubMed 
_citation.pdbx_database_id_DOI 
primary 'Structure-based analysis of catalysis and substrate definition in the HIT protein family.'                           
Science                278 286  290 1997 SCIEAS US 0036-8075 0038 ? 9323207 10.1126/science.278.5336.286 
1       'Three-Dimensional Structure of Human Protein Kinase C Interacting Protein 1, a Member of the Hit Family of Proteins' 
Proc.Natl.Acad.Sci.USA 93  5357 ?   1996 PNASA6 US 0027-8424 0040 ? ?       ?                            
# 
loop_
_citation_author.citation_id 
_citation_author.name 
_citation_author.ordinal 
_citation_author.identifier_ORCID 
primary 'Lima, C.D.'        1 ? 
primary 'Klein, M.G.'       2 ? 
primary 'Hendrickson, W.A.' 3 ? 
1       'Lima, C.D.'        4 ? 
1       'Klein, M.G.'       5 ? 
1       'Weinstein, I.B.'   6 ? 
1       'Hendrickson, W.A.' 7 ? 
# 
loop_
_entity.id 
_entity.type 
_entity.src_method 
_entity.pdbx_description 
_entity.formula_weight 
_entity.pdbx_number_of_molecules 
_entity.pdbx_ec 
_entity.pdbx_mutation 
_entity.pdbx_fragment 
_entity.details 
1 polymer     man 'PROTEIN KINASE C INTERACTING PROTEIN' 13718.772 1   ? ? ? ? 
2 non-polymer syn 'ADENOSINE MONOPHOSPHATE'              347.221   1   ? ? ? ? 
3 water       nat water                                  18.015    174 ? ? ? ? 
# 
_entity_name_com.entity_id   1 
_entity_name_com.name        'PKCI-1, PROTEIN KINASE C INHIBITOR 1, HINT PROTEIN, HIT PROTEIN' 
# 
_entity_poly.entity_id                      1 
_entity_poly.type                           'polypeptide(L)' 
_entity_poly.nstd_linkage                   no 
_entity_poly.nstd_monomer                   yes 
_entity_poly.pdbx_seq_one_letter_code       
;(ACE)ADEIAKAQVARPGGDTIFGKIIRKEIPAKIIFEDDRCLAFHDISPQAPTHFLVIPKKHISQISVAEDDDESLLGH
LMIVGKKCAADLGLNKGYRMVVNEGSDGGQSVYHVHLHVLGGRQMHWPPG
;
_entity_poly.pdbx_seq_one_letter_code_can   
;XADEIAKAQVARPGGDTIFGKIIRKEIPAKIIFEDDRCLAFHDISPQAPTHFLVIPKKHISQISVAEDDDESLLGHLMIV
GKKCAADLGLNKGYRMVVNEGSDGGQSVYHVHLHVLGGRQMHWPPG
;
_entity_poly.pdbx_strand_id                 A 
_entity_poly.pdbx_target_identifier         ? 
# 
loop_
_pdbx_entity_nonpoly.entity_id 
_pdbx_entity_nonpoly.name 
_pdbx_entity_nonpoly.comp_id 
2 'ADENOSINE MONOPHOSPHATE' AMP 
3 water                     HOH 
# 
loop_
_entity_poly_seq.entity_id 
_entity_poly_seq.num 
_entity_poly_seq.mon_id 
_entity_poly_seq.hetero 
1 1   ACE n 
1 2   ALA n 
1 3   ASP n 
1 4   GLU n 
1 5   ILE n 
1 6   ALA n 
1 7   LYS n 
1 8   ALA n 
1 9   GLN n 
1 10  VAL n 
1 11  ALA n 
1 12  ARG n 
1 13  PRO n 
1 14  GLY n 
1 15  GLY n 
1 16  ASP n 
1 17  THR n 
1 18  ILE n 
1 19  PHE n 
1 20  GLY n 
1 21  LYS n 
1 22  ILE n 
1 23  ILE n 
1 24  ARG n 
1 25  LYS n 
1 26  GLU n 
1 27  ILE n 
1 28  PRO n 
1 29  ALA n 
1 30  LYS n 
1 31  ILE n 
1 32  ILE n 
1 33  PHE n 
1 34  GLU n 
1 35  ASP n 
1 36  ASP n 
1 37  ARG n 
1 38  CYS n 
1 39  LEU n 
1 40  ALA n 
1 41  PHE n 
1 42  HIS n 
1 43  ASP n 
1 44  ILE n 
1 45  SER n 
1 46  PRO n 
1 47  GLN n 
1 48  ALA n 
1 49  PRO n 
1 50  THR n 
1 51  HIS n 
1 52  PHE n 
1 53  LEU n 
1 54  VAL n 
1 55  ILE n 
1 56  PRO n 
1 57  LYS n 
1 58  LYS n 
1 59  HIS n 
1 60  ILE n 
1 61  SER n 
1 62  GLN n 
1 63  ILE n 
1 64  SER n 
1 65  VAL n 
1 66  ALA n 
1 67  GLU n 
1 68  ASP n 
1 69  ASP n 
1 70  ASP n 
1 71  GLU n 
1 72  SER n 
1 73  LEU n 
1 74  LEU n 
1 75  GLY n 
1 76  HIS n 
1 77  LEU n 
1 78  MET n 
1 79  ILE n 
1 80  VAL n 
1 81  GLY n 
1 82  LYS n 
1 83  LYS n 
1 84  CYS n 
1 85  ALA n 
1 86  ALA n 
1 87  ASP n 
1 88  LEU n 
1 89  GLY n 
1 90  LEU n 
1 91  ASN n 
1 92  LYS n 
1 93  GLY n 
1 94  TYR n 
1 95  ARG n 
1 96  MET n 
1 97  VAL n 
1 98  VAL n 
1 99  ASN n 
1 100 GLU n 
1 101 GLY n 
1 102 SER n 
1 103 ASP n 
1 104 GLY n 
1 105 GLY n 
1 106 GLN n 
1 107 SER n 
1 108 VAL n 
1 109 TYR n 
1 110 HIS n 
1 111 VAL n 
1 112 HIS n 
1 113 LEU n 
1 114 HIS n 
1 115 VAL n 
1 116 LEU n 
1 117 GLY n 
1 118 GLY n 
1 119 ARG n 
1 120 GLN n 
1 121 MET n 
1 122 HIS n 
1 123 TRP n 
1 124 PRO n 
1 125 PRO n 
1 126 GLY n 
# 
_entity_src_gen.entity_id                          1 
_entity_src_gen.pdbx_src_id                        1 
_entity_src_gen.pdbx_alt_source_flag               sample 
_entity_src_gen.pdbx_seq_type                      ? 
_entity_src_gen.pdbx_beg_seq_num                   ? 
_entity_src_gen.pdbx_end_seq_num                   ? 
_entity_src_gen.gene_src_common_name               human 
_entity_src_gen.gene_src_genus                     Homo 
_entity_src_gen.pdbx_gene_src_gene                 HPKCI-1 
_entity_src_gen.gene_src_species                   ? 
_entity_src_gen.gene_src_strain                    ? 
_entity_src_gen.gene_src_tissue                    ? 
_entity_src_gen.gene_src_tissue_fraction           ? 
_entity_src_gen.gene_src_details                   ? 
_entity_src_gen.pdbx_gene_src_fragment             ? 
_entity_src_gen.pdbx_gene_src_scientific_name      'Homo sapiens' 
_entity_src_gen.pdbx_gene_src_ncbi_taxonomy_id     9606 
_entity_src_gen.pdbx_gene_src_variant              ? 
_entity_src_gen.pdbx_gene_src_cell_line            ? 
_entity_src_gen.pdbx_gene_src_atcc                 ? 
_entity_src_gen.pdbx_gene_src_organ                ? 
_entity_src_gen.pdbx_gene_src_organelle            ? 
_entity_src_gen.pdbx_gene_src_cell                 ? 
_entity_src_gen.pdbx_gene_src_cellular_location    ? 
_entity_src_gen.host_org_common_name               ? 
_entity_src_gen.pdbx_host_org_scientific_name      'Pichia pastoris' 
_entity_src_gen.pdbx_host_org_ncbi_taxonomy_id     4922 
_entity_src_gen.host_org_genus                     Pichia 
_entity_src_gen.pdbx_host_org_gene                 HPKCI-1 
_entity_src_gen.pdbx_host_org_organ                ? 
_entity_src_gen.host_org_species                   ? 
_entity_src_gen.pdbx_host_org_tissue               ? 
_entity_src_gen.pdbx_host_org_tissue_fraction      ? 
_entity_src_gen.pdbx_host_org_strain               ? 
_entity_src_gen.pdbx_host_org_variant              ? 
_entity_src_gen.pdbx_host_org_cell_line            ? 
_entity_src_gen.pdbx_host_org_atcc                 ? 
_entity_src_gen.pdbx_host_org_culture_collection   ? 
_entity_src_gen.pdbx_host_org_cell                 ? 
_entity_src_gen.pdbx_host_org_organelle            ? 
_entity_src_gen.pdbx_host_org_cellular_location    ? 
_entity_src_gen.pdbx_host_org_vector_type          ? 
_entity_src_gen.pdbx_host_org_vector               ? 
_entity_src_gen.host_org_details                   ? 
_entity_src_gen.expression_system_id               ? 
_entity_src_gen.plasmid_name                       PHIL-D5 
_entity_src_gen.plasmid_details                    ? 
_entity_src_gen.pdbx_description                   ? 
# 
loop_
_chem_comp.id 
_chem_comp.type 
_chem_comp.mon_nstd_flag 
_chem_comp.name 
_chem_comp.pdbx_synonyms 
_chem_comp.formula 
_chem_comp.formula_weight 
ACE non-polymer         . 'ACETYL GROUP'            ? 'C2 H4 O'         44.053  
ALA 'L-peptide linking' y ALANINE                   ? 'C3 H7 N O2'      89.093  
AMP non-polymer         . 'ADENOSINE MONOPHOSPHATE' ? 'C10 H14 N5 O7 P' 347.221 
ARG 'L-peptide linking' y ARGININE                  ? 'C6 H15 N4 O2 1'  175.209 
ASN 'L-peptide linking' y ASPARAGINE                ? 'C4 H8 N2 O3'     132.118 
ASP 'L-peptide linking' y 'ASPARTIC ACID'           ? 'C4 H7 N O4'      133.103 
CYS 'L-peptide linking' y CYSTEINE                  ? 'C3 H7 N O2 S'    121.158 
GLN 'L-peptide linking' y GLUTAMINE                 ? 'C5 H10 N2 O3'    146.144 
GLU 'L-peptide linking' y 'GLUTAMIC ACID'           ? 'C5 H9 N O4'      147.129 
GLY 'peptide linking'   y GLYCINE                   ? 'C2 H5 N O2'      75.067  
HIS 'L-peptide linking' y HISTIDINE                 ? 'C6 H10 N3 O2 1'  156.162 
HOH non-polymer         . WATER                     ? 'H2 O'            18.015  
ILE 'L-peptide linking' y ISOLEUCINE                ? 'C6 H13 N O2'     131.173 
LEU 'L-peptide linking' y LEUCINE                   ? 'C6 H13 N O2'     131.173 
LYS 'L-peptide linking' y LYSINE                    ? 'C6 H15 N2 O2 1'  147.195 
MET 'L-peptide linking' y METHIONINE                ? 'C5 H11 N O2 S'   149.211 
PHE 'L-peptide linking' y PHENYLALANINE             ? 'C9 H11 N O2'     165.189 
PRO 'L-peptide linking' y PROLINE                   ? 'C5 H9 N O2'      115.130 
SER 'L-peptide linking' y SERINE                    ? 'C3 H7 N O3'      105.093 
THR 'L-peptide linking' y THREONINE                 ? 'C4 H9 N O3'      119.119 
TRP 'L-peptide linking' y TRYPTOPHAN                ? 'C11 H12 N2 O2'   204.225 
TYR 'L-peptide linking' y TYROSINE                  ? 'C9 H11 N O3'     181.189 
VAL 'L-peptide linking' y VALINE                    ? 'C5 H11 N O2'     117.146 
# 
loop_
_pdbx_poly_seq_scheme.asym_id 
_pdbx_poly_seq_scheme.entity_id 
_pdbx_poly_seq_scheme.seq_id 
_pdbx_poly_seq_scheme.mon_id 
_pdbx_poly_seq_scheme.ndb_seq_num 
_pdbx_poly_seq_scheme.pdb_seq_num 
_pdbx_poly_seq_scheme.auth_seq_num 
_pdbx_poly_seq_scheme.pdb_mon_id 
_pdbx_poly_seq_scheme.auth_mon_id 
_pdbx_poly_seq_scheme.pdb_strand_id 
_pdbx_poly_seq_scheme.pdb_ins_code 
_pdbx_poly_seq_scheme.hetero 
A 1 1   ACE 1   1   ?   ?   ?   A . n 
A 1 2   ALA 2   2   ?   ?   ?   A . n 
A 1 3   ASP 3   3   ?   ?   ?   A . n 
A 1 4   GLU 4   4   ?   ?   ?   A . n 
A 1 5   ILE 5   5   ?   ?   ?   A . n 
A 1 6   ALA 6   6   ?   ?   ?   A . n 
A 1 7   LYS 7   7   ?   ?   ?   A . n 
A 1 8   ALA 8   8   ?   ?   ?   A . n 
A 1 9   GLN 9   9   ?   ?   ?   A . n 
A 1 10  VAL 10  10  ?   ?   ?   A . n 
A 1 11  ALA 11  11  ?   ?   ?   A . n 
A 1 12  ARG 12  12  ?   ?   ?   A . n 
A 1 13  PRO 13  13  ?   ?   ?   A . n 
A 1 14  GLY 14  14  ?   ?   ?   A . n 
A 1 15  GLY 15  15  ?   ?   ?   A . n 
A 1 16  ASP 16  16  16  ASP ASP A . n 
A 1 17  THR 17  17  17  THR THR A . n 
A 1 18  ILE 18  18  18  ILE ILE A . n 
A 1 19  PHE 19  19  19  PHE PHE A . n 
A 1 20  GLY 20  20  20  GLY GLY A . n 
A 1 21  LYS 21  21  21  LYS LYS A . n 
A 1 22  ILE 22  22  22  ILE ILE A . n 
A 1 23  ILE 23  23  23  ILE ILE A . n 
A 1 24  ARG 24  24  24  ARG ARG A . n 
A 1 25  LYS 25  25  25  LYS LYS A . n 
A 1 26  GLU 26  26  26  GLU GLU A . n 
A 1 27  ILE 27  27  27  ILE ILE A . n 
A 1 28  PRO 28  28  28  PRO PRO A . n 
A 1 29  ALA 29  29  29  ALA ALA A . n 
A 1 30  LYS 30  30  30  LYS LYS A . n 
A 1 31  ILE 31  31  31  ILE ILE A . n 
A 1 32  ILE 32  32  32  ILE ILE A . n 
A 1 33  PHE 33  33  33  PHE PHE A . n 
A 1 34  GLU 34  34  34  GLU GLU A . n 
A 1 35  ASP 35  35  35  ASP ASP A . n 
A 1 36  ASP 36  36  36  ASP ASP A . n 
A 1 37  ARG 37  37  37  ARG ARG A . n 
A 1 38  CYS 38  38  38  CYS CYS A . n 
A 1 39  LEU 39  39  39  LEU LEU A . n 
A 1 40  ALA 40  40  40  ALA ALA A . n 
A 1 41  PHE 41  41  41  PHE PHE A . n 
A 1 42  HIS 42  42  42  HIS HIS A . n 
A 1 43  ASP 43  43  43  ASP ASP A . n 
A 1 44  ILE 44  44  44  ILE ILE A . n 
A 1 45  SER 45  45  45  SER SER A . n 
A 1 46  PRO 46  46  46  PRO PRO A . n 
A 1 47  GLN 47  47  47  GLN GLN A . n 
A 1 48  ALA 48  48  48  ALA ALA A . n 
A 1 49  PRO 49  49  49  PRO PRO A . n 
A 1 50  THR 50  50  50  THR THR A . n 
A 1 51  HIS 51  51  51  HIS HIS A . n 
A 1 52  PHE 52  52  52  PHE PHE A . n 
A 1 53  LEU 53  53  53  LEU LEU A . n 
A 1 54  VAL 54  54  54  VAL VAL A . n 
A 1 55  ILE 55  55  55  ILE ILE A . n 
A 1 56  PRO 56  56  56  PRO PRO A . n 
A 1 57  LYS 57  57  57  LYS LYS A . n 
A 1 58  LYS 58  58  58  LYS LYS A . n 
A 1 59  HIS 59  59  59  HIS HIS A . n 
A 1 60  ILE 60  60  60  ILE ILE A . n 
A 1 61  SER 61  61  61  SER SER A . n 
A 1 62  GLN 62  62  62  GLN GLN A . n 
A 1 63  ILE 63  63  63  ILE ILE A . n 
A 1 64  SER 64  64  64  SER SER A . n 
A 1 65  VAL 65  65  65  VAL VAL A . n 
A 1 66  ALA 66  66  66  ALA ALA A . n 
A 1 67  GLU 67  67  67  GLU GLU A . n 
A 1 68  ASP 68  68  68  ASP ASP A . n 
A 1 69  ASP 69  69  69  ASP ASP A . n 
A 1 70  ASP 70  70  70  ASP ASP A . n 
A 1 71  GLU 71  71  71  GLU GLU A . n 
A 1 72  SER 72  72  72  SER SER A . n 
A 1 73  LEU 73  73  73  LEU LEU A . n 
A 1 74  LEU 74  74  74  LEU LEU A . n 
A 1 75  GLY 75  75  75  GLY GLY A . n 
A 1 76  HIS 76  76  76  HIS HIS A . n 
A 1 77  LEU 77  77  77  LEU LEU A . n 
A 1 78  MET 78  78  78  MET MET A . n 
A 1 79  ILE 79  79  79  ILE ILE A . n 
A 1 80  VAL 80  80  80  VAL VAL A . n 
A 1 81  GLY 81  81  81  GLY GLY A . n 
A 1 82  LYS 82  82  82  LYS LYS A . n 
A 1 83  LYS 83  83  83  LYS LYS A . n 
A 1 84  CYS 84  84  84  CYS CYS A . n 
A 1 85  ALA 85  85  85  ALA ALA A . n 
A 1 86  ALA 86  86  86  ALA ALA A . n 
A 1 87  ASP 87  87  87  ASP ASP A . n 
A 1 88  LEU 88  88  88  LEU LEU A . n 
A 1 89  GLY 89  89  89  GLY GLY A . n 
A 1 90  LEU 90  90  90  LEU LEU A . n 
A 1 91  ASN 91  91  91  ASN ASN A . n 
A 1 92  LYS 92  92  92  LYS LYS A . n 
A 1 93  GLY 93  93  93  GLY GLY A . n 
A 1 94  TYR 94  94  94  TYR TYR A . n 
A 1 95  ARG 95  95  95  ARG ARG A . n 
A 1 96  MET 96  96  96  MET MET A . n 
A 1 97  VAL 97  97  97  VAL VAL A . n 
A 1 98  VAL 98  98  98  VAL VAL A . n 
A 1 99  ASN 99  99  99  ASN ASN A . n 
A 1 100 GLU 100 100 100 GLU GLU A . n 
A 1 101 GLY 101 101 101 GLY GLY A . n 
A 1 102 SER 102 102 102 SER SER A . n 
A 1 103 ASP 103 103 103 ASP ASP A . n 
A 1 104 GLY 104 104 104 GLY GLY A . n 
A 1 105 GLY 105 105 105 GLY GLY A . n 
A 1 106 GLN 106 106 106 GLN GLN A . n 
A 1 107 SER 107 107 107 SER SER A . n 
A 1 108 VAL 108 108 108 VAL VAL A . n 
A 1 109 TYR 109 109 109 TYR TYR A . n 
A 1 110 HIS 110 110 110 HIS HIS A . n 
A 1 111 VAL 111 111 111 VAL VAL A . n 
A 1 112 HIS 112 112 112 HIS HIS A . n 
A 1 113 LEU 113 113 113 LEU LEU A . n 
A 1 114 HIS 114 114 114 HIS HIS A . n 
A 1 115 VAL 115 115 115 VAL VAL A . n 
A 1 116 LEU 116 116 116 LEU LEU A . n 
A 1 117 GLY 117 117 117 GLY GLY A . n 
A 1 118 GLY 118 118 118 GLY GLY A . n 
A 1 119 ARG 119 119 119 ARG ARG A . n 
A 1 120 GLN 120 120 120 GLN GLN A . n 
A 1 121 MET 121 121 121 MET MET A . n 
A 1 122 HIS 122 122 122 HIS HIS A . n 
A 1 123 TRP 123 123 123 TRP TRP A . n 
A 1 124 PRO 124 124 124 PRO PRO A . n 
A 1 125 PRO 125 125 125 PRO PRO A . n 
A 1 126 GLY 126 126 126 GLY GLY A . n 
# 
loop_
_pdbx_nonpoly_scheme.asym_id 
_pdbx_nonpoly_scheme.entity_id 
_pdbx_nonpoly_scheme.mon_id 
_pdbx_nonpoly_scheme.ndb_seq_num 
_pdbx_nonpoly_scheme.pdb_seq_num 
_pdbx_nonpoly_scheme.auth_seq_num 
_pdbx_nonpoly_scheme.pdb_mon_id 
_pdbx_nonpoly_scheme.auth_mon_id 
_pdbx_nonpoly_scheme.pdb_strand_id 
_pdbx_nonpoly_scheme.pdb_ins_code 
B 2 AMP 1   200 200 AMP AMP A . 
C 3 HOH 1   201 1   HOH HOH A . 
C 3 HOH 2   202 2   HOH HOH A . 
C 3 HOH 3   203 3   HOH HOH A . 
C 3 HOH 4   204 4   HOH HOH A . 
C 3 HOH 5   205 5   HOH HOH A . 
C 3 HOH 6   206 6   HOH HOH A . 
C 3 HOH 7   207 7   HOH HOH A . 
C 3 HOH 8   208 8   HOH HOH A . 
C 3 HOH 9   209 9   HOH HOH A . 
C 3 HOH 10  210 10  HOH HOH A . 
C 3 HOH 11  211 11  HOH HOH A . 
C 3 HOH 12  212 12  HOH HOH A . 
C 3 HOH 13  213 13  HOH HOH A . 
C 3 HOH 14  214 14  HOH HOH A . 
C 3 HOH 15  215 15  HOH HOH A . 
C 3 HOH 16  216 16  HOH HOH A . 
C 3 HOH 17  217 17  HOH HOH A . 
C 3 HOH 18  218 18  HOH HOH A . 
C 3 HOH 19  219 19  HOH HOH A . 
C 3 HOH 20  220 20  HOH HOH A . 
C 3 HOH 21  221 21  HOH HOH A . 
C 3 HOH 22  222 22  HOH HOH A . 
C 3 HOH 23  223 23  HOH HOH A . 
C 3 HOH 24  224 24  HOH HOH A . 
C 3 HOH 25  225 25  HOH HOH A . 
C 3 HOH 26  226 26  HOH HOH A . 
C 3 HOH 27  227 27  HOH HOH A . 
C 3 HOH 28  228 28  HOH HOH A . 
C 3 HOH 29  229 29  HOH HOH A . 
C 3 HOH 30  230 30  HOH HOH A . 
C 3 HOH 31  231 31  HOH HOH A . 
C 3 HOH 32  232 32  HOH HOH A . 
C 3 HOH 33  233 33  HOH HOH A . 
C 3 HOH 34  234 34  HOH HOH A . 
C 3 HOH 35  235 35  HOH HOH A . 
C 3 HOH 36  236 36  HOH HOH A . 
C 3 HOH 37  237 37  HOH HOH A . 
C 3 HOH 38  238 38  HOH HOH A . 
C 3 HOH 39  239 39  HOH HOH A . 
C 3 HOH 40  240 40  HOH HOH A . 
C 3 HOH 41  241 41  HOH HOH A . 
C 3 HOH 42  242 42  HOH HOH A . 
C 3 HOH 43  243 43  HOH HOH A . 
C 3 HOH 44  244 44  HOH HOH A . 
C 3 HOH 45  245 45  HOH HOH A . 
C 3 HOH 46  246 46  HOH HOH A . 
C 3 HOH 47  247 47  HOH HOH A . 
C 3 HOH 48  248 48  HOH HOH A . 
C 3 HOH 49  249 49  HOH HOH A . 
C 3 HOH 50  250 50  HOH HOH A . 
C 3 HOH 51  251 51  HOH HOH A . 
C 3 HOH 52  252 52  HOH HOH A . 
C 3 HOH 53  253 53  HOH HOH A . 
C 3 HOH 54  254 54  HOH HOH A . 
C 3 HOH 55  255 55  HOH HOH A . 
C 3 HOH 56  256 56  HOH HOH A . 
C 3 HOH 57  257 57  HOH HOH A . 
C 3 HOH 58  258 58  HOH HOH A . 
C 3 HOH 59  259 59  HOH HOH A . 
C 3 HOH 60  260 60  HOH HOH A . 
C 3 HOH 61  261 61  HOH HOH A . 
C 3 HOH 62  262 62  HOH HOH A . 
C 3 HOH 63  263 63  HOH HOH A . 
C 3 HOH 64  264 64  HOH HOH A . 
C 3 HOH 65  265 65  HOH HOH A . 
C 3 HOH 66  266 66  HOH HOH A . 
C 3 HOH 67  267 67  HOH HOH A . 
C 3 HOH 68  268 68  HOH HOH A . 
C 3 HOH 69  269 69  HOH HOH A . 
C 3 HOH 70  270 70  HOH HOH A . 
C 3 HOH 71  271 71  HOH HOH A . 
C 3 HOH 72  272 72  HOH HOH A . 
C 3 HOH 73  273 73  HOH HOH A . 
C 3 HOH 74  274 74  HOH HOH A . 
C 3 HOH 75  275 75  HOH HOH A . 
C 3 HOH 76  276 76  HOH HOH A . 
C 3 HOH 77  277 77  HOH HOH A . 
C 3 HOH 78  278 78  HOH HOH A . 
C 3 HOH 79  279 79  HOH HOH A . 
C 3 HOH 80  280 80  HOH HOH A . 
C 3 HOH 81  281 81  HOH HOH A . 
C 3 HOH 82  282 82  HOH HOH A . 
C 3 HOH 83  283 83  HOH HOH A . 
C 3 HOH 84  284 84  HOH HOH A . 
C 3 HOH 85  285 85  HOH HOH A . 
C 3 HOH 86  286 86  HOH HOH A . 
C 3 HOH 87  287 87  HOH HOH A . 
C 3 HOH 88  288 88  HOH HOH A . 
C 3 HOH 89  289 89  HOH HOH A . 
C 3 HOH 90  290 90  HOH HOH A . 
C 3 HOH 91  291 91  HOH HOH A . 
C 3 HOH 92  292 92  HOH HOH A . 
C 3 HOH 93  293 93  HOH HOH A . 
C 3 HOH 94  294 94  HOH HOH A . 
C 3 HOH 95  295 95  HOH HOH A . 
C 3 HOH 96  296 96  HOH HOH A . 
C 3 HOH 97  297 97  HOH HOH A . 
C 3 HOH 98  298 98  HOH HOH A . 
C 3 HOH 99  299 99  HOH HOH A . 
C 3 HOH 100 300 100 HOH HOH A . 
C 3 HOH 101 301 101 HOH HOH A . 
C 3 HOH 102 302 102 HOH HOH A . 
C 3 HOH 103 303 103 HOH HOH A . 
C 3 HOH 104 304 104 HOH HOH A . 
C 3 HOH 105 305 105 HOH HOH A . 
C 3 HOH 106 306 106 HOH HOH A . 
C 3 HOH 107 307 107 HOH HOH A . 
C 3 HOH 108 308 108 HOH HOH A . 
C 3 HOH 109 309 109 HOH HOH A . 
C 3 HOH 110 310 110 HOH HOH A . 
C 3 HOH 111 311 111 HOH HOH A . 
C 3 HOH 112 312 112 HOH HOH A . 
C 3 HOH 113 313 113 HOH HOH A . 
C 3 HOH 114 314 114 HOH HOH A . 
C 3 HOH 115 315 115 HOH HOH A . 
C 3 HOH 116 316 116 HOH HOH A . 
C 3 HOH 117 317 117 HOH HOH A . 
C 3 HOH 118 318 118 HOH HOH A . 
C 3 HOH 119 319 119 HOH HOH A . 
C 3 HOH 120 320 120 HOH HOH A . 
C 3 HOH 121 321 121 HOH HOH A . 
C 3 HOH 122 322 122 HOH HOH A . 
C 3 HOH 123 323 123 HOH HOH A . 
C 3 HOH 124 324 124 HOH HOH A . 
C 3 HOH 125 325 125 HOH HOH A . 
C 3 HOH 126 326 126 HOH HOH A . 
C 3 HOH 127 327 127 HOH HOH A . 
C 3 HOH 128 328 128 HOH HOH A . 
C 3 HOH 129 329 129 HOH HOH A . 
C 3 HOH 130 330 130 HOH HOH A . 
C 3 HOH 131 331 131 HOH HOH A . 
C 3 HOH 132 332 132 HOH HOH A . 
C 3 HOH 133 333 133 HOH HOH A . 
C 3 HOH 134 334 134 HOH HOH A . 
C 3 HOH 135 335 135 HOH HOH A . 
C 3 HOH 136 336 136 HOH HOH A . 
C 3 HOH 137 337 137 HOH HOH A . 
C 3 HOH 138 338 138 HOH HOH A . 
C 3 HOH 139 339 139 HOH HOH A . 
C 3 HOH 140 340 140 HOH HOH A . 
C 3 HOH 141 341 141 HOH HOH A . 
C 3 HOH 142 342 142 HOH HOH A . 
C 3 HOH 143 343 143 HOH HOH A . 
C 3 HOH 144 344 144 HOH HOH A . 
C 3 HOH 145 345 145 HOH HOH A . 
C 3 HOH 146 346 146 HOH HOH A . 
C 3 HOH 147 347 147 HOH HOH A . 
C 3 HOH 148 348 148 HOH HOH A . 
C 3 HOH 149 349 149 HOH HOH A . 
C 3 HOH 150 350 150 HOH HOH A . 
C 3 HOH 151 351 151 HOH HOH A . 
C 3 HOH 152 352 152 HOH HOH A . 
C 3 HOH 153 353 153 HOH HOH A . 
C 3 HOH 154 354 154 HOH HOH A . 
C 3 HOH 155 355 155 HOH HOH A . 
C 3 HOH 156 356 156 HOH HOH A . 
C 3 HOH 157 357 157 HOH HOH A . 
C 3 HOH 158 358 158 HOH HOH A . 
C 3 HOH 159 359 159 HOH HOH A . 
C 3 HOH 160 360 160 HOH HOH A . 
C 3 HOH 161 361 161 HOH HOH A . 
C 3 HOH 162 362 162 HOH HOH A . 
C 3 HOH 163 363 163 HOH HOH A . 
C 3 HOH 164 364 164 HOH HOH A . 
C 3 HOH 165 365 165 HOH HOH A . 
C 3 HOH 166 366 166 HOH HOH A . 
C 3 HOH 167 367 167 HOH HOH A . 
C 3 HOH 168 368 168 HOH HOH A . 
C 3 HOH 169 369 169 HOH HOH A . 
C 3 HOH 170 370 170 HOH HOH A . 
C 3 HOH 171 371 171 HOH HOH A . 
C 3 HOH 172 372 172 HOH HOH A . 
C 3 HOH 173 373 173 HOH HOH A . 
C 3 HOH 174 374 174 HOH HOH A . 
# 
loop_
_software.name 
_software.classification 
_software.version 
_software.citation_id 
_software.pdbx_ordinal 
X-PLOR    'model building' 3.1 ? 1 
X-PLOR    refinement       3.1 ? 2 
DENZO     'data reduction' .   ? 3 
SCALEPACK 'data scaling'   .   ? 4 
X-PLOR    phasing          3.1 ? 5 
# 
_cell.entry_id           1KPF 
_cell.length_a           40.150 
_cell.length_b           40.150 
_cell.length_c           143.190 
_cell.angle_alpha        90.00 
_cell.angle_beta         90.00 
_cell.angle_gamma        90.00 
_cell.Z_PDB              8 
_cell.pdbx_unique_axis   ? 
# 
_symmetry.entry_id                         1KPF 
_symmetry.space_group_name_H-M             'P 43 21 2' 
_symmetry.pdbx_full_space_group_name_H-M   ? 
_symmetry.cell_setting                     ? 
_symmetry.Int_Tables_number                96 
# 
_exptl.entry_id          1KPF 
_exptl.method            'X-RAY DIFFRACTION' 
_exptl.crystals_number   1 
# 
_exptl_crystal.id                    1 
_exptl_crystal.density_meas          ? 
_exptl_crystal.density_Matthews      2.10 
_exptl_crystal.density_percent_sol   41.49 
_exptl_crystal.description           ? 
# 
_exptl_crystal_grow.crystal_id      1 
_exptl_crystal_grow.method          ? 
_exptl_crystal_grow.temp            ? 
_exptl_crystal_grow.temp_details    ? 
_exptl_crystal_grow.pH              6.5 
_exptl_crystal_grow.pdbx_pH_range   ? 
_exptl_crystal_grow.pdbx_details    'COCRYSTALLIZED WITH AMP FROM PEG8K PH6.5' 
# 
_diffrn.id                     1 
_diffrn.ambient_temp           110 
_diffrn.ambient_temp_details   ? 
_diffrn.crystal_id             1 
# 
_diffrn_detector.diffrn_id              1 
_diffrn_detector.detector               'IMAGE PLATE' 
_diffrn_detector.type                   RIGAKU 
_diffrn_detector.pdbx_collection_date   1996-06-01 
_diffrn_detector.details                ? 
# 
_diffrn_radiation.diffrn_id                        1 
_diffrn_radiation.wavelength_id                    1 
_diffrn_radiation.pdbx_monochromatic_or_laue_m_l   M 
_diffrn_radiation.monochromator                    ? 
_diffrn_radiation.pdbx_diffrn_protocol             ? 
_diffrn_radiation.pdbx_scattering_type             x-ray 
# 
_diffrn_radiation_wavelength.id           1 
_diffrn_radiation_wavelength.wavelength   1.5418 
_diffrn_radiation_wavelength.wt           1.0 
# 
_diffrn_source.diffrn_id                   1 
_diffrn_source.source                      ? 
_diffrn_source.type                        ? 
_diffrn_source.pdbx_synchrotron_site       ? 
_diffrn_source.pdbx_synchrotron_beamline   ? 
_diffrn_source.pdbx_wavelength             1.5418 
_diffrn_source.pdbx_wavelength_list        ? 
# 
_reflns.entry_id                     1KPF 
_reflns.observed_criterion_sigma_I   ? 
_reflns.observed_criterion_sigma_F   ? 
_reflns.d_resolution_low             20.0 
_reflns.d_resolution_high            1.4 
_reflns.number_obs                   36893 
_reflns.number_all                   ? 
_reflns.percent_possible_obs         84.5 
_reflns.pdbx_Rmerge_I_obs            0.0620000 
_reflns.pdbx_Rsym_value              ? 
_reflns.pdbx_netI_over_sigmaI        ? 
_reflns.B_iso_Wilson_estimate        ? 
_reflns.pdbx_redundancy              4.5 
_reflns.pdbx_ordinal                 1 
_reflns.pdbx_diffrn_id               1 
# 
_reflns_shell.d_res_high             1.4 
_reflns_shell.d_res_low              ? 
_reflns_shell.percent_possible_all   ? 
_reflns_shell.Rmerge_I_obs           ? 
_reflns_shell.pdbx_Rsym_value        0.2590000 
_reflns_shell.meanI_over_sigI_obs    ? 
_reflns_shell.pdbx_redundancy        ? 
_reflns_shell.pdbx_ordinal           1 
_reflns_shell.pdbx_diffrn_id         1 
# 
_refine.entry_id                                 1KPF 
_refine.ls_number_reflns_obs                     32145 
_refine.ls_number_reflns_all                     ? 
_refine.pdbx_ls_sigma_I                          ? 
_refine.pdbx_ls_sigma_F                          2. 
_refine.pdbx_data_cutoff_high_absF               100000. 
_refine.pdbx_data_cutoff_low_absF                0.1 
_refine.pdbx_data_cutoff_high_rms_absF           ? 
_refine.ls_d_res_low                             8. 
_refine.ls_d_res_high                            1.5 
_refine.ls_percent_reflns_obs                    89.5 
_refine.ls_R_factor_obs                          0.2090000 
_refine.ls_R_factor_all                          ? 
_refine.ls_R_factor_R_work                       0.2090000 
_refine.ls_R_factor_R_free                       0.2400000 
_refine.ls_R_factor_R_free_error                 ? 
_refine.ls_R_factor_R_free_error_details         ? 
_refine.ls_percent_reflns_R_free                 5.00 
_refine.ls_number_reflns_R_free                  ? 
_refine.ls_number_parameters                     ? 
_refine.ls_number_restraints                     ? 
_refine.occupancy_min                            ? 
_refine.occupancy_max                            ? 
_refine.B_iso_mean                               12.1 
_refine.aniso_B[1][1]                            ? 
_refine.aniso_B[2][2]                            ? 
_refine.aniso_B[3][3]                            ? 
_refine.aniso_B[1][2]                            ? 
_refine.aniso_B[1][3]                            ? 
_refine.aniso_B[2][3]                            ? 
_refine.solvent_model_details                    ? 
_refine.solvent_model_param_ksol                 ? 
_refine.solvent_model_param_bsol                 ? 
_refine.pdbx_ls_cross_valid_method               ? 
_refine.details                                  ? 
_refine.pdbx_starting_model                      ? 
_refine.pdbx_method_to_determine_struct          ? 
_refine.pdbx_isotropic_thermal_model             ? 
_refine.pdbx_stereochemistry_target_values       ? 
_refine.pdbx_stereochem_target_val_spec_case     ? 
_refine.pdbx_R_Free_selection_details            ? 
_refine.pdbx_overall_ESU_R                       ? 
_refine.pdbx_overall_ESU_R_Free                  ? 
_refine.overall_SU_ML                            ? 
_refine.overall_SU_B                             ? 
_refine.pdbx_refine_id                           'X-RAY DIFFRACTION' 
_refine.pdbx_diffrn_id                           1 
_refine.pdbx_TLS_residual_ADP_flag               ? 
_refine.correlation_coeff_Fo_to_Fc               ? 
_refine.correlation_coeff_Fo_to_Fc_free          ? 
_refine.pdbx_solvent_vdw_probe_radii             ? 
_refine.pdbx_solvent_ion_probe_radii             ? 
_refine.pdbx_solvent_shrinkage_radii             ? 
_refine.pdbx_overall_phase_error                 ? 
_refine.overall_SU_R_Cruickshank_DPI             ? 
_refine.pdbx_overall_SU_R_free_Cruickshank_DPI   ? 
_refine.pdbx_overall_SU_R_Blow_DPI               ? 
_refine.pdbx_overall_SU_R_free_Blow_DPI          ? 
# 
_refine_hist.pdbx_refine_id                   'X-RAY DIFFRACTION' 
_refine_hist.cycle_id                         LAST 
_refine_hist.pdbx_number_atoms_protein        866 
_refine_hist.pdbx_number_atoms_nucleic_acid   0 
_refine_hist.pdbx_number_atoms_ligand         23 
_refine_hist.number_atoms_solvent             174 
_refine_hist.number_atoms_total               1063 
_refine_hist.d_res_high                       1.5 
_refine_hist.d_res_low                        8. 
# 
loop_
_refine_ls_restr.type 
_refine_ls_restr.dev_ideal 
_refine_ls_restr.dev_ideal_target 
_refine_ls_restr.weight 
_refine_ls_restr.number 
_refine_ls_restr.pdbx_refine_id 
_refine_ls_restr.pdbx_restraint_function 
x_bond_d                0.020 ? ? ? 'X-RAY DIFFRACTION' ? 
x_bond_d_na             ?     ? ? ? 'X-RAY DIFFRACTION' ? 
x_bond_d_prot           ?     ? ? ? 'X-RAY DIFFRACTION' ? 
x_angle_d               ?     ? ? ? 'X-RAY DIFFRACTION' ? 
x_angle_d_na            ?     ? ? ? 'X-RAY DIFFRACTION' ? 
x_angle_d_prot          ?     ? ? ? 'X-RAY DIFFRACTION' ? 
x_angle_deg             1.906 ? ? ? 'X-RAY DIFFRACTION' ? 
x_angle_deg_na          ?     ? ? ? 'X-RAY DIFFRACTION' ? 
x_angle_deg_prot        ?     ? ? ? 'X-RAY DIFFRACTION' ? 
x_dihedral_angle_d      24.80 ? ? ? 'X-RAY DIFFRACTION' ? 
x_dihedral_angle_d_na   ?     ? ? ? 'X-RAY DIFFRACTION' ? 
x_dihedral_angle_d_prot ?     ? ? ? 'X-RAY DIFFRACTION' ? 
x_improper_angle_d      1.599 ? ? ? 'X-RAY DIFFRACTION' ? 
x_improper_angle_d_na   ?     ? ? ? 'X-RAY DIFFRACTION' ? 
x_improper_angle_d_prot ?     ? ? ? 'X-RAY DIFFRACTION' ? 
x_mcbond_it             ?     ? ? ? 'X-RAY DIFFRACTION' ? 
x_mcangle_it            ?     ? ? ? 'X-RAY DIFFRACTION' ? 
x_scbond_it             ?     ? ? ? 'X-RAY DIFFRACTION' ? 
x_scangle_it            ?     ? ? ? 'X-RAY DIFFRACTION' ? 
# 
_struct.entry_id                  1KPF 
_struct.title                     'PKCI-SUBSTRATE ANALOG' 
_struct.pdbx_model_details        ? 
_struct.pdbx_CASP_flag            ? 
_struct.pdbx_model_type_details   ? 
# 
_struct_keywords.entry_id        1KPF 
_struct_keywords.pdbx_keywords   'PROTEIN KINASE INHIBITOR' 
_struct_keywords.text            
;PROTEIN KINASE INHIBITOR, PKCI-1, HIT PROTEIN FAMILY, HISTIDINE TRIAD PROTEIN FAMILY, NUCLEOTIDYL HYDROLASE, NUCLEOTIDYL TRANSFERASE
;
# 
loop_
_struct_asym.id 
_struct_asym.pdbx_blank_PDB_chainid_flag 
_struct_asym.pdbx_modified 
_struct_asym.entity_id 
_struct_asym.details 
A N N 1 ? 
B N N 2 ? 
C N N 3 ? 
# 
_struct_ref.id                         1 
_struct_ref.db_name                    UNP 
_struct_ref.db_code                    HINT1_HUMAN 
_struct_ref.entity_id                  1 
_struct_ref.pdbx_db_accession          P49773 
_struct_ref.pdbx_align_begin           1 
_struct_ref.pdbx_seq_one_letter_code   
;ADEIAKAQVARPGGDTIFGKIIRKEIPAKIIFEDDRCLAFHDISPQAPTHFLVIPKKHISQISVAEDDDESLLGHLMIVG
KKCAADLGLNKGYRMVVNEGSDGGQSVYHVHLHVLGGRQMHWPPG
;
_struct_ref.pdbx_db_isoform            ? 
# 
_struct_ref_seq.align_id                      1 
_struct_ref_seq.ref_id                        1 
_struct_ref_seq.pdbx_PDB_id_code              1KPF 
_struct_ref_seq.pdbx_strand_id                A 
_struct_ref_seq.seq_align_beg                 2 
_struct_ref_seq.pdbx_seq_align_beg_ins_code   ? 
_struct_ref_seq.seq_align_end                 126 
_struct_ref_seq.pdbx_seq_align_end_ins_code   ? 
_struct_ref_seq.pdbx_db_accession             P49773 
_struct_ref_seq.db_align_beg                  1 
_struct_ref_seq.pdbx_db_align_beg_ins_code    ? 
_struct_ref_seq.db_align_end                  125 
_struct_ref_seq.pdbx_db_align_end_ins_code    ? 
_struct_ref_seq.pdbx_auth_seq_align_beg       2 
_struct_ref_seq.pdbx_auth_seq_align_end       126 
# 
_pdbx_struct_assembly.id                   1 
_pdbx_struct_assembly.details              author_and_software_defined_assembly 
_pdbx_struct_assembly.method_details       PISA,PQS 
_pdbx_struct_assembly.oligomeric_details   dimeric 
_pdbx_struct_assembly.oligomeric_count     2 
# 
loop_
_pdbx_struct_assembly_prop.biol_id 
_pdbx_struct_assembly_prop.type 
_pdbx_struct_assembly_prop.value 
_pdbx_struct_assembly_prop.details 
1 'ABSA (A^2)' 5010 ? 
1 MORE         -34  ? 
1 'SSA (A^2)'  9620 ? 
# 
_pdbx_struct_assembly_gen.assembly_id       1 
_pdbx_struct_assembly_gen.oper_expression   1,2 
_pdbx_struct_assembly_gen.asym_id_list      A,B,C 
# 
loop_
_pdbx_struct_oper_list.id 
_pdbx_struct_oper_list.type 
_pdbx_struct_oper_list.name 
_pdbx_struct_oper_list.symmetry_operation 
_pdbx_struct_oper_list.matrix[1][1] 
_pdbx_struct_oper_list.matrix[1][2] 
_pdbx_struct_oper_list.matrix[1][3] 
_pdbx_struct_oper_list.vector[1] 
_pdbx_struct_oper_list.matrix[2][1] 
_pdbx_struct_oper_list.matrix[2][2] 
_pdbx_struct_oper_list.matrix[2][3] 
_pdbx_struct_oper_list.vector[2] 
_pdbx_struct_oper_list.matrix[3][1] 
_pdbx_struct_oper_list.matrix[3][2] 
_pdbx_struct_oper_list.matrix[3][3] 
_pdbx_struct_oper_list.vector[3] 
1 'identity operation'         1_555 x,y,z  1.0000000000  0.0000000000 0.0000000000 0.0000000000   0.0000000000 1.0000000000  0.0000000000 0.0000000000   0.0000000000 0.0000000000 1.0000000000 0.0000000000 
2 'crystal symmetry operation' 7_555 y,x,-z -0.6633492801 0.0213751554 0.7480045690 -13.0964086464 0.0213751554 -0.9986428151 0.0474934789 -10.7260857043 0.7480045690 0.0474934789 0.6619920952 6.2007470795 
# 
_struct_biol.id   1 
# 
loop_
_struct_conf.conf_type_id 
_struct_conf.id 
_struct_conf.pdbx_PDB_helix_id 
_struct_conf.beg_label_comp_id 
_struct_conf.beg_label_asym_id 
_struct_conf.beg_label_seq_id 
_struct_conf.pdbx_beg_PDB_ins_code 
_struct_conf.end_label_comp_id 
_struct_conf.end_label_asym_id 
_struct_conf.end_label_seq_id 
_struct_conf.pdbx_end_PDB_ins_code 
_struct_conf.beg_auth_comp_id 
_struct_conf.beg_auth_asym_id 
_struct_conf.beg_auth_seq_id 
_struct_conf.end_auth_comp_id 
_struct_conf.end_auth_asym_id 
_struct_conf.end_auth_seq_id 
_struct_conf.pdbx_PDB_helix_class 
_struct_conf.details 
_struct_conf.pdbx_PDB_helix_length 
HELX_P HELX_P1 1 ILE A 18  ? ILE A 23  ? ILE A 18  ILE A 23  1 ? 6  
HELX_P HELX_P2 2 ILE A 63  ? VAL A 65  ? ILE A 63  VAL A 65  5 ? 3  
HELX_P HELX_P3 3 ASP A 68  ? ASP A 87  ? ASP A 68  ASP A 87  5 ? 20 
HELX_P HELX_P4 4 GLY A 101 ? GLY A 104 ? GLY A 101 GLY A 104 1 ? 4  
# 
_struct_conf_type.id          HELX_P 
_struct_conf_type.criteria    ? 
_struct_conf_type.reference   ? 
# 
_struct_mon_prot_cis.pdbx_id                1 
_struct_mon_prot_cis.label_comp_id          TRP 
_struct_mon_prot_cis.label_seq_id           123 
_struct_mon_prot_cis.label_asym_id          A 
_struct_mon_prot_cis.label_alt_id           . 
_struct_mon_prot_cis.pdbx_PDB_ins_code      ? 
_struct_mon_prot_cis.auth_comp_id           TRP 
_struct_mon_prot_cis.auth_seq_id            123 
_struct_mon_prot_cis.auth_asym_id           A 
_struct_mon_prot_cis.pdbx_label_comp_id_2   PRO 
_struct_mon_prot_cis.pdbx_label_seq_id_2    124 
_struct_mon_prot_cis.pdbx_label_asym_id_2   A 
_struct_mon_prot_cis.pdbx_PDB_ins_code_2    ? 
_struct_mon_prot_cis.pdbx_auth_comp_id_2    PRO 
_struct_mon_prot_cis.pdbx_auth_seq_id_2     124 
_struct_mon_prot_cis.pdbx_auth_asym_id_2    A 
_struct_mon_prot_cis.pdbx_PDB_model_num     1 
_struct_mon_prot_cis.pdbx_omega_angle       0.60 
# 
_struct_sheet.id               A 
_struct_sheet.type             ? 
_struct_sheet.number_strands   5 
_struct_sheet.details          ? 
# 
loop_
_struct_sheet_order.sheet_id 
_struct_sheet_order.range_id_1 
_struct_sheet_order.range_id_2 
_struct_sheet_order.offset 
_struct_sheet_order.sense 
A 1 2 ? anti-parallel 
A 2 3 ? anti-parallel 
A 3 4 ? anti-parallel 
A 4 5 ? anti-parallel 
# 
loop_
_struct_sheet_range.sheet_id 
_struct_sheet_range.id 
_struct_sheet_range.beg_label_comp_id 
_struct_sheet_range.beg_label_asym_id 
_struct_sheet_range.beg_label_seq_id 
_struct_sheet_range.pdbx_beg_PDB_ins_code 
_struct_sheet_range.end_label_comp_id 
_struct_sheet_range.end_label_asym_id 
_struct_sheet_range.end_label_seq_id 
_struct_sheet_range.pdbx_end_PDB_ins_code 
_struct_sheet_range.beg_auth_comp_id 
_struct_sheet_range.beg_auth_asym_id 
_struct_sheet_range.beg_auth_seq_id 
_struct_sheet_range.end_auth_comp_id 
_struct_sheet_range.end_auth_asym_id 
_struct_sheet_range.end_auth_seq_id 
A 1 TYR A 94  ? VAL A 97  ? TYR A 94  VAL A 97  
A 2 HIS A 112 ? GLY A 117 ? HIS A 112 GLY A 117 
A 3 THR A 50  ? PRO A 56  ? THR A 50  PRO A 56  
A 4 CYS A 38  ? HIS A 42  ? CYS A 38  HIS A 42  
A 5 ILE A 31  ? GLU A 34  ? ILE A 31  GLU A 34  
# 
loop_
_pdbx_struct_sheet_hbond.sheet_id 
_pdbx_struct_sheet_hbond.range_id_1 
_pdbx_struct_sheet_hbond.range_id_2 
_pdbx_struct_sheet_hbond.range_1_label_atom_id 
_pdbx_struct_sheet_hbond.range_1_label_comp_id 
_pdbx_struct_sheet_hbond.range_1_label_asym_id 
_pdbx_struct_sheet_hbond.range_1_label_seq_id 
_pdbx_struct_sheet_hbond.range_1_PDB_ins_code 
_pdbx_struct_sheet_hbond.range_1_auth_atom_id 
_pdbx_struct_sheet_hbond.range_1_auth_comp_id 
_pdbx_struct_sheet_hbond.range_1_auth_asym_id 
_pdbx_struct_sheet_hbond.range_1_auth_seq_id 
_pdbx_struct_sheet_hbond.range_2_label_atom_id 
_pdbx_struct_sheet_hbond.range_2_label_comp_id 
_pdbx_struct_sheet_hbond.range_2_label_asym_id 
_pdbx_struct_sheet_hbond.range_2_label_seq_id 
_pdbx_struct_sheet_hbond.range_2_PDB_ins_code 
_pdbx_struct_sheet_hbond.range_2_auth_atom_id 
_pdbx_struct_sheet_hbond.range_2_auth_comp_id 
_pdbx_struct_sheet_hbond.range_2_auth_asym_id 
_pdbx_struct_sheet_hbond.range_2_auth_seq_id 
A 1 2 O ARG A 95  ? O ARG A 95  N LEU A 116 ? N LEU A 116 
A 2 3 O LEU A 113 ? O LEU A 113 N VAL A 54  ? N VAL A 54  
A 3 4 O LEU A 53  ? O LEU A 53  N PHE A 41  ? N PHE A 41  
A 4 5 O ALA A 40  ? O ALA A 40  N PHE A 33  ? N PHE A 33  
# 
loop_
_struct_site.id 
_struct_site.pdbx_evidence_code 
_struct_site.pdbx_auth_asym_id 
_struct_site.pdbx_auth_comp_id 
_struct_site.pdbx_auth_seq_id 
_struct_site.pdbx_auth_ins_code 
_struct_site.pdbx_num_residues 
_struct_site.details 
HNE Unknown  ? ?   ?   ? 3  'HISTIDINE TRIAD FOR WHICH THIS FAMILY WAS NAMED.' 
AVE Unknown  ? ?   ?   ? 1  
'ACTIVE SITE HISTIDINE RESPONSIBLE FOR FORMING THE TRANSIENT NUCLEOTIDYL PHOSPHOHISTIDYL ENZYME INTERMEDIATE DURING CATALYSIS.' 
AC1 Software A AMP 200 ? 20 'BINDING SITE FOR RESIDUE AMP A 200' 
# 
loop_
_struct_site_gen.id 
_struct_site_gen.site_id 
_struct_site_gen.pdbx_num_res 
_struct_site_gen.label_comp_id 
_struct_site_gen.label_asym_id 
_struct_site_gen.label_seq_id 
_struct_site_gen.pdbx_auth_ins_code 
_struct_site_gen.auth_comp_id 
_struct_site_gen.auth_asym_id 
_struct_site_gen.auth_seq_id 
_struct_site_gen.label_atom_id 
_struct_site_gen.label_alt_id 
_struct_site_gen.symmetry 
_struct_site_gen.details 
1  HNE 3  HIS A 51  ? HIS A 51  . ? 1_555 ? 
2  HNE 3  HIS A 112 ? HIS A 112 . ? 1_555 ? 
3  HNE 3  HIS A 114 ? HIS A 114 . ? 1_555 ? 
4  AVE 1  HIS A 112 ? HIS A 112 . ? 1_555 ? 
5  AC1 20 PHE A 19  ? PHE A 19  . ? 1_555 ? 
6  AC1 20 LYS A 25  ? LYS A 25  . ? 6_555 ? 
7  AC1 20 GLU A 34  ? GLU A 34  . ? 6_555 ? 
8  AC1 20 HIS A 42  ? HIS A 42  . ? 1_555 ? 
9  AC1 20 ASP A 43  ? ASP A 43  . ? 1_555 ? 
10 AC1 20 ILE A 44  ? ILE A 44  . ? 1_555 ? 
11 AC1 20 SER A 45  ? SER A 45  . ? 1_555 ? 
12 AC1 20 LEU A 53  ? LEU A 53  . ? 1_555 ? 
13 AC1 20 ASN A 99  ? ASN A 99  . ? 1_555 ? 
14 AC1 20 GLY A 105 ? GLY A 105 . ? 1_555 ? 
15 AC1 20 GLN A 106 ? GLN A 106 . ? 1_555 ? 
16 AC1 20 SER A 107 ? SER A 107 . ? 1_555 ? 
17 AC1 20 VAL A 108 ? VAL A 108 . ? 1_555 ? 
18 AC1 20 HIS A 112 ? HIS A 112 . ? 1_555 ? 
19 AC1 20 HIS A 114 ? HIS A 114 . ? 1_555 ? 
20 AC1 20 HOH C .   ? HOH A 203 . ? 7_555 ? 
21 AC1 20 HOH C .   ? HOH A 209 . ? 1_555 ? 
22 AC1 20 HOH C .   ? HOH A 214 . ? 1_555 ? 
23 AC1 20 HOH C .   ? HOH A 219 . ? 1_555 ? 
24 AC1 20 HOH C .   ? HOH A 333 . ? 1_555 ? 
# 
_pdbx_entry_details.entry_id                   1KPF 
_pdbx_entry_details.compound_details           ? 
_pdbx_entry_details.source_details             ? 
_pdbx_entry_details.nonpolymer_details         
;THE PRODUCT ANALOG (AMP) WAS COCRYSTALLIZED WITH THE
PROTEIN.

THE AMP STRUCTURE REPORTED HERE REPRESENTS A PRODUCT ANALOG
FOR PKCI IN THE CHARACTERIZED REACTION WITH ADP AS
SUBSTRATE.
;
_pdbx_entry_details.sequence_details           ? 
_pdbx_entry_details.has_ligand_of_interest     ? 
_pdbx_entry_details.has_protein_modification   N 
# 
_pdbx_validate_rmsd_angle.id                         1 
_pdbx_validate_rmsd_angle.PDB_model_num              1 
_pdbx_validate_rmsd_angle.auth_atom_id_1             CB 
_pdbx_validate_rmsd_angle.auth_asym_id_1             A 
_pdbx_validate_rmsd_angle.auth_comp_id_1             ASP 
_pdbx_validate_rmsd_angle.auth_seq_id_1              69 
_pdbx_validate_rmsd_angle.PDB_ins_code_1             ? 
_pdbx_validate_rmsd_angle.label_alt_id_1             ? 
_pdbx_validate_rmsd_angle.auth_atom_id_2             CG 
_pdbx_validate_rmsd_angle.auth_asym_id_2             A 
_pdbx_validate_rmsd_angle.auth_comp_id_2             ASP 
_pdbx_validate_rmsd_angle.auth_seq_id_2              69 
_pdbx_validate_rmsd_angle.PDB_ins_code_2             ? 
_pdbx_validate_rmsd_angle.label_alt_id_2             ? 
_pdbx_validate_rmsd_angle.auth_atom_id_3             OD2 
_pdbx_validate_rmsd_angle.auth_asym_id_3             A 
_pdbx_validate_rmsd_angle.auth_comp_id_3             ASP 
_pdbx_validate_rmsd_angle.auth_seq_id_3              69 
_pdbx_validate_rmsd_angle.PDB_ins_code_3             ? 
_pdbx_validate_rmsd_angle.label_alt_id_3             ? 
_pdbx_validate_rmsd_angle.angle_value                112.33 
_pdbx_validate_rmsd_angle.angle_target_value         118.30 
_pdbx_validate_rmsd_angle.angle_deviation            -5.97 
_pdbx_validate_rmsd_angle.angle_standard_deviation   0.90 
_pdbx_validate_rmsd_angle.linker_flag                N 
# 
_pdbx_validate_torsion.id              1 
_pdbx_validate_torsion.PDB_model_num   1 
_pdbx_validate_torsion.auth_comp_id    ALA 
_pdbx_validate_torsion.auth_asym_id    A 
_pdbx_validate_torsion.auth_seq_id     29 
_pdbx_validate_torsion.PDB_ins_code    ? 
_pdbx_validate_torsion.label_alt_id    ? 
_pdbx_validate_torsion.phi             -172.02 
_pdbx_validate_torsion.psi             129.21 
# 
loop_
_pdbx_unobs_or_zero_occ_residues.id 
_pdbx_unobs_or_zero_occ_residues.PDB_model_num 
_pdbx_unobs_or_zero_occ_residues.polymer_flag 
_pdbx_unobs_or_zero_occ_residues.occupancy_flag 
_pdbx_unobs_or_zero_occ_residues.auth_asym_id 
_pdbx_unobs_or_zero_occ_residues.auth_comp_id 
_pdbx_unobs_or_zero_occ_residues.auth_seq_id 
_pdbx_unobs_or_zero_occ_residues.PDB_ins_code 
_pdbx_unobs_or_zero_occ_residues.label_asym_id 
_pdbx_unobs_or_zero_occ_residues.label_comp_id 
_pdbx_unobs_or_zero_occ_residues.label_seq_id 
1  1 Y 1 A ACE 1   ? A ACE 1  
2  1 Y 1 A ALA 2   ? A ALA 2  
3  1 Y 1 A ASP 3   ? A ASP 3  
4  1 Y 1 A GLU 4   ? A GLU 4  
5  1 Y 1 A ILE 5   ? A ILE 5  
6  1 Y 1 A ALA 6   ? A ALA 6  
7  1 Y 1 A LYS 7   ? A LYS 7  
8  1 Y 1 A ALA 8   ? A ALA 8  
9  1 Y 1 A GLN 9   ? A GLN 9  
10 1 Y 1 A VAL 10  ? A VAL 10 
11 1 Y 1 A ALA 11  ? A ALA 11 
12 1 Y 1 A ARG 12  ? A ARG 12 
13 1 Y 1 A PRO 13  ? A PRO 13 
14 1 Y 1 A GLY 14  ? A GLY 14 
15 1 Y 1 A GLY 15  ? A GLY 15 
16 1 N 0 A HOH 354 ? C HOH ?  
# 
loop_
_chem_comp_atom.comp_id 
_chem_comp_atom.atom_id 
_chem_comp_atom.type_symbol 
_chem_comp_atom.pdbx_aromatic_flag 
_chem_comp_atom.pdbx_stereo_config 
_chem_comp_atom.pdbx_ordinal 
ACE C      C N N 1   
ACE O      O N N 2   
ACE CH3    C N N 3   
ACE H      H N N 4   
ACE H1     H N N 5   
ACE H2     H N N 6   
ACE H3     H N N 7   
ALA N      N N N 8   
ALA CA     C N S 9   
ALA C      C N N 10  
ALA O      O N N 11  
ALA CB     C N N 12  
ALA OXT    O N N 13  
ALA H      H N N 14  
ALA H2     H N N 15  
ALA HA     H N N 16  
ALA HB1    H N N 17  
ALA HB2    H N N 18  
ALA HB3    H N N 19  
ALA HXT    H N N 20  
AMP P      P N N 21  
AMP O1P    O N N 22  
AMP O2P    O N N 23  
AMP O3P    O N N 24  
AMP "O5'"  O N N 25  
AMP "C5'"  C N N 26  
AMP "C4'"  C N R 27  
AMP "O4'"  O N N 28  
AMP "C3'"  C N S 29  
AMP "O3'"  O N N 30  
AMP "C2'"  C N R 31  
AMP "O2'"  O N N 32  
AMP "C1'"  C N R 33  
AMP N9     N Y N 34  
AMP C8     C Y N 35  
AMP N7     N Y N 36  
AMP C5     C Y N 37  
AMP C6     C Y N 38  
AMP N6     N N N 39  
AMP N1     N Y N 40  
AMP C2     C Y N 41  
AMP N3     N Y N 42  
AMP C4     C Y N 43  
AMP HOP2   H N N 44  
AMP HOP3   H N N 45  
AMP "H5'1" H N N 46  
AMP "H5'2" H N N 47  
AMP "H4'"  H N N 48  
AMP "H3'"  H N N 49  
AMP "HO3'" H N N 50  
AMP "H2'"  H N N 51  
AMP "HO2'" H N N 52  
AMP "H1'"  H N N 53  
AMP H8     H N N 54  
AMP HN61   H N N 55  
AMP HN62   H N N 56  
AMP H2     H N N 57  
ARG N      N N N 58  
ARG CA     C N S 59  
ARG C      C N N 60  
ARG O      O N N 61  
ARG CB     C N N 62  
ARG CG     C N N 63  
ARG CD     C N N 64  
ARG NE     N N N 65  
ARG CZ     C N N 66  
ARG NH1    N N N 67  
ARG NH2    N N N 68  
ARG OXT    O N N 69  
ARG H      H N N 70  
ARG H2     H N N 71  
ARG HA     H N N 72  
ARG HB2    H N N 73  
ARG HB3    H N N 74  
ARG HG2    H N N 75  
ARG HG3    H N N 76  
ARG HD2    H N N 77  
ARG HD3    H N N 78  
ARG HE     H N N 79  
ARG HH11   H N N 80  
ARG HH12   H N N 81  
ARG HH21   H N N 82  
ARG HH22   H N N 83  
ARG HXT    H N N 84  
ASN N      N N N 85  
ASN CA     C N S 86  
ASN C      C N N 87  
ASN O      O N N 88  
ASN CB     C N N 89  
ASN CG     C N N 90  
ASN OD1    O N N 91  
ASN ND2    N N N 92  
ASN OXT    O N N 93  
ASN H      H N N 94  
ASN H2     H N N 95  
ASN HA     H N N 96  
ASN HB2    H N N 97  
ASN HB3    H N N 98  
ASN HD21   H N N 99  
ASN HD22   H N N 100 
ASN HXT    H N N 101 
ASP N      N N N 102 
ASP CA     C N S 103 
ASP C      C N N 104 
ASP O      O N N 105 
ASP CB     C N N 106 
ASP CG     C N N 107 
ASP OD1    O N N 108 
ASP OD2    O N N 109 
ASP OXT    O N N 110 
ASP H      H N N 111 
ASP H2     H N N 112 
ASP HA     H N N 113 
ASP HB2    H N N 114 
ASP HB3    H N N 115 
ASP HD2    H N N 116 
ASP HXT    H N N 117 
CYS N      N N N 118 
CYS CA     C N R 119 
CYS C      C N N 120 
CYS O      O N N 121 
CYS CB     C N N 122 
CYS SG     S N N 123 
CYS OXT    O N N 124 
CYS H      H N N 125 
CYS H2     H N N 126 
CYS HA     H N N 127 
CYS HB2    H N N 128 
CYS HB3    H N N 129 
CYS HG     H N N 130 
CYS HXT    H N N 131 
GLN N      N N N 132 
GLN CA     C N S 133 
GLN C      C N N 134 
GLN O      O N N 135 
GLN CB     C N N 136 
GLN CG     C N N 137 
GLN CD     C N N 138 
GLN OE1    O N N 139 
GLN NE2    N N N 140 
GLN OXT    O N N 141 
GLN H      H N N 142 
GLN H2     H N N 143 
GLN HA     H N N 144 
GLN HB2    H N N 145 
GLN HB3    H N N 146 
GLN HG2    H N N 147 
GLN HG3    H N N 148 
GLN HE21   H N N 149 
GLN HE22   H N N 150 
GLN HXT    H N N 151 
GLU N      N N N 152 
GLU CA     C N S 153 
GLU C      C N N 154 
GLU O      O N N 155 
GLU CB     C N N 156 
GLU CG     C N N 157 
GLU CD     C N N 158 
GLU OE1    O N N 159 
GLU OE2    O N N 160 
GLU OXT    O N N 161 
GLU H      H N N 162 
GLU H2     H N N 163 
GLU HA     H N N 164 
GLU HB2    H N N 165 
GLU HB3    H N N 166 
GLU HG2    H N N 167 
GLU HG3    H N N 168 
GLU HE2    H N N 169 
GLU HXT    H N N 170 
GLY N      N N N 171 
GLY CA     C N N 172 
GLY C      C N N 173 
GLY O      O N N 174 
GLY OXT    O N N 175 
GLY H      H N N 176 
GLY H2     H N N 177 
GLY HA2    H N N 178 
GLY HA3    H N N 179 
GLY HXT    H N N 180 
HIS N      N N N 181 
HIS CA     C N S 182 
HIS C      C N N 183 
HIS O      O N N 184 
HIS CB     C N N 185 
HIS CG     C Y N 186 
HIS ND1    N Y N 187 
HIS CD2    C Y N 188 
HIS CE1    C Y N 189 
HIS NE2    N Y N 190 
HIS OXT    O N N 191 
HIS H      H N N 192 
HIS H2     H N N 193 
HIS HA     H N N 194 
HIS HB2    H N N 195 
HIS HB3    H N N 196 
HIS HD1    H N N 197 
HIS HD2    H N N 198 
HIS HE1    H N N 199 
HIS HE2    H N N 200 
HIS HXT    H N N 201 
HOH O      O N N 202 
HOH H1     H N N 203 
HOH H2     H N N 204 
ILE N      N N N 205 
ILE CA     C N S 206 
ILE C      C N N 207 
ILE O      O N N 208 
ILE CB     C N S 209 
ILE CG1    C N N 210 
ILE CG2    C N N 211 
ILE CD1    C N N 212 
ILE OXT    O N N 213 
ILE H      H N N 214 
ILE H2     H N N 215 
ILE HA     H N N 216 
ILE HB     H N N 217 
ILE HG12   H N N 218 
ILE HG13   H N N 219 
ILE HG21   H N N 220 
ILE HG22   H N N 221 
ILE HG23   H N N 222 
ILE HD11   H N N 223 
ILE HD12   H N N 224 
ILE HD13   H N N 225 
ILE HXT    H N N 226 
LEU N      N N N 227 
LEU CA     C N S 228 
LEU C      C N N 229 
LEU O      O N N 230 
LEU CB     C N N 231 
LEU CG     C N N 232 
LEU CD1    C N N 233 
LEU CD2    C N N 234 
LEU OXT    O N N 235 
LEU H      H N N 236 
LEU H2     H N N 237 
LEU HA     H N N 238 
LEU HB2    H N N 239 
LEU HB3    H N N 240 
LEU HG     H N N 241 
LEU HD11   H N N 242 
LEU HD12   H N N 243 
LEU HD13   H N N 244 
LEU HD21   H N N 245 
LEU HD22   H N N 246 
LEU HD23   H N N 247 
LEU HXT    H N N 248 
LYS N      N N N 249 
LYS CA     C N S 250 
LYS C      C N N 251 
LYS O      O N N 252 
LYS CB     C N N 253 
LYS CG     C N N 254 
LYS CD     C N N 255 
LYS CE     C N N 256 
LYS NZ     N N N 257 
LYS OXT    O N N 258 
LYS H      H N N 259 
LYS H2     H N N 260 
LYS HA     H N N 261 
LYS HB2    H N N 262 
LYS HB3    H N N 263 
LYS HG2    H N N 264 
LYS HG3    H N N 265 
LYS HD2    H N N 266 
LYS HD3    H N N 267 
LYS HE2    H N N 268 
LYS HE3    H N N 269 
LYS HZ1    H N N 270 
LYS HZ2    H N N 271 
LYS HZ3    H N N 272 
LYS HXT    H N N 273 
MET N      N N N 274 
MET CA     C N S 275 
MET C      C N N 276 
MET O      O N N 277 
MET CB     C N N 278 
MET CG     C N N 279 
MET SD     S N N 280 
MET CE     C N N 281 
MET OXT    O N N 282 
MET H      H N N 283 
MET H2     H N N 284 
MET HA     H N N 285 
MET HB2    H N N 286 
MET HB3    H N N 287 
MET HG2    H N N 288 
MET HG3    H N N 289 
MET HE1    H N N 290 
MET HE2    H N N 291 
MET HE3    H N N 292 
MET HXT    H N N 293 
PHE N      N N N 294 
PHE CA     C N S 295 
PHE C      C N N 296 
PHE O      O N N 297 
PHE CB     C N N 298 
PHE CG     C Y N 299 
PHE CD1    C Y N 300 
PHE CD2    C Y N 301 
PHE CE1    C Y N 302 
PHE CE2    C Y N 303 
PHE CZ     C Y N 304 
PHE OXT    O N N 305 
PHE H      H N N 306 
PHE H2     H N N 307 
PHE HA     H N N 308 
PHE HB2    H N N 309 
PHE HB3    H N N 310 
PHE HD1    H N N 311 
PHE HD2    H N N 312 
PHE HE1    H N N 313 
PHE HE2    H N N 314 
PHE HZ     H N N 315 
PHE HXT    H N N 316 
PRO N      N N N 317 
PRO CA     C N S 318 
PRO C      C N N 319 
PRO O      O N N 320 
PRO CB     C N N 321 
PRO CG     C N N 322 
PRO CD     C N N 323 
PRO OXT    O N N 324 
PRO H      H N N 325 
PRO HA     H N N 326 
PRO HB2    H N N 327 
PRO HB3    H N N 328 
PRO HG2    H N N 329 
PRO HG3    H N N 330 
PRO HD2    H N N 331 
PRO HD3    H N N 332 
PRO HXT    H N N 333 
SER N      N N N 334 
SER CA     C N S 335 
SER C      C N N 336 
SER O      O N N 337 
SER CB     C N N 338 
SER OG     O N N 339 
SER OXT    O N N 340 
SER H      H N N 341 
SER H2     H N N 342 
SER HA     H N N 343 
SER HB2    H N N 344 
SER HB3    H N N 345 
SER HG     H N N 346 
SER HXT    H N N 347 
THR N      N N N 348 
THR CA     C N S 349 
THR C      C N N 350 
THR O      O N N 351 
THR CB     C N R 352 
THR OG1    O N N 353 
THR CG2    C N N 354 
THR OXT    O N N 355 
THR H      H N N 356 
THR H2     H N N 357 
THR HA     H N N 358 
THR HB     H N N 359 
THR HG1    H N N 360 
THR HG21   H N N 361 
THR HG22   H N N 362 
THR HG23   H N N 363 
THR HXT    H N N 364 
TRP N      N N N 365 
TRP CA     C N S 366 
TRP C      C N N 367 
TRP O      O N N 368 
TRP CB     C N N 369 
TRP CG     C Y N 370 
TRP CD1    C Y N 371 
TRP CD2    C Y N 372 
TRP NE1    N Y N 373 
TRP CE2    C Y N 374 
TRP CE3    C Y N 375 
TRP CZ2    C Y N 376 
TRP CZ3    C Y N 377 
TRP CH2    C Y N 378 
TRP OXT    O N N 379 
TRP H      H N N 380 
TRP H2     H N N 381 
TRP HA     H N N 382 
TRP HB2    H N N 383 
TRP HB3    H N N 384 
TRP HD1    H N N 385 
TRP HE1    H N N 386 
TRP HE3    H N N 387 
TRP HZ2    H N N 388 
TRP HZ3    H N N 389 
TRP HH2    H N N 390 
TRP HXT    H N N 391 
TYR N      N N N 392 
TYR CA     C N S 393 
TYR C      C N N 394 
TYR O      O N N 395 
TYR CB     C N N 396 
TYR CG     C Y N 397 
TYR CD1    C Y N 398 
TYR CD2    C Y N 399 
TYR CE1    C Y N 400 
TYR CE2    C Y N 401 
TYR CZ     C Y N 402 
TYR OH     O N N 403 
TYR OXT    O N N 404 
TYR H      H N N 405 
TYR H2     H N N 406 
TYR HA     H N N 407 
TYR HB2    H N N 408 
TYR HB3    H N N 409 
TYR HD1    H N N 410 
TYR HD2    H N N 411 
TYR HE1    H N N 412 
TYR HE2    H N N 413 
TYR HH     H N N 414 
TYR HXT    H N N 415 
VAL N      N N N 416 
VAL CA     C N S 417 
VAL C      C N N 418 
VAL O      O N N 419 
VAL CB     C N N 420 
VAL CG1    C N N 421 
VAL CG2    C N N 422 
VAL OXT    O N N 423 
VAL H      H N N 424 
VAL H2     H N N 425 
VAL HA     H N N 426 
VAL HB     H N N 427 
VAL HG11   H N N 428 
VAL HG12   H N N 429 
VAL HG13   H N N 430 
VAL HG21   H N N 431 
VAL HG22   H N N 432 
VAL HG23   H N N 433 
VAL HXT    H N N 434 
# 
loop_
_chem_comp_bond.comp_id 
_chem_comp_bond.atom_id_1 
_chem_comp_bond.atom_id_2 
_chem_comp_bond.value_order 
_chem_comp_bond.pdbx_aromatic_flag 
_chem_comp_bond.pdbx_stereo_config 
_chem_comp_bond.pdbx_ordinal 
ACE C     O      doub N N 1   
ACE C     CH3    sing N N 2   
ACE C     H      sing N N 3   
ACE CH3   H1     sing N N 4   
ACE CH3   H2     sing N N 5   
ACE CH3   H3     sing N N 6   
ALA N     CA     sing N N 7   
ALA N     H      sing N N 8   
ALA N     H2     sing N N 9   
ALA CA    C      sing N N 10  
ALA CA    CB     sing N N 11  
ALA CA    HA     sing N N 12  
ALA C     O      doub N N 13  
ALA C     OXT    sing N N 14  
ALA CB    HB1    sing N N 15  
ALA CB    HB2    sing N N 16  
ALA CB    HB3    sing N N 17  
ALA OXT   HXT    sing N N 18  
AMP P     O1P    doub N N 19  
AMP P     O2P    sing N N 20  
AMP P     O3P    sing N N 21  
AMP P     "O5'"  sing N N 22  
AMP O2P   HOP2   sing N N 23  
AMP O3P   HOP3   sing N N 24  
AMP "O5'" "C5'"  sing N N 25  
AMP "C5'" "C4'"  sing N N 26  
AMP "C5'" "H5'1" sing N N 27  
AMP "C5'" "H5'2" sing N N 28  
AMP "C4'" "O4'"  sing N N 29  
AMP "C4'" "C3'"  sing N N 30  
AMP "C4'" "H4'"  sing N N 31  
AMP "O4'" "C1'"  sing N N 32  
AMP "C3'" "O3'"  sing N N 33  
AMP "C3'" "C2'"  sing N N 34  
AMP "C3'" "H3'"  sing N N 35  
AMP "O3'" "HO3'" sing N N 36  
AMP "C2'" "O2'"  sing N N 37  
AMP "C2'" "C1'"  sing N N 38  
AMP "C2'" "H2'"  sing N N 39  
AMP "O2'" "HO2'" sing N N 40  
AMP "C1'" N9     sing N N 41  
AMP "C1'" "H1'"  sing N N 42  
AMP N9    C8     sing Y N 43  
AMP N9    C4     sing Y N 44  
AMP C8    N7     doub Y N 45  
AMP C8    H8     sing N N 46  
AMP N7    C5     sing Y N 47  
AMP C5    C6     sing Y N 48  
AMP C5    C4     doub Y N 49  
AMP C6    N6     sing N N 50  
AMP C6    N1     doub Y N 51  
AMP N6    HN61   sing N N 52  
AMP N6    HN62   sing N N 53  
AMP N1    C2     sing Y N 54  
AMP C2    N3     doub Y N 55  
AMP C2    H2     sing N N 56  
AMP N3    C4     sing Y N 57  
ARG N     CA     sing N N 58  
ARG N     H      sing N N 59  
ARG N     H2     sing N N 60  
ARG CA    C      sing N N 61  
ARG CA    CB     sing N N 62  
ARG CA    HA     sing N N 63  
ARG C     O      doub N N 64  
ARG C     OXT    sing N N 65  
ARG CB    CG     sing N N 66  
ARG CB    HB2    sing N N 67  
ARG CB    HB3    sing N N 68  
ARG CG    CD     sing N N 69  
ARG CG    HG2    sing N N 70  
ARG CG    HG3    sing N N 71  
ARG CD    NE     sing N N 72  
ARG CD    HD2    sing N N 73  
ARG CD    HD3    sing N N 74  
ARG NE    CZ     sing N N 75  
ARG NE    HE     sing N N 76  
ARG CZ    NH1    sing N N 77  
ARG CZ    NH2    doub N N 78  
ARG NH1   HH11   sing N N 79  
ARG NH1   HH12   sing N N 80  
ARG NH2   HH21   sing N N 81  
ARG NH2   HH22   sing N N 82  
ARG OXT   HXT    sing N N 83  
ASN N     CA     sing N N 84  
ASN N     H      sing N N 85  
ASN N     H2     sing N N 86  
ASN CA    C      sing N N 87  
ASN CA    CB     sing N N 88  
ASN CA    HA     sing N N 89  
ASN C     O      doub N N 90  
ASN C     OXT    sing N N 91  
ASN CB    CG     sing N N 92  
ASN CB    HB2    sing N N 93  
ASN CB    HB3    sing N N 94  
ASN CG    OD1    doub N N 95  
ASN CG    ND2    sing N N 96  
ASN ND2   HD21   sing N N 97  
ASN ND2   HD22   sing N N 98  
ASN OXT   HXT    sing N N 99  
ASP N     CA     sing N N 100 
ASP N     H      sing N N 101 
ASP N     H2     sing N N 102 
ASP CA    C      sing N N 103 
ASP CA    CB     sing N N 104 
ASP CA    HA     sing N N 105 
ASP C     O      doub N N 106 
ASP C     OXT    sing N N 107 
ASP CB    CG     sing N N 108 
ASP CB    HB2    sing N N 109 
ASP CB    HB3    sing N N 110 
ASP CG    OD1    doub N N 111 
ASP CG    OD2    sing N N 112 
ASP OD2   HD2    sing N N 113 
ASP OXT   HXT    sing N N 114 
CYS N     CA     sing N N 115 
CYS N     H      sing N N 116 
CYS N     H2     sing N N 117 
CYS CA    C      sing N N 118 
CYS CA    CB     sing N N 119 
CYS CA    HA     sing N N 120 
CYS C     O      doub N N 121 
CYS C     OXT    sing N N 122 
CYS CB    SG     sing N N 123 
CYS CB    HB2    sing N N 124 
CYS CB    HB3    sing N N 125 
CYS SG    HG     sing N N 126 
CYS OXT   HXT    sing N N 127 
GLN N     CA     sing N N 128 
GLN N     H      sing N N 129 
GLN N     H2     sing N N 130 
GLN CA    C      sing N N 131 
GLN CA    CB     sing N N 132 
GLN CA    HA     sing N N 133 
GLN C     O      doub N N 134 
GLN C     OXT    sing N N 135 
GLN CB    CG     sing N N 136 
GLN CB    HB2    sing N N 137 
GLN CB    HB3    sing N N 138 
GLN CG    CD     sing N N 139 
GLN CG    HG2    sing N N 140 
GLN CG    HG3    sing N N 141 
GLN CD    OE1    doub N N 142 
GLN CD    NE2    sing N N 143 
GLN NE2   HE21   sing N N 144 
GLN NE2   HE22   sing N N 145 
GLN OXT   HXT    sing N N 146 
GLU N     CA     sing N N 147 
GLU N     H      sing N N 148 
GLU N     H2     sing N N 149 
GLU CA    C      sing N N 150 
GLU CA    CB     sing N N 151 
GLU CA    HA     sing N N 152 
GLU C     O      doub N N 153 
GLU C     OXT    sing N N 154 
GLU CB    CG     sing N N 155 
GLU CB    HB2    sing N N 156 
GLU CB    HB3    sing N N 157 
GLU CG    CD     sing N N 158 
GLU CG    HG2    sing N N 159 
GLU CG    HG3    sing N N 160 
GLU CD    OE1    doub N N 161 
GLU CD    OE2    sing N N 162 
GLU OE2   HE2    sing N N 163 
GLU OXT   HXT    sing N N 164 
GLY N     CA     sing N N 165 
GLY N     H      sing N N 166 
GLY N     H2     sing N N 167 
GLY CA    C      sing N N 168 
GLY CA    HA2    sing N N 169 
GLY CA    HA3    sing N N 170 
GLY C     O      doub N N 171 
GLY C     OXT    sing N N 172 
GLY OXT   HXT    sing N N 173 
HIS N     CA     sing N N 174 
HIS N     H      sing N N 175 
HIS N     H2     sing N N 176 
HIS CA    C      sing N N 177 
HIS CA    CB     sing N N 178 
HIS CA    HA     sing N N 179 
HIS C     O      doub N N 180 
HIS C     OXT    sing N N 181 
HIS CB    CG     sing N N 182 
HIS CB    HB2    sing N N 183 
HIS CB    HB3    sing N N 184 
HIS CG    ND1    sing Y N 185 
HIS CG    CD2    doub Y N 186 
HIS ND1   CE1    doub Y N 187 
HIS ND1   HD1    sing N N 188 
HIS CD2   NE2    sing Y N 189 
HIS CD2   HD2    sing N N 190 
HIS CE1   NE2    sing Y N 191 
HIS CE1   HE1    sing N N 192 
HIS NE2   HE2    sing N N 193 
HIS OXT   HXT    sing N N 194 
HOH O     H1     sing N N 195 
HOH O     H2     sing N N 196 
ILE N     CA     sing N N 197 
ILE N     H      sing N N 198 
ILE N     H2     sing N N 199 
ILE CA    C      sing N N 200 
ILE CA    CB     sing N N 201 
ILE CA    HA     sing N N 202 
ILE C     O      doub N N 203 
ILE C     OXT    sing N N 204 
ILE CB    CG1    sing N N 205 
ILE CB    CG2    sing N N 206 
ILE CB    HB     sing N N 207 
ILE CG1   CD1    sing N N 208 
ILE CG1   HG12   sing N N 209 
ILE CG1   HG13   sing N N 210 
ILE CG2   HG21   sing N N 211 
ILE CG2   HG22   sing N N 212 
ILE CG2   HG23   sing N N 213 
ILE CD1   HD11   sing N N 214 
ILE CD1   HD12   sing N N 215 
ILE CD1   HD13   sing N N 216 
ILE OXT   HXT    sing N N 217 
LEU N     CA     sing N N 218 
LEU N     H      sing N N 219 
LEU N     H2     sing N N 220 
LEU CA    C      sing N N 221 
LEU CA    CB     sing N N 222 
LEU CA    HA     sing N N 223 
LEU C     O      doub N N 224 
LEU C     OXT    sing N N 225 
LEU CB    CG     sing N N 226 
LEU CB    HB2    sing N N 227 
LEU CB    HB3    sing N N 228 
LEU CG    CD1    sing N N 229 
LEU CG    CD2    sing N N 230 
LEU CG    HG     sing N N 231 
LEU CD1   HD11   sing N N 232 
LEU CD1   HD12   sing N N 233 
LEU CD1   HD13   sing N N 234 
LEU CD2   HD21   sing N N 235 
LEU CD2   HD22   sing N N 236 
LEU CD2   HD23   sing N N 237 
LEU OXT   HXT    sing N N 238 
LYS N     CA     sing N N 239 
LYS N     H      sing N N 240 
LYS N     H2     sing N N 241 
LYS CA    C      sing N N 242 
LYS CA    CB     sing N N 243 
LYS CA    HA     sing N N 244 
LYS C     O      doub N N 245 
LYS C     OXT    sing N N 246 
LYS CB    CG     sing N N 247 
LYS CB    HB2    sing N N 248 
LYS CB    HB3    sing N N 249 
LYS CG    CD     sing N N 250 
LYS CG    HG2    sing N N 251 
LYS CG    HG3    sing N N 252 
LYS CD    CE     sing N N 253 
LYS CD    HD2    sing N N 254 
LYS CD    HD3    sing N N 255 
LYS CE    NZ     sing N N 256 
LYS CE    HE2    sing N N 257 
LYS CE    HE3    sing N N 258 
LYS NZ    HZ1    sing N N 259 
LYS NZ    HZ2    sing N N 260 
LYS NZ    HZ3    sing N N 261 
LYS OXT   HXT    sing N N 262 
MET N     CA     sing N N 263 
MET N     H      sing N N 264 
MET N     H2     sing N N 265 
MET CA    C      sing N N 266 
MET CA    CB     sing N N 267 
MET CA    HA     sing N N 268 
MET C     O      doub N N 269 
MET C     OXT    sing N N 270 
MET CB    CG     sing N N 271 
MET CB    HB2    sing N N 272 
MET CB    HB3    sing N N 273 
MET CG    SD     sing N N 274 
MET CG    HG2    sing N N 275 
MET CG    HG3    sing N N 276 
MET SD    CE     sing N N 277 
MET CE    HE1    sing N N 278 
MET CE    HE2    sing N N 279 
MET CE    HE3    sing N N 280 
MET OXT   HXT    sing N N 281 
PHE N     CA     sing N N 282 
PHE N     H      sing N N 283 
PHE N     H2     sing N N 284 
PHE CA    C      sing N N 285 
PHE CA    CB     sing N N 286 
PHE CA    HA     sing N N 287 
PHE C     O      doub N N 288 
PHE C     OXT    sing N N 289 
PHE CB    CG     sing N N 290 
PHE CB    HB2    sing N N 291 
PHE CB    HB3    sing N N 292 
PHE CG    CD1    doub Y N 293 
PHE CG    CD2    sing Y N 294 
PHE CD1   CE1    sing Y N 295 
PHE CD1   HD1    sing N N 296 
PHE CD2   CE2    doub Y N 297 
PHE CD2   HD2    sing N N 298 
PHE CE1   CZ     doub Y N 299 
PHE CE1   HE1    sing N N 300 
PHE CE2   CZ     sing Y N 301 
PHE CE2   HE2    sing N N 302 
PHE CZ    HZ     sing N N 303 
PHE OXT   HXT    sing N N 304 
PRO N     CA     sing N N 305 
PRO N     CD     sing N N 306 
PRO N     H      sing N N 307 
PRO CA    C      sing N N 308 
PRO CA    CB     sing N N 309 
PRO CA    HA     sing N N 310 
PRO C     O      doub N N 311 
PRO C     OXT    sing N N 312 
PRO CB    CG     sing N N 313 
PRO CB    HB2    sing N N 314 
PRO CB    HB3    sing N N 315 
PRO CG    CD     sing N N 316 
PRO CG    HG2    sing N N 317 
PRO CG    HG3    sing N N 318 
PRO CD    HD2    sing N N 319 
PRO CD    HD3    sing N N 320 
PRO OXT   HXT    sing N N 321 
SER N     CA     sing N N 322 
SER N     H      sing N N 323 
SER N     H2     sing N N 324 
SER CA    C      sing N N 325 
SER CA    CB     sing N N 326 
SER CA    HA     sing N N 327 
SER C     O      doub N N 328 
SER C     OXT    sing N N 329 
SER CB    OG     sing N N 330 
SER CB    HB2    sing N N 331 
SER CB    HB3    sing N N 332 
SER OG    HG     sing N N 333 
SER OXT   HXT    sing N N 334 
THR N     CA     sing N N 335 
THR N     H      sing N N 336 
THR N     H2     sing N N 337 
THR CA    C      sing N N 338 
THR CA    CB     sing N N 339 
THR CA    HA     sing N N 340 
THR C     O      doub N N 341 
THR C     OXT    sing N N 342 
THR CB    OG1    sing N N 343 
THR CB    CG2    sing N N 344 
THR CB    HB     sing N N 345 
THR OG1   HG1    sing N N 346 
THR CG2   HG21   sing N N 347 
THR CG2   HG22   sing N N 348 
THR CG2   HG23   sing N N 349 
THR OXT   HXT    sing N N 350 
TRP N     CA     sing N N 351 
TRP N     H      sing N N 352 
TRP N     H2     sing N N 353 
TRP CA    C      sing N N 354 
TRP CA    CB     sing N N 355 
TRP CA    HA     sing N N 356 
TRP C     O      doub N N 357 
TRP C     OXT    sing N N 358 
TRP CB    CG     sing N N 359 
TRP CB    HB2    sing N N 360 
TRP CB    HB3    sing N N 361 
TRP CG    CD1    doub Y N 362 
TRP CG    CD2    sing Y N 363 
TRP CD1   NE1    sing Y N 364 
TRP CD1   HD1    sing N N 365 
TRP CD2   CE2    doub Y N 366 
TRP CD2   CE3    sing Y N 367 
TRP NE1   CE2    sing Y N 368 
TRP NE1   HE1    sing N N 369 
TRP CE2   CZ2    sing Y N 370 
TRP CE3   CZ3    doub Y N 371 
TRP CE3   HE3    sing N N 372 
TRP CZ2   CH2    doub Y N 373 
TRP CZ2   HZ2    sing N N 374 
TRP CZ3   CH2    sing Y N 375 
TRP CZ3   HZ3    sing N N 376 
TRP CH2   HH2    sing N N 377 
TRP OXT   HXT    sing N N 378 
TYR N     CA     sing N N 379 
TYR N     H      sing N N 380 
TYR N     H2     sing N N 381 
TYR CA    C      sing N N 382 
TYR CA    CB     sing N N 383 
TYR CA    HA     sing N N 384 
TYR C     O      doub N N 385 
TYR C     OXT    sing N N 386 
TYR CB    CG     sing N N 387 
TYR CB    HB2    sing N N 388 
TYR CB    HB3    sing N N 389 
TYR CG    CD1    doub Y N 390 
TYR CG    CD2    sing Y N 391 
TYR CD1   CE1    sing Y N 392 
TYR CD1   HD1    sing N N 393 
TYR CD2   CE2    doub Y N 394 
TYR CD2   HD2    sing N N 395 
TYR CE1   CZ     doub Y N 396 
TYR CE1   HE1    sing N N 397 
TYR CE2   CZ     sing Y N 398 
TYR CE2   HE2    sing N N 399 
TYR CZ    OH     sing N N 400 
TYR OH    HH     sing N N 401 
TYR OXT   HXT    sing N N 402 
VAL N     CA     sing N N 403 
VAL N     H      sing N N 404 
VAL N     H2     sing N N 405 
VAL CA    C      sing N N 406 
VAL CA    CB     sing N N 407 
VAL CA    HA     sing N N 408 
VAL C     O      doub N N 409 
VAL C     OXT    sing N N 410 
VAL CB    CG1    sing N N 411 
VAL CB    CG2    sing N N 412 
VAL CB    HB     sing N N 413 
VAL CG1   HG11   sing N N 414 
VAL CG1   HG12   sing N N 415 
VAL CG1   HG13   sing N N 416 
VAL CG2   HG21   sing N N 417 
VAL CG2   HG22   sing N N 418 
VAL CG2   HG23   sing N N 419 
VAL OXT   HXT    sing N N 420 
# 
_atom_sites.entry_id                    1KPF 
_atom_sites.fract_transf_matrix[1][1]   -0.00220667 
_atom_sites.fract_transf_matrix[1][2]   -0.01724637 
_atom_sites.fract_transf_matrix[1][3]   -0.01783401 
_atom_sites.fract_transf_matrix[2][1]   -0.01224478 
_atom_sites.fract_transf_matrix[2][2]   0.01632880 
_atom_sites.fract_transf_matrix[2][3]   -0.01427566 
_atom_sites.fract_transf_matrix[3][1]   0.00605018 
_atom_sites.fract_transf_matrix[3][2]   0.00210380 
_atom_sites.fract_transf_matrix[3][3]   -0.00278309 
_atom_sites.fract_transf_vector[1]      0.120194 
_atom_sites.fract_transf_vector[2]      0.223495 
_atom_sites.fract_transf_vector[3]      0.059529 
# 
loop_
_atom_type.symbol 
C 
N 
O 
P 
S 
# 
loop_
_atom_site.group_PDB 
_atom_site.id 
_atom_site.type_symbol 
_atom_site.label_atom_id 
_atom_site.label_alt_id 
_atom_site.label_comp_id 
_atom_site.label_asym_id 
_atom_site.label_entity_id 
_atom_site.label_seq_id 
_atom_site.pdbx_PDB_ins_code 
_atom_site.Cartn_x 
_atom_site.Cartn_y 
_atom_site.Cartn_z 
_atom_site.occupancy 
_atom_site.B_iso_or_equiv 
_atom_site.pdbx_formal_charge 
_atom_site.auth_seq_id 
_atom_site.auth_comp_id 
_atom_site.auth_asym_id 
_atom_site.auth_atom_id 
_atom_site.pdbx_PDB_model_num 
ATOM   1    N N     . ASP A 1 16  ? 17.350  -5.810  -4.420  1.00 14.62 ? 16  ASP A N     1 
ATOM   2    C CA    . ASP A 1 16  ? 16.069  -5.687  -3.632  1.00 12.88 ? 16  ASP A CA    1 
ATOM   3    C C     . ASP A 1 16  ? 14.991  -5.393  -4.645  1.00 12.12 ? 16  ASP A C     1 
ATOM   4    O O     . ASP A 1 16  ? 15.250  -5.396  -5.860  1.00 11.59 ? 16  ASP A O     1 
ATOM   5    C CB    . ASP A 1 16  ? 16.143  -4.589  -2.541  1.00 12.94 ? 16  ASP A CB    1 
ATOM   6    C CG    . ASP A 1 16  ? 16.667  -3.245  -3.065  1.00 13.86 ? 16  ASP A CG    1 
ATOM   7    O OD1   . ASP A 1 16  ? 17.202  -3.190  -4.209  1.00 13.98 ? 16  ASP A OD1   1 
ATOM   8    O OD2   . ASP A 1 16  ? 16.526  -2.230  -2.342  1.00 12.83 ? 16  ASP A OD2   1 
ATOM   9    N N     . THR A 1 17  ? 13.789  -5.128  -4.159  1.00 10.10 ? 17  THR A N     1 
ATOM   10   C CA    . THR A 1 17  ? 12.661  -4.862  -5.035  1.00 8.60  ? 17  THR A CA    1 
ATOM   11   C C     . THR A 1 17  ? 12.548  -3.362  -5.343  1.00 7.69  ? 17  THR A C     1 
ATOM   12   O O     . THR A 1 17  ? 13.250  -2.514  -4.760  1.00 8.86  ? 17  THR A O     1 
ATOM   13   C CB    . THR A 1 17  ? 11.340  -5.284  -4.309  1.00 9.51  ? 17  THR A CB    1 
ATOM   14   O OG1   . THR A 1 17  ? 11.146  -4.469  -3.131  1.00 9.02  ? 17  THR A OG1   1 
ATOM   15   C CG2   . THR A 1 17  ? 11.372  -6.761  -3.921  1.00 9.09  ? 17  THR A CG2   1 
ATOM   16   N N     . ILE A 1 18  ? 11.584  -3.035  -6.181  1.00 7.35  ? 18  ILE A N     1 
ATOM   17   C CA    . ILE A 1 18  ? 11.301  -1.651  -6.525  1.00 7.51  ? 18  ILE A CA    1 
ATOM   18   C C     . ILE A 1 18  ? 11.021  -0.841  -5.247  1.00 7.80  ? 18  ILE A C     1 
ATOM   19   O O     . ILE A 1 18  ? 11.508  0.282   -5.057  1.00 8.21  ? 18  ILE A O     1 
ATOM   20   C CB    . ILE A 1 18  ? 10.036  -1.579  -7.465  1.00 7.86  ? 18  ILE A CB    1 
ATOM   21   C CG1   . ILE A 1 18  ? 10.390  -2.165  -8.847  1.00 8.85  ? 18  ILE A CG1   1 
ATOM   22   C CG2   . ILE A 1 18  ? 9.577   -0.138  -7.665  1.00 6.77  ? 18  ILE A CG2   1 
ATOM   23   C CD1   . ILE A 1 18  ? 9.239   -2.309  -9.845  1.00 8.79  ? 18  ILE A CD1   1 
ATOM   24   N N     . PHE A 1 19  ? 10.269  -1.432  -4.332  1.00 7.93  ? 19  PHE A N     1 
ATOM   25   C CA    . PHE A 1 19  ? 9.901   -0.720  -3.112  1.00 8.26  ? 19  PHE A CA    1 
ATOM   26   C C     . PHE A 1 19  ? 11.102  -0.644  -2.149  1.00 8.01  ? 19  PHE A C     1 
ATOM   27   O O     . PHE A 1 19  ? 11.232  0.324   -1.389  1.00 7.98  ? 19  PHE A O     1 
ATOM   28   C CB    . PHE A 1 19  ? 8.598   -1.300  -2.481  1.00 8.55  ? 19  PHE A CB    1 
ATOM   29   C CG    . PHE A 1 19  ? 7.337   -1.132  -3.368  1.00 7.53  ? 19  PHE A CG    1 
ATOM   30   C CD1   . PHE A 1 19  ? 7.371   -0.377  -4.531  1.00 6.10  ? 19  PHE A CD1   1 
ATOM   31   C CD2   . PHE A 1 19  ? 6.140   -1.781  -3.046  1.00 7.74  ? 19  PHE A CD2   1 
ATOM   32   C CE1   . PHE A 1 19  ? 6.251   -0.270  -5.360  1.00 8.69  ? 19  PHE A CE1   1 
ATOM   33   C CE2   . PHE A 1 19  ? 5.015   -1.677  -3.864  1.00 6.78  ? 19  PHE A CE2   1 
ATOM   34   C CZ    . PHE A 1 19  ? 5.067   -0.919  -5.029  1.00 7.56  ? 19  PHE A CZ    1 
ATOM   35   N N     . GLY A 1 20  ? 11.966  -1.665  -2.186  1.00 7.95  ? 20  GLY A N     1 
ATOM   36   C CA    . GLY A 1 20  ? 13.169  -1.606  -1.381  1.00 9.16  ? 20  GLY A CA    1 
ATOM   37   C C     . GLY A 1 20  ? 13.963  -0.381  -1.847  1.00 9.09  ? 20  GLY A C     1 
ATOM   38   O O     . GLY A 1 20  ? 14.474  0.408   -1.030  1.00 9.81  ? 20  GLY A O     1 
ATOM   39   N N     . LYS A 1 21  ? 14.032  -0.185  -3.159  1.00 9.03  ? 21  LYS A N     1 
ATOM   40   C CA    . LYS A 1 21  ? 14.759  0.975   -3.716  1.00 9.94  ? 21  LYS A CA    1 
ATOM   41   C C     . LYS A 1 21  ? 14.092  2.309   -3.421  1.00 9.91  ? 21  LYS A C     1 
ATOM   42   O O     . LYS A 1 21  ? 14.768  3.317   -3.251  1.00 9.57  ? 21  LYS A O     1 
ATOM   43   C CB    . LYS A 1 21  ? 14.978  0.818   -5.213  1.00 11.56 ? 21  LYS A CB    1 
ATOM   44   C CG    . LYS A 1 21  ? 15.842  -0.410  -5.577  1.00 11.12 ? 21  LYS A CG    1 
ATOM   45   C CD    . LYS A 1 21  ? 15.857  -0.622  -7.097  1.00 12.43 ? 21  LYS A CD    1 
ATOM   46   C CE    . LYS A 1 21  ? 16.853  -1.681  -7.528  1.00 12.60 ? 21  LYS A CE    1 
ATOM   47   N NZ    . LYS A 1 21  ? 16.423  -3.020  -7.079  1.00 13.40 ? 21  LYS A NZ    1 
ATOM   48   N N     . ILE A 1 22  ? 12.765  2.371   -3.468  1.00 9.22  ? 22  ILE A N     1 
ATOM   49   C CA    . ILE A 1 22  ? 12.107  3.633   -3.108  1.00 9.58  ? 22  ILE A CA    1 
ATOM   50   C C     . ILE A 1 22  ? 12.461  3.985   -1.635  1.00 9.48  ? 22  ILE A C     1 
ATOM   51   O O     . ILE A 1 22  ? 12.759  5.143   -1.317  1.00 9.30  ? 22  ILE A O     1 
ATOM   52   C CB    . ILE A 1 22  ? 10.571  3.534   -3.252  1.00 9.67  ? 22  ILE A CB    1 
ATOM   53   C CG1   . ILE A 1 22  ? 10.177  3.484   -4.732  1.00 8.77  ? 22  ILE A CG1   1 
ATOM   54   C CG2   . ILE A 1 22  ? 9.888   4.682   -2.497  1.00 10.43 ? 22  ILE A CG2   1 
ATOM   55   C CD1   . ILE A 1 22  ? 8.634   3.362   -4.986  1.00 9.20  ? 22  ILE A CD1   1 
ATOM   56   N N     . ILE A 1 23  ? 12.398  2.999   -0.738  1.00 9.39  ? 23  ILE A N     1 
ATOM   57   C CA    . ILE A 1 23  ? 12.711  3.249   0.664   1.00 10.70 ? 23  ILE A CA    1 
ATOM   58   C C     . ILE A 1 23  ? 14.135  3.871   0.818   1.00 12.34 ? 23  ILE A C     1 
ATOM   59   O O     . ILE A 1 23  ? 14.308  4.885   1.513   1.00 12.92 ? 23  ILE A O     1 
ATOM   60   C CB    . ILE A 1 23  ? 12.582  1.954   1.456   1.00 10.77 ? 23  ILE A CB    1 
ATOM   61   C CG1   . ILE A 1 23  ? 11.096  1.557   1.584   1.00 10.37 ? 23  ILE A CG1   1 
ATOM   62   C CG2   . ILE A 1 23  ? 13.230  2.105   2.842   1.00 10.71 ? 23  ILE A CG2   1 
ATOM   63   C CD1   . ILE A 1 23  ? 10.895  0.106   2.022   1.00 11.25 ? 23  ILE A CD1   1 
ATOM   64   N N     . ARG A 1 24  ? 15.103  3.287   0.097   1.00 13.13 ? 24  ARG A N     1 
ATOM   65   C CA    . ARG A 1 24  ? 16.524  3.691   0.057   1.00 14.14 ? 24  ARG A CA    1 
ATOM   66   C C     . ARG A 1 24  ? 16.767  4.952   -0.762  1.00 12.65 ? 24  ARG A C     1 
ATOM   67   O O     . ARG A 1 24  ? 17.915  5.308   -1.009  1.00 13.85 ? 24  ARG A O     1 
ATOM   68   C CB    . ARG A 1 24  ? 17.358  2.602   -0.652  1.00 16.13 ? 24  ARG A CB    1 
ATOM   69   C CG    . ARG A 1 24  ? 17.698  1.379   0.106   1.00 18.78 ? 24  ARG A CG    1 
ATOM   70   C CD    . ARG A 1 24  ? 18.735  0.548   -0.708  1.00 19.76 ? 24  ARG A CD    1 
ATOM   71   N NE    . ARG A 1 24  ? 18.285  -0.125  -1.942  1.00 18.41 ? 24  ARG A NE    1 
ATOM   72   C CZ    . ARG A 1 24  ? 18.958  -0.077  -3.089  1.00 20.61 ? 24  ARG A CZ    1 
ATOM   73   N NH1   . ARG A 1 24  ? 20.061  0.652   -3.171  1.00 24.65 ? 24  ARG A NH1   1 
ATOM   74   N NH2   . ARG A 1 24  ? 18.715  -0.921  -4.078  1.00 21.09 ? 24  ARG A NH2   1 
ATOM   75   N N     . LYS A 1 25  ? 15.722  5.543   -1.309  1.00 11.53 ? 25  LYS A N     1 
ATOM   76   C CA    . LYS A 1 25  ? 15.851  6.744   -2.134  1.00 11.81 ? 25  LYS A CA    1 
ATOM   77   C C     . LYS A 1 25  ? 16.700  6.498   -3.401  1.00 13.28 ? 25  LYS A C     1 
ATOM   78   O O     . LYS A 1 25  ? 17.461  7.376   -3.847  1.00 14.13 ? 25  LYS A O     1 
ATOM   79   C CB    . LYS A 1 25  ? 16.376  7.929   -1.302  1.00 10.99 ? 25  LYS A CB    1 
ATOM   80   C CG    . LYS A 1 25  ? 15.442  8.345   -0.130  1.00 9.72  ? 25  LYS A CG    1 
ATOM   81   C CD    . LYS A 1 25  ? 16.013  9.464   0.764   1.00 10.87 ? 25  LYS A CD    1 
ATOM   82   C CE    . LYS A 1 25  ? 16.226  10.821  0.020   1.00 10.52 ? 25  LYS A CE    1 
ATOM   83   N NZ    . LYS A 1 25  ? 14.985  11.383  -0.639  1.00 8.67  ? 25  LYS A NZ    1 
ATOM   84   N N     . GLU A 1 26  ? 16.501  5.327   -4.009  1.00 12.17 ? 26  GLU A N     1 
ATOM   85   C CA    . GLU A 1 26  ? 17.200  4.911   -5.232  1.00 13.33 ? 26  GLU A CA    1 
ATOM   86   C C     . GLU A 1 26  ? 16.278  5.007   -6.480  1.00 13.93 ? 26  GLU A C     1 
ATOM   87   O O     . GLU A 1 26  ? 16.746  5.201   -7.628  1.00 14.12 ? 26  GLU A O     1 
ATOM   88   C CB    . GLU A 1 26  ? 17.788  3.482   -5.051  1.00 12.60 ? 26  GLU A CB    1 
ATOM   89   C CG    . GLU A 1 26  ? 18.496  2.892   -6.300  1.00 13.80 ? 26  GLU A CG    1 
ATOM   90   C CD    . GLU A 1 26  ? 19.754  3.683   -6.784  1.00 15.65 ? 26  GLU A CD    1 
ATOM   91   O OE1   . GLU A 1 26  ? 20.214  4.659   -6.103  1.00 13.93 ? 26  GLU A OE1   1 
ATOM   92   O OE2   . GLU A 1 26  ? 20.284  3.287   -7.861  1.00 15.28 ? 26  GLU A OE2   1 
ATOM   93   N N     . ILE A 1 27  ? 14.971  4.841   -6.250  1.00 13.35 ? 27  ILE A N     1 
ATOM   94   C CA    . ILE A 1 27  ? 13.944  4.914   -7.308  1.00 13.32 ? 27  ILE A CA    1 
ATOM   95   C C     . ILE A 1 27  ? 13.049  6.050   -6.849  1.00 13.02 ? 27  ILE A C     1 
ATOM   96   O O     . ILE A 1 27  ? 12.737  6.164   -5.667  1.00 12.56 ? 27  ILE A O     1 
ATOM   97   C CB    . ILE A 1 27  ? 13.100  3.582   -7.447  1.00 14.55 ? 27  ILE A CB    1 
ATOM   98   C CG1   . ILE A 1 27  ? 13.885  2.564   -8.283  1.00 17.67 ? 27  ILE A CG1   1 
ATOM   99   C CG2   . ILE A 1 27  ? 11.693  3.842   -8.055  1.00 12.90 ? 27  ILE A CG2   1 
ATOM   100  C CD1   . ILE A 1 27  ? 13.161  1.249   -8.398  1.00 20.70 ? 27  ILE A CD1   1 
ATOM   101  N N     . PRO A 1 28  ? 12.669  6.928   -7.769  1.00 11.91 ? 28  PRO A N     1 
ATOM   102  C CA    . PRO A 1 28  ? 11.811  8.085   -7.439  1.00 11.47 ? 28  PRO A CA    1 
ATOM   103  C C     . PRO A 1 28  ? 10.378  7.831   -6.979  1.00 10.76 ? 28  PRO A C     1 
ATOM   104  O O     . PRO A 1 28  ? 9.724   6.882   -7.439  1.00 9.86  ? 28  PRO A O     1 
ATOM   105  C CB    . PRO A 1 28  ? 11.811  8.943   -8.733  1.00 11.89 ? 28  PRO A CB    1 
ATOM   106  C CG    . PRO A 1 28  ? 12.442  8.085   -9.811  1.00 14.50 ? 28  PRO A CG    1 
ATOM   107  C CD    . PRO A 1 28  ? 13.202  6.950   -9.154  1.00 12.89 ? 28  PRO A CD    1 
ATOM   108  N N     . ALA A 1 29  ? 9.911   8.678   -6.071  1.00 10.11 ? 29  ALA A N     1 
ATOM   109  C CA    . ALA A 1 29  ? 8.517   8.636   -5.597  1.00 10.96 ? 29  ALA A CA    1 
ATOM   110  C C     . ALA A 1 29  ? 8.227   9.853   -4.709  1.00 10.92 ? 29  ALA A C     1 
ATOM   111  O O     . ALA A 1 29  ? 9.054   10.179  -3.831  1.00 10.96 ? 29  ALA A O     1 
ATOM   112  C CB    . ALA A 1 29  ? 8.236   7.321   -4.800  1.00 9.96  ? 29  ALA A CB    1 
ATOM   113  N N     . LYS A 1 30  ? 7.142   10.584  -4.987  1.00 11.18 ? 30  LYS A N     1 
ATOM   114  C CA    . LYS A 1 30  ? 6.789   11.710  -4.097  1.00 11.69 ? 30  LYS A CA    1 
ATOM   115  C C     . LYS A 1 30  ? 6.175   11.001  -2.897  1.00 11.50 ? 30  LYS A C     1 
ATOM   116  O O     . LYS A 1 30  ? 5.211   10.234  -3.057  1.00 10.74 ? 30  LYS A O     1 
ATOM   117  C CB    . LYS A 1 30  ? 5.738   12.651  -4.704  1.00 12.66 ? 30  LYS A CB    1 
ATOM   118  C CG    . LYS A 1 30  ? 6.198   13.305  -5.992  1.00 16.23 ? 30  LYS A CG    1 
ATOM   119  C CD    . LYS A 1 30  ? 5.293   14.452  -6.436  1.00 17.27 ? 30  LYS A CD    1 
ATOM   120  C CE    . LYS A 1 30  ? 5.984   15.198  -7.578  1.00 17.48 ? 30  LYS A CE    1 
ATOM   121  N NZ    . LYS A 1 30  ? 5.408   16.559  -7.707  1.00 19.85 ? 30  LYS A NZ    1 
ATOM   122  N N     . ILE A 1 31  ? 6.774   11.209  -1.723  1.00 11.33 ? 31  ILE A N     1 
ATOM   123  C CA    . ILE A 1 31  ? 6.302   10.600  -0.478  1.00 10.55 ? 31  ILE A CA    1 
ATOM   124  C C     . ILE A 1 31  ? 5.243   11.470  0.198   1.00 11.05 ? 31  ILE A C     1 
ATOM   125  O O     . ILE A 1 31  ? 5.479   12.643  0.487   1.00 11.38 ? 31  ILE A O     1 
ATOM   126  C CB    . ILE A 1 31  ? 7.485   10.349  0.485   1.00 10.41 ? 31  ILE A CB    1 
ATOM   127  C CG1   . ILE A 1 31  ? 8.502   9.485   -0.262  1.00 11.81 ? 31  ILE A CG1   1 
ATOM   128  C CG2   . ILE A 1 31  ? 7.004   9.636   1.802   1.00 9.34  ? 31  ILE A CG2   1 
ATOM   129  C CD1   . ILE A 1 31  ? 9.468   8.790   0.632   1.00 16.51 ? 31  ILE A CD1   1 
ATOM   130  N N     . ILE A 1 32  ? 4.063   10.902  0.420   1.00 9.98  ? 32  ILE A N     1 
ATOM   131  C CA    . ILE A 1 32  ? 2.977   11.657  1.060   1.00 10.12 ? 32  ILE A CA    1 
ATOM   132  C C     . ILE A 1 32  ? 2.804   11.468  2.572   1.00 9.85  ? 32  ILE A C     1 
ATOM   133  O O     . ILE A 1 32  ? 2.091   12.237  3.224   1.00 9.54  ? 32  ILE A O     1 
ATOM   134  C CB    . ILE A 1 32  ? 1.662   11.400  0.338   1.00 11.52 ? 32  ILE A CB    1 
ATOM   135  C CG1   . ILE A 1 32  ? 1.170   9.962   0.577   1.00 11.11 ? 32  ILE A CG1   1 
ATOM   136  C CG2   . ILE A 1 32  ? 1.888   11.686  -1.172  1.00 12.85 ? 32  ILE A CG2   1 
ATOM   137  C CD1   . ILE A 1 32  ? -0.166  9.637   -0.135  1.00 12.47 ? 32  ILE A CD1   1 
ATOM   138  N N     . PHE A 1 33  ? 3.449   10.440  3.105   1.00 9.52  ? 33  PHE A N     1 
ATOM   139  C CA    . PHE A 1 33  ? 3.432   10.145  4.534   1.00 9.09  ? 33  PHE A CA    1 
ATOM   140  C C     . PHE A 1 33  ? 4.610   9.250   4.858   1.00 8.49  ? 33  PHE A C     1 
ATOM   141  O O     . PHE A 1 33  ? 4.993   8.386   4.074   1.00 7.17  ? 33  PHE A O     1 
ATOM   142  C CB    . PHE A 1 33  ? 2.130   9.412   4.952   1.00 10.72 ? 33  PHE A CB    1 
ATOM   143  C CG    . PHE A 1 33  ? 2.121   8.967   6.392   1.00 11.40 ? 33  PHE A CG    1 
ATOM   144  C CD1   . PHE A 1 33  ? 2.828   7.846   6.783   1.00 10.91 ? 33  PHE A CD1   1 
ATOM   145  C CD2   . PHE A 1 33  ? 1.437   9.694   7.361   1.00 13.77 ? 33  PHE A CD2   1 
ATOM   146  C CE1   . PHE A 1 33  ? 2.866   7.449   8.112   1.00 14.16 ? 33  PHE A CE1   1 
ATOM   147  C CE2   . PHE A 1 33  ? 1.467   9.296   8.714   1.00 14.53 ? 33  PHE A CE2   1 
ATOM   148  C CZ    . PHE A 1 33  ? 2.182   8.173   9.086   1.00 13.33 ? 33  PHE A CZ    1 
ATOM   149  N N     . GLU A 1 34  ? 5.190   9.481   6.025   1.00 8.93  ? 34  GLU A N     1 
ATOM   150  C CA    . GLU A 1 34  ? 6.285   8.665   6.486   1.00 9.92  ? 34  GLU A CA    1 
ATOM   151  C C     . GLU A 1 34  ? 6.425   8.747   8.004   1.00 10.79 ? 34  GLU A C     1 
ATOM   152  O O     . GLU A 1 34  ? 6.255   9.814   8.603   1.00 12.26 ? 34  GLU A O     1 
ATOM   153  C CB    . GLU A 1 34  ? 7.618   9.069   5.806   1.00 9.50  ? 34  GLU A CB    1 
ATOM   154  C CG    . GLU A 1 34  ? 8.757   8.186   6.227   1.00 9.73  ? 34  GLU A CG    1 
ATOM   155  C CD    . GLU A 1 34  ? 9.993   8.295   5.329   1.00 11.85 ? 34  GLU A CD    1 
ATOM   156  O OE1   . GLU A 1 34  ? 9.890   8.838   4.221   1.00 12.57 ? 34  GLU A OE1   1 
ATOM   157  O OE2   . GLU A 1 34  ? 11.075  7.827   5.727   1.00 10.84 ? 34  GLU A OE2   1 
ATOM   158  N N     . ASP A 1 35  ? 6.673   7.604   8.623   1.00 11.07 ? 35  ASP A N     1 
ATOM   159  C CA    . ASP A 1 35  ? 6.932   7.557   10.043  1.00 11.23 ? 35  ASP A CA    1 
ATOM   160  C C     . ASP A 1 35  ? 8.078   6.586   10.220  1.00 11.79 ? 35  ASP A C     1 
ATOM   161  O O     . ASP A 1 35  ? 8.706   6.173   9.235   1.00 12.23 ? 35  ASP A O     1 
ATOM   162  C CB    . ASP A 1 35  ? 5.693   7.184   10.879  1.00 10.00 ? 35  ASP A CB    1 
ATOM   163  C CG    . ASP A 1 35  ? 5.092   5.834   10.529  1.00 11.56 ? 35  ASP A CG    1 
ATOM   164  O OD1   . ASP A 1 35  ? 5.783   4.924   10.015  1.00 9.20  ? 35  ASP A OD1   1 
ATOM   165  O OD2   . ASP A 1 35  ? 3.866   5.694   10.823  1.00 12.88 ? 35  ASP A OD2   1 
ATOM   166  N N     . ASP A 1 36  ? 8.351   6.209   11.464  1.00 13.17 ? 36  ASP A N     1 
ATOM   167  C CA    . ASP A 1 36  ? 9.445   5.286   11.779  1.00 14.24 ? 36  ASP A CA    1 
ATOM   168  C C     . ASP A 1 36  ? 9.250   3.905   11.164  1.00 13.90 ? 36  ASP A C     1 
ATOM   169  O O     . ASP A 1 36  ? 10.216  3.154   11.040  1.00 13.87 ? 36  ASP A O     1 
ATOM   170  C CB    . ASP A 1 36  ? 9.592   5.114   13.319  1.00 16.73 ? 36  ASP A CB    1 
ATOM   171  C CG    . ASP A 1 36  ? 8.333   4.487   13.991  1.00 16.77 ? 36  ASP A CG    1 
ATOM   172  O OD1   . ASP A 1 36  ? 7.199   4.593   13.471  1.00 20.19 ? 36  ASP A OD1   1 
ATOM   173  O OD2   . ASP A 1 36  ? 8.459   3.923   15.086  1.00 20.36 ? 36  ASP A OD2   1 
ATOM   174  N N     . ARG A 1 37  ? 8.002   3.556   10.804  1.00 13.10 ? 37  ARG A N     1 
ATOM   175  C CA    . ARG A 1 37  ? 7.753   2.214   10.277  1.00 13.52 ? 37  ARG A CA    1 
ATOM   176  C C     . ARG A 1 37  ? 7.195   2.002   8.890   1.00 11.92 ? 37  ARG A C     1 
ATOM   177  O O     . ARG A 1 37  ? 7.210   0.858   8.397   1.00 10.57 ? 37  ARG A O     1 
ATOM   178  C CB    . ARG A 1 37  ? 7.015   1.295   11.292  1.00 17.10 ? 37  ARG A CB    1 
ATOM   179  C CG    . ARG A 1 37  ? 5.919   1.884   12.200  1.00 21.21 ? 37  ARG A CG    1 
ATOM   180  C CD    . ARG A 1 37  ? 5.366   0.794   13.143  1.00 23.11 ? 37  ARG A CD    1 
ATOM   181  N NE    . ARG A 1 37  ? 6.341   -0.305  13.291  1.00 27.69 ? 37  ARG A NE    1 
ATOM   182  C CZ    . ARG A 1 37  ? 6.091   -1.540  13.753  1.00 29.10 ? 37  ARG A CZ    1 
ATOM   183  N NH1   . ARG A 1 37  ? 4.862   -1.919  14.127  1.00 30.17 ? 37  ARG A NH1   1 
ATOM   184  N NH2   . ARG A 1 37  ? 7.102   -2.378  13.938  1.00 28.09 ? 37  ARG A NH2   1 
ATOM   185  N N     . CYS A 1 38  ? 6.813   3.073   8.214   1.00 10.03 ? 38  CYS A N     1 
ATOM   186  C CA    . CYS A 1 38  ? 6.262   2.916   6.873   1.00 10.27 ? 38  CYS A CA    1 
ATOM   187  C C     . CYS A 1 38  ? 6.256   4.250   6.139   1.00 9.35  ? 38  CYS A C     1 
ATOM   188  O O     . CYS A 1 38  ? 6.558   5.276   6.745   1.00 9.49  ? 38  CYS A O     1 
ATOM   189  C CB    . CYS A 1 38  ? 4.815   2.376   6.955   1.00 9.58  ? 38  CYS A CB    1 
ATOM   190  S SG    . CYS A 1 38  ? 3.621   3.539   7.620   1.00 9.66  ? 38  CYS A SG    1 
ATOM   191  N N     . LEU A 1 39  ? 5.914   4.203   4.847   1.00 9.23  ? 39  LEU A N     1 
ATOM   192  C CA    . LEU A 1 39  ? 5.776   5.403   4.014   1.00 9.22  ? 39  LEU A CA    1 
ATOM   193  C C     . LEU A 1 39  ? 4.715   5.121   2.966   1.00 8.40  ? 39  LEU A C     1 
ATOM   194  O O     . LEU A 1 39  ? 4.354   3.972   2.734   1.00 8.19  ? 39  LEU A O     1 
ATOM   195  C CB    . LEU A 1 39  ? 7.109   5.842   3.370   1.00 11.83 ? 39  LEU A CB    1 
ATOM   196  C CG    . LEU A 1 39  ? 7.974   4.890   2.531   1.00 13.37 ? 39  LEU A CG    1 
ATOM   197  C CD1   . LEU A 1 39  ? 7.392   4.618   1.170   1.00 13.87 ? 39  LEU A CD1   1 
ATOM   198  C CD2   . LEU A 1 39  ? 9.355   5.573   2.391   1.00 15.67 ? 39  LEU A CD2   1 
ATOM   199  N N     . ALA A 1 40  ? 4.198   6.168   2.352   1.00 8.52  ? 40  ALA A N     1 
ATOM   200  C CA    . ALA A 1 40  ? 3.160   6.012   1.339   1.00 9.05  ? 40  ALA A CA    1 
ATOM   201  C C     . ALA A 1 40  ? 3.472   6.912   0.140   1.00 8.39  ? 40  ALA A C     1 
ATOM   202  O O     . ALA A 1 40  ? 4.057   7.995   0.293   1.00 7.09  ? 40  ALA A O     1 
ATOM   203  C CB    . ALA A 1 40  ? 1.776   6.396   1.932   1.00 9.06  ? 40  ALA A CB    1 
ATOM   204  N N     . PHE A 1 41  ? 3.009   6.478   -1.023  1.00 7.74  ? 41  PHE A N     1 
ATOM   205  C CA    . PHE A 1 41  ? 3.205   7.208   -2.261  1.00 7.89  ? 41  PHE A CA    1 
ATOM   206  C C     . PHE A 1 41  ? 2.148   6.755   -3.291  1.00 8.85  ? 41  PHE A C     1 
ATOM   207  O O     . PHE A 1 41  ? 1.538   5.653   -3.173  1.00 8.97  ? 41  PHE A O     1 
ATOM   208  C CB    . PHE A 1 41  ? 4.628   6.986   -2.780  1.00 7.45  ? 41  PHE A CB    1 
ATOM   209  C CG    . PHE A 1 41  ? 5.008   5.560   -2.878  1.00 6.48  ? 41  PHE A CG    1 
ATOM   210  C CD1   . PHE A 1 41  ? 4.677   4.826   -4.025  1.00 7.32  ? 41  PHE A CD1   1 
ATOM   211  C CD2   . PHE A 1 41  ? 5.669   4.925   -1.813  1.00 7.83  ? 41  PHE A CD2   1 
ATOM   212  C CE1   . PHE A 1 41  ? 4.991   3.477   -4.122  1.00 8.38  ? 41  PHE A CE1   1 
ATOM   213  C CE2   . PHE A 1 41  ? 6.006   3.550   -1.878  1.00 8.81  ? 41  PHE A CE2   1 
ATOM   214  C CZ    . PHE A 1 41  ? 5.661   2.821   -3.042  1.00 9.23  ? 41  PHE A CZ    1 
ATOM   215  N N     . HIS A 1 42  ? 1.894   7.617   -4.270  1.00 8.24  ? 42  HIS A N     1 
ATOM   216  C CA    . HIS A 1 42  ? 0.887   7.317   -5.285  1.00 9.47  ? 42  HIS A CA    1 
ATOM   217  C C     . HIS A 1 42  ? 1.310   6.208   -6.259  1.00 10.51 ? 42  HIS A C     1 
ATOM   218  O O     . HIS A 1 42  ? 2.507   6.075   -6.632  1.00 9.38  ? 42  HIS A O     1 
ATOM   219  C CB    . HIS A 1 42  ? 0.548   8.583   -6.057  1.00 9.87  ? 42  HIS A CB    1 
ATOM   220  C CG    . HIS A 1 42  ? -0.101  9.635   -5.218  1.00 11.52 ? 42  HIS A CG    1 
ATOM   221  N ND1   . HIS A 1 42  ? -1.438  9.602   -4.878  1.00 12.03 ? 42  HIS A ND1   1 
ATOM   222  C CD2   . HIS A 1 42  ? 0.409   10.744  -4.624  1.00 12.33 ? 42  HIS A CD2   1 
ATOM   223  C CE1   . HIS A 1 42  ? -1.728  10.639  -4.107  1.00 10.48 ? 42  HIS A CE1   1 
ATOM   224  N NE2   . HIS A 1 42  ? -0.627  11.348  -3.942  1.00 11.71 ? 42  HIS A NE2   1 
ATOM   225  N N     . ASP A 1 43  ? 0.337   5.389   -6.658  1.00 8.37  ? 43  ASP A N     1 
ATOM   226  C CA    . ASP A 1 43  ? 0.604   4.309   -7.601  1.00 8.17  ? 43  ASP A CA    1 
ATOM   227  C C     . ASP A 1 43  ? 0.926   4.909   -8.975  1.00 8.14  ? 43  ASP A C     1 
ATOM   228  O O     . ASP A 1 43  ? 0.229   5.804   -9.459  1.00 7.67  ? 43  ASP A O     1 
ATOM   229  C CB    . ASP A 1 43  ? -0.607  3.394   -7.723  1.00 7.93  ? 43  ASP A CB    1 
ATOM   230  C CG    . ASP A 1 43  ? -0.244  2.055   -8.301  1.00 9.98  ? 43  ASP A CG    1 
ATOM   231  O OD1   . ASP A 1 43  ? -0.008  2.030   -9.530  1.00 8.76  ? 43  ASP A OD1   1 
ATOM   232  O OD2   . ASP A 1 43  ? -0.164  1.041   -7.536  1.00 9.68  ? 43  ASP A OD2   1 
ATOM   233  N N     . ILE A 1 44  ? 1.962   4.369   -9.610  1.00 8.95  ? 44  ILE A N     1 
ATOM   234  C CA    . ILE A 1 44  ? 2.414   4.872   -10.904 1.00 9.20  ? 44  ILE A CA    1 
ATOM   235  C C     . ILE A 1 44  ? 1.444   4.621   -12.050 1.00 9.15  ? 44  ILE A C     1 
ATOM   236  O O     . ILE A 1 44  ? 1.548   5.233   -13.121 1.00 9.09  ? 44  ILE A O     1 
ATOM   237  C CB    . ILE A 1 44  ? 3.831   4.316   -11.243 1.00 8.79  ? 44  ILE A CB    1 
ATOM   238  C CG1   . ILE A 1 44  ? 4.529   5.217   -12.258 1.00 9.30  ? 44  ILE A CG1   1 
ATOM   239  C CG2   . ILE A 1 44  ? 3.730   2.890   -11.777 1.00 9.16  ? 44  ILE A CG2   1 
ATOM   240  C CD1   . ILE A 1 44  ? 6.008   5.000   -12.287 1.00 11.33 ? 44  ILE A CD1   1 
ATOM   241  N N     . SER A 1 45  ? 0.485   3.736   -11.804 1.00 9.84  ? 45  SER A N     1 
ATOM   242  C CA    . SER A 1 45  ? -0.531  3.359   -12.786 1.00 10.37 ? 45  SER A CA    1 
ATOM   243  C C     . SER A 1 45  ? -1.859  3.394   -11.994 1.00 10.30 ? 45  SER A C     1 
ATOM   244  O O     . SER A 1 45  ? -2.439  2.361   -11.682 1.00 9.75  ? 45  SER A O     1 
ATOM   245  C CB    . SER A 1 45  ? -0.168  1.953   -13.249 1.00 12.83 ? 45  SER A CB    1 
ATOM   246  O OG    . SER A 1 45  ? -0.908  1.561   -14.363 1.00 17.82 ? 45  SER A OG    1 
ATOM   247  N N     . PRO A 1 46  ? -2.342  4.596   -11.643 1.00 11.08 ? 46  PRO A N     1 
ATOM   248  C CA    . PRO A 1 46  ? -3.587  4.728   -10.862 1.00 10.29 ? 46  PRO A CA    1 
ATOM   249  C C     . PRO A 1 46  ? -4.851  4.145   -11.507 1.00 10.14 ? 46  PRO A C     1 
ATOM   250  O O     . PRO A 1 46  ? -5.166  4.429   -12.643 1.00 10.79 ? 46  PRO A O     1 
ATOM   251  C CB    . PRO A 1 46  ? -3.692  6.225   -10.606 1.00 11.15 ? 46  PRO A CB    1 
ATOM   252  C CG    . PRO A 1 46  ? -3.052  6.806   -11.865 1.00 11.56 ? 46  PRO A CG    1 
ATOM   253  C CD    . PRO A 1 46  ? -1.846  5.918   -12.082 1.00 10.89 ? 46  PRO A CD    1 
ATOM   254  N N     . GLN A 1 47  ? -5.584  3.350   -10.734 1.00 10.06 ? 47  GLN A N     1 
ATOM   255  C CA    . GLN A 1 47  ? -6.830  2.680   -11.203 1.00 10.10 ? 47  GLN A CA    1 
ATOM   256  C C     . GLN A 1 47  ? -8.086  3.386   -10.669 1.00 10.33 ? 47  GLN A C     1 
ATOM   257  O O     . GLN A 1 47  ? -9.209  2.880   -10.802 1.00 10.21 ? 47  GLN A O     1 
ATOM   258  C CB    . GLN A 1 47  ? -6.851  1.215   -10.737 1.00 9.85  ? 47  GLN A CB    1 
ATOM   259  C CG    . GLN A 1 47  ? -5.622  0.432   -11.151 1.00 12.05 ? 47  GLN A CG    1 
ATOM   260  C CD    . GLN A 1 47  ? -5.544  0.310   -12.663 1.00 12.70 ? 47  GLN A CD    1 
ATOM   261  O OE1   . GLN A 1 47  ? -6.532  -0.099  -13.296 1.00 13.43 ? 47  GLN A OE1   1 
ATOM   262  N NE2   . GLN A 1 47  ? -4.380  0.636   -13.254 1.00 11.39 ? 47  GLN A NE2   1 
ATOM   263  N N     . ALA A 1 48  ? -7.894  4.538   -10.039 1.00 10.26 ? 48  ALA A N     1 
ATOM   264  C CA    . ALA A 1 48  ? -8.994  5.322   -9.504  1.00 10.70 ? 48  ALA A CA    1 
ATOM   265  C C     . ALA A 1 48  ? -8.394  6.723   -9.368  1.00 10.58 ? 48  ALA A C     1 
ATOM   266  O O     . ALA A 1 48  ? -7.171  6.863   -9.355  1.00 10.26 ? 48  ALA A O     1 
ATOM   267  C CB    . ALA A 1 48  ? -9.454  4.770   -8.137  1.00 10.52 ? 48  ALA A CB    1 
ATOM   268  N N     . PRO A 1 49  ? -9.234  7.759   -9.274  1.00 10.65 ? 49  PRO A N     1 
ATOM   269  C CA    . PRO A 1 49  ? -8.721  9.130   -9.153  1.00 10.15 ? 49  PRO A CA    1 
ATOM   270  C C     . PRO A 1 49  ? -7.702  9.274   -7.997  1.00 10.69 ? 49  PRO A C     1 
ATOM   271  O O     . PRO A 1 49  ? -6.815  10.142  -8.038  1.00 11.57 ? 49  PRO A O     1 
ATOM   272  C CB    . PRO A 1 49  ? -10.011 9.979   -8.985  1.00 10.34 ? 49  PRO A CB    1 
ATOM   273  C CG    . PRO A 1 49  ? -11.069 9.163   -9.700  1.00 10.09 ? 49  PRO A CG    1 
ATOM   274  C CD    . PRO A 1 49  ? -10.713 7.725   -9.300  1.00 10.39 ? 49  PRO A CD    1 
ATOM   275  N N     . THR A 1 50  ? -7.906  8.515   -6.913  1.00 9.79  ? 50  THR A N     1 
ATOM   276  C CA    . THR A 1 50  ? -6.934  8.493   -5.829  1.00 9.30  ? 50  THR A CA    1 
ATOM   277  C C     . THR A 1 50  ? -6.549  7.009   -5.725  1.00 9.59  ? 50  THR A C     1 
ATOM   278  O O     . THR A 1 50  ? -7.418  6.120   -5.562  1.00 7.91  ? 50  THR A O     1 
ATOM   279  C CB    . THR A 1 50  ? -7.497  8.973   -4.462  1.00 9.49  ? 50  THR A CB    1 
ATOM   280  O OG1   . THR A 1 50  ? -7.788  10.364  -4.557  1.00 8.96  ? 50  THR A OG1   1 
ATOM   281  C CG2   . THR A 1 50  ? -6.444  8.789   -3.346  1.00 9.79  ? 50  THR A CG2   1 
ATOM   282  N N     . HIS A 1 51  ? -5.250  6.739   -5.838  1.00 8.52  ? 51  HIS A N     1 
ATOM   283  C CA    . HIS A 1 51  ? -4.767  5.376   -5.741  1.00 8.32  ? 51  HIS A CA    1 
ATOM   284  C C     . HIS A 1 51  ? -3.342  5.467   -5.223  1.00 7.88  ? 51  HIS A C     1 
ATOM   285  O O     . HIS A 1 51  ? -2.436  5.943   -5.959  1.00 7.28  ? 51  HIS A O     1 
ATOM   286  C CB    . HIS A 1 51  ? -4.816  4.692   -7.111  1.00 8.41  ? 51  HIS A CB    1 
ATOM   287  C CG    . HIS A 1 51  ? -4.310  3.274   -7.113  1.00 9.53  ? 51  HIS A CG    1 
ATOM   288  N ND1   . HIS A 1 51  ? -4.087  2.563   -8.281  1.00 9.15  ? 51  HIS A ND1   1 
ATOM   289  C CD2   . HIS A 1 51  ? -3.946  2.443   -6.097  1.00 9.92  ? 51  HIS A CD2   1 
ATOM   290  C CE1   . HIS A 1 51  ? -3.607  1.363   -7.987  1.00 8.68  ? 51  HIS A CE1   1 
ATOM   291  N NE2   . HIS A 1 51  ? -3.514  1.267   -6.669  1.00 9.14  ? 51  HIS A NE2   1 
ATOM   292  N N     . PHE A 1 52  ? -3.165  5.124   -3.948  1.00 6.33  ? 52  PHE A N     1 
ATOM   293  C CA    . PHE A 1 52  ? -1.835  5.161   -3.344  1.00 6.07  ? 52  PHE A CA    1 
ATOM   294  C C     . PHE A 1 52  ? -1.503  3.866   -2.621  1.00 7.03  ? 52  PHE A C     1 
ATOM   295  O O     . PHE A 1 52  ? -2.369  3.009   -2.400  1.00 6.63  ? 52  PHE A O     1 
ATOM   296  C CB    . PHE A 1 52  ? -1.700  6.366   -2.405  1.00 6.96  ? 52  PHE A CB    1 
ATOM   297  C CG    . PHE A 1 52  ? -2.623  6.316   -1.191  1.00 6.85  ? 52  PHE A CG    1 
ATOM   298  C CD1   . PHE A 1 52  ? -2.209  5.700   -0.023  1.00 6.52  ? 52  PHE A CD1   1 
ATOM   299  C CD2   . PHE A 1 52  ? -3.868  6.914   -1.229  1.00 7.19  ? 52  PHE A CD2   1 
ATOM   300  C CE1   . PHE A 1 52  ? -3.031  5.676   1.121   1.00 8.51  ? 52  PHE A CE1   1 
ATOM   301  C CE2   . PHE A 1 52  ? -4.702  6.896   -0.088  1.00 8.15  ? 52  PHE A CE2   1 
ATOM   302  C CZ    . PHE A 1 52  ? -4.286  6.280   1.084   1.00 6.32  ? 52  PHE A CZ    1 
ATOM   303  N N     . LEU A 1 53  ? -0.222  3.697   -2.308  1.00 6.26  ? 53  LEU A N     1 
ATOM   304  C CA    . LEU A 1 53  ? 0.255   2.513   -1.619  1.00 7.12  ? 53  LEU A CA    1 
ATOM   305  C C     . LEU A 1 53  ? 0.895   2.873   -0.264  1.00 7.25  ? 53  LEU A C     1 
ATOM   306  O O     . LEU A 1 53  ? 1.481   3.965   -0.086  1.00 7.16  ? 53  LEU A O     1 
ATOM   307  C CB    . LEU A 1 53  ? 1.305   1.797   -2.469  1.00 8.91  ? 53  LEU A CB    1 
ATOM   308  C CG    . LEU A 1 53  ? 0.963   1.486   -3.931  1.00 10.00 ? 53  LEU A CG    1 
ATOM   309  C CD1   . LEU A 1 53  ? 2.228   0.986   -4.705  1.00 10.97 ? 53  LEU A CD1   1 
ATOM   310  C CD2   . LEU A 1 53  ? -0.169  0.456   -4.044  1.00 11.37 ? 53  LEU A CD2   1 
ATOM   311  N N     . VAL A 1 54  ? 0.782   1.942   0.675   1.00 7.04  ? 54  VAL A N     1 
ATOM   312  C CA    . VAL A 1 54  ? 1.379   2.104   1.974   1.00 7.05  ? 54  VAL A CA    1 
ATOM   313  C C     . VAL A 1 54  ? 2.306   0.921   2.129   1.00 8.43  ? 54  VAL A C     1 
ATOM   314  O O     . VAL A 1 54  ? 1.887   -0.244  2.015   1.00 9.18  ? 54  VAL A O     1 
ATOM   315  C CB    . VAL A 1 54  ? 0.348   2.088   3.095   1.00 8.24  ? 54  VAL A CB    1 
ATOM   316  C CG1   . VAL A 1 54  ? 1.061   2.345   4.448   1.00 8.83  ? 54  VAL A CG1   1 
ATOM   317  C CG2   . VAL A 1 54  ? -0.711  3.126   2.811   1.00 7.04  ? 54  VAL A CG2   1 
ATOM   318  N N     . ILE A 1 55  ? 3.594   1.200   2.288   1.00 9.93  ? 55  ILE A N     1 
ATOM   319  C CA    . ILE A 1 55  ? 4.553   0.107   2.420   1.00 10.91 ? 55  ILE A CA    1 
ATOM   320  C C     . ILE A 1 55  ? 5.381   0.209   3.696   1.00 10.54 ? 55  ILE A C     1 
ATOM   321  O O     . ILE A 1 55  ? 5.732   1.310   4.167   1.00 10.32 ? 55  ILE A O     1 
ATOM   322  C CB    . ILE A 1 55  ? 5.518   -0.010  1.197   1.00 12.82 ? 55  ILE A CB    1 
ATOM   323  C CG1   . ILE A 1 55  ? 6.723   0.885   1.410   1.00 13.37 ? 55  ILE A CG1   1 
ATOM   324  C CG2   . ILE A 1 55  ? 4.806   0.369   -0.145  1.00 14.00 ? 55  ILE A CG2   1 
ATOM   325  C CD1   . ILE A 1 55  ? 7.881   0.448   0.612   1.00 16.81 ? 55  ILE A CD1   1 
ATOM   326  N N     . PRO A 1 56  ? 5.610   -0.938  4.336   1.00 10.05 ? 56  PRO A N     1 
ATOM   327  C CA    . PRO A 1 56  ? 6.410   -0.984  5.574   1.00 10.79 ? 56  PRO A CA    1 
ATOM   328  C C     . PRO A 1 56  ? 7.914   -0.899  5.231   1.00 10.10 ? 56  PRO A C     1 
ATOM   329  O O     . PRO A 1 56  ? 8.361   -1.353  4.156   1.00 8.92  ? 56  PRO A O     1 
ATOM   330  C CB    . PRO A 1 56  ? 6.074   -2.360  6.162   1.00 10.92 ? 56  PRO A CB    1 
ATOM   331  C CG    . PRO A 1 56  ? 5.853   -3.201  4.915   1.00 11.56 ? 56  PRO A CG    1 
ATOM   332  C CD    . PRO A 1 56  ? 5.166   -2.279  3.908   1.00 10.36 ? 56  PRO A CD    1 
ATOM   333  N N     . LYS A 1 57  ? 8.675   -0.279  6.111   1.00 9.62  ? 57  LYS A N     1 
ATOM   334  C CA    . LYS A 1 57  ? 10.096  -0.194  5.878   1.00 10.72 ? 57  LYS A CA    1 
ATOM   335  C C     . LYS A 1 57  ? 10.735  -1.569  5.996   1.00 11.48 ? 57  LYS A C     1 
ATOM   336  O O     . LYS A 1 57  ? 11.742  -1.861  5.307   1.00 11.13 ? 57  LYS A O     1 
ATOM   337  C CB    . LYS A 1 57  ? 10.736  0.840   6.807   1.00 11.63 ? 57  LYS A CB    1 
ATOM   338  C CG    . LYS A 1 57  ? 10.390  2.255   6.329   1.00 11.52 ? 57  LYS A CG    1 
ATOM   339  C CD    . LYS A 1 57  ? 10.775  3.347   7.298   1.00 11.93 ? 57  LYS A CD    1 
ATOM   340  C CE    . LYS A 1 57  ? 10.503  4.710   6.702   1.00 10.44 ? 57  LYS A CE    1 
ATOM   341  N NZ    . LYS A 1 57  ? 10.878  5.812   7.650   1.00 11.32 ? 57  LYS A NZ    1 
ATOM   342  N N     . LYS A 1 58  ? 10.166  -2.421  6.856   1.00 10.13 ? 58  LYS A N     1 
ATOM   343  C CA    . LYS A 1 58  ? 10.671  -3.776  7.007   1.00 10.01 ? 58  LYS A CA    1 
ATOM   344  C C     . LYS A 1 58  ? 10.344  -4.583  5.755   1.00 9.66  ? 58  LYS A C     1 
ATOM   345  O O     . LYS A 1 58  ? 9.232   -4.474  5.184   1.00 9.84  ? 58  LYS A O     1 
ATOM   346  C CB    . LYS A 1 58  ? 10.027  -4.491  8.210   1.00 10.34 ? 58  LYS A CB    1 
ATOM   347  C CG    . LYS A 1 58  ? 10.478  -5.942  8.376   1.00 11.47 ? 58  LYS A CG    1 
ATOM   348  C CD    . LYS A 1 58  ? 9.712   -6.656  9.498   1.00 13.55 ? 58  LYS A CD    1 
ATOM   349  C CE    . LYS A 1 58  ? 10.049  -8.143  9.520   1.00 14.36 ? 58  LYS A CE    1 
ATOM   350  N NZ    . LYS A 1 58  ? 9.534   -8.846  10.730  1.00 15.99 ? 58  LYS A NZ    1 
ATOM   351  N N     . HIS A 1 59  ? 11.280  -5.433  5.354   1.00 9.08  ? 59  HIS A N     1 
ATOM   352  C CA    . HIS A 1 59  ? 11.037  -6.261  4.201   1.00 10.19 ? 59  HIS A CA    1 
ATOM   353  C C     . HIS A 1 59  ? 10.416  -7.620  4.531   1.00 9.98  ? 59  HIS A C     1 
ATOM   354  O O     . HIS A 1 59  ? 10.971  -8.389  5.314   1.00 10.37 ? 59  HIS A O     1 
ATOM   355  C CB    . HIS A 1 59  ? 12.307  -6.529  3.399   1.00 11.71 ? 59  HIS A CB    1 
ATOM   356  C CG    . HIS A 1 59  ? 12.052  -7.312  2.140   1.00 14.41 ? 59  HIS A CG    1 
ATOM   357  N ND1   . HIS A 1 59  ? 11.251  -6.839  1.115   1.00 13.48 ? 59  HIS A ND1   1 
ATOM   358  C CD2   . HIS A 1 59  ? 12.449  -8.554  1.764   1.00 13.51 ? 59  HIS A CD2   1 
ATOM   359  C CE1   . HIS A 1 59  ? 11.174  -7.747  0.161   1.00 13.83 ? 59  HIS A CE1   1 
ATOM   360  N NE2   . HIS A 1 59  ? 11.892  -8.795  0.528   1.00 15.78 ? 59  HIS A NE2   1 
ATOM   361  N N     . ILE A 1 60  ? 9.244   -7.859  3.932   1.00 10.49 ? 60  ILE A N     1 
ATOM   362  C CA    . ILE A 1 60  ? 8.508   -9.134  3.986   1.00 10.24 ? 60  ILE A CA    1 
ATOM   363  C C     . ILE A 1 60  ? 8.138   -9.335  2.504   1.00 10.28 ? 60  ILE A C     1 
ATOM   364  O O     . ILE A 1 60  ? 7.513   -8.487  1.893   1.00 10.27 ? 60  ILE A O     1 
ATOM   365  C CB    . ILE A 1 60  ? 7.237   -9.047  4.849   1.00 9.97  ? 60  ILE A CB    1 
ATOM   366  C CG1   . ILE A 1 60  ? 7.617   -8.614  6.271   1.00 9.84  ? 60  ILE A CG1   1 
ATOM   367  C CG2   . ILE A 1 60  ? 6.554   -10.413 4.867   1.00 8.54  ? 60  ILE A CG2   1 
ATOM   368  C CD1   . ILE A 1 60  ? 6.439   -8.201  7.168   1.00 11.72 ? 60  ILE A CD1   1 
ATOM   369  N N     . SER A 1 61  ? 8.596   -10.404 1.887   1.00 11.02 ? 61  SER A N     1 
ATOM   370  C CA    . SER A 1 61  ? 8.315   -10.565 0.470   1.00 12.07 ? 61  SER A CA    1 
ATOM   371  C C     . SER A 1 61  ? 6.807   -10.686 0.106   1.00 11.91 ? 61  SER A C     1 
ATOM   372  O O     . SER A 1 61  ? 6.343   -10.117 -0.902  1.00 11.70 ? 61  SER A O     1 
ATOM   373  C CB    . SER A 1 61  ? 9.135   -11.736 -0.101  1.00 13.25 ? 61  SER A CB    1 
ATOM   374  O OG    . SER A 1 61  ? 8.601   -12.949 0.372   1.00 16.25 ? 61  SER A OG    1 
ATOM   375  N N     . GLN A 1 62  ? 6.042   -11.370 0.946   1.00 11.94 ? 62  GLN A N     1 
ATOM   376  C CA    . GLN A 1 62  ? 4.619   -11.542 0.653   1.00 12.85 ? 62  GLN A CA    1 
ATOM   377  C C     . GLN A 1 62  ? 3.914   -11.887 1.958   1.00 13.13 ? 62  GLN A C     1 
ATOM   378  O O     . GLN A 1 62  ? 4.507   -12.436 2.880   1.00 11.72 ? 62  GLN A O     1 
ATOM   379  C CB    . GLN A 1 62  ? 4.394   -12.596 -0.429  1.00 12.38 ? 62  GLN A CB    1 
ATOM   380  C CG    . GLN A 1 62  ? 5.015   -13.948 -0.129  1.00 14.97 ? 62  GLN A CG    1 
ATOM   381  C CD    . GLN A 1 62  ? 5.332   -14.747 -1.398  1.00 17.22 ? 62  GLN A CD    1 
ATOM   382  O OE1   . GLN A 1 62  ? 6.491   -14.827 -1.806  1.00 20.14 ? 62  GLN A OE1   1 
ATOM   383  N NE2   . GLN A 1 62  ? 4.325   -15.359 -2.001  1.00 17.81 ? 62  GLN A NE2   1 
ATOM   384  N N     . ILE A 1 63  ? 2.640   -11.527 2.026   1.00 13.82 ? 63  ILE A N     1 
ATOM   385  C CA    . ILE A 1 63  ? 1.904   -11.713 3.242   1.00 13.70 ? 63  ILE A CA    1 
ATOM   386  C C     . ILE A 1 63  ? 1.797   -13.180 3.647   1.00 13.15 ? 63  ILE A C     1 
ATOM   387  O O     . ILE A 1 63  ? 1.699   -13.483 4.846   1.00 14.09 ? 63  ILE A O     1 
ATOM   388  C CB    . ILE A 1 63  ? 0.551   -10.956 3.164   1.00 14.14 ? 63  ILE A CB    1 
ATOM   389  C CG1   . ILE A 1 63  ? 0.102   -10.527 4.572   1.00 16.83 ? 63  ILE A CG1   1 
ATOM   390  C CG2   . ILE A 1 63  ? -0.446  -11.765 2.434   1.00 15.07 ? 63  ILE A CG2   1 
ATOM   391  C CD1   . ILE A 1 63  ? -1.181  -9.759  4.604   1.00 19.86 ? 63  ILE A CD1   1 
ATOM   392  N N     . SER A 1 64  ? 1.902   -14.097 2.684   1.00 12.10 ? 64  SER A N     1 
ATOM   393  C CA    . SER A 1 64  ? 1.826   -15.509 3.005   1.00 12.68 ? 64  SER A CA    1 
ATOM   394  C C     . SER A 1 64  ? 3.016   -15.949 3.866   1.00 13.15 ? 64  SER A C     1 
ATOM   395  O O     . SER A 1 64  ? 2.994   -17.031 4.451   1.00 13.96 ? 64  SER A O     1 
ATOM   396  C CB    . SER A 1 64  ? 1.758   -16.379 1.740   1.00 13.71 ? 64  SER A CB    1 
ATOM   397  O OG    . SER A 1 64  ? 2.961   -16.259 0.979   1.00 15.57 ? 64  SER A OG    1 
ATOM   398  N N     . VAL A 1 65  ? 4.076   -15.139 3.907   1.00 13.16 ? 65  VAL A N     1 
ATOM   399  C CA    . VAL A 1 65  ? 5.243   -15.482 4.720   1.00 14.21 ? 65  VAL A CA    1 
ATOM   400  C C     . VAL A 1 65  ? 5.398   -14.551 5.922   1.00 14.04 ? 65  VAL A C     1 
ATOM   401  O O     . VAL A 1 65  ? 6.367   -14.649 6.672   1.00 13.23 ? 65  VAL A O     1 
ATOM   402  C CB    . VAL A 1 65  ? 6.607   -15.611 3.877   1.00 15.66 ? 65  VAL A CB    1 
ATOM   403  C CG1   . VAL A 1 65  ? 6.491   -16.720 2.827   1.00 16.05 ? 65  VAL A CG1   1 
ATOM   404  C CG2   . VAL A 1 65  ? 6.990   -14.296 3.189   1.00 15.59 ? 65  VAL A CG2   1 
ATOM   405  N N     . ALA A 1 66  ? 4.428   -13.660 6.127   1.00 13.85 ? 66  ALA A N     1 
ATOM   406  C CA    . ALA A 1 66  ? 4.478   -12.746 7.301   1.00 13.98 ? 66  ALA A CA    1 
ATOM   407  C C     . ALA A 1 66  ? 4.317   -13.608 8.587   1.00 12.98 ? 66  ALA A C     1 
ATOM   408  O O     . ALA A 1 66  ? 3.635   -14.652 8.590   1.00 11.62 ? 66  ALA A O     1 
ATOM   409  C CB    . ALA A 1 66  ? 3.349   -11.658 7.249   1.00 14.58 ? 66  ALA A CB    1 
ATOM   410  N N     . GLU A 1 67  ? 4.955   -13.155 9.654   1.00 12.51 ? 67  GLU A N     1 
ATOM   411  C CA    . GLU A 1 67  ? 4.937   -13.886 10.911  1.00 13.11 ? 67  GLU A CA    1 
ATOM   412  C C     . GLU A 1 67  ? 3.885   -13.318 11.876  1.00 11.67 ? 67  GLU A C     1 
ATOM   413  O O     . GLU A 1 67  ? 3.449   -12.184 11.726  1.00 10.88 ? 67  GLU A O     1 
ATOM   414  C CB    . GLU A 1 67  ? 6.364   -13.866 11.500  1.00 15.48 ? 67  GLU A CB    1 
ATOM   415  C CG    . GLU A 1 67  ? 7.354   -14.729 10.682  1.00 20.79 ? 67  GLU A CG    1 
ATOM   416  C CD    . GLU A 1 67  ? 8.847   -14.488 11.002  1.00 24.97 ? 67  GLU A CD    1 
ATOM   417  O OE1   . GLU A 1 67  ? 9.193   -13.541 11.767  1.00 26.67 ? 67  GLU A OE1   1 
ATOM   418  O OE2   . GLU A 1 67  ? 9.688   -15.251 10.439  1.00 28.33 ? 67  GLU A OE2   1 
ATOM   419  N N     . ASP A 1 68  ? 3.533   -14.081 12.903  1.00 10.38 ? 68  ASP A N     1 
ATOM   420  C CA    . ASP A 1 68  ? 2.532   -13.637 13.863  1.00 10.93 ? 68  ASP A CA    1 
ATOM   421  C C     . ASP A 1 68  ? 2.880   -12.307 14.420  1.00 10.41 ? 68  ASP A C     1 
ATOM   422  O O     . ASP A 1 68  ? 2.037   -11.459 14.620  1.00 11.71 ? 68  ASP A O     1 
ATOM   423  C CB    . ASP A 1 68  ? 2.419   -14.609 15.047  1.00 12.14 ? 68  ASP A CB    1 
ATOM   424  C CG    . ASP A 1 68  ? 1.799   -15.934 14.668  1.00 13.05 ? 68  ASP A CG    1 
ATOM   425  O OD1   . ASP A 1 68  ? 0.955   -15.973 13.739  1.00 14.73 ? 68  ASP A OD1   1 
ATOM   426  O OD2   . ASP A 1 68  ? 2.187   -16.940 15.304  1.00 11.54 ? 68  ASP A OD2   1 
ATOM   427  N N     . ASP A 1 69  ? 4.159   -12.139 14.654  1.00 10.34 ? 69  ASP A N     1 
ATOM   428  C CA    . ASP A 1 69  ? 4.729   -10.951 15.250  1.00 12.46 ? 69  ASP A CA    1 
ATOM   429  C C     . ASP A 1 69  ? 4.662   -9.676  14.386  1.00 11.07 ? 69  ASP A C     1 
ATOM   430  O O     . ASP A 1 69  ? 4.977   -8.583  14.850  1.00 12.27 ? 69  ASP A O     1 
ATOM   431  C CB    . ASP A 1 69  ? 6.150   -11.356 15.622  1.00 16.25 ? 69  ASP A CB    1 
ATOM   432  C CG    . ASP A 1 69  ? 6.204   -12.842 16.141  1.00 21.28 ? 69  ASP A CG    1 
ATOM   433  O OD1   . ASP A 1 69  ? 6.240   -13.879 15.317  1.00 17.27 ? 69  ASP A OD1   1 
ATOM   434  O OD2   . ASP A 1 69  ? 6.131   -12.915 17.411  1.00 22.52 ? 69  ASP A OD2   1 
ATOM   435  N N     . ASP A 1 70  ? 4.286   -9.832  13.128  1.00 9.40  ? 70  ASP A N     1 
ATOM   436  C CA    . ASP A 1 70  ? 4.115   -8.705  12.212  1.00 9.67  ? 70  ASP A CA    1 
ATOM   437  C C     . ASP A 1 70  ? 2.686   -8.139  12.223  1.00 10.43 ? 70  ASP A C     1 
ATOM   438  O O     . ASP A 1 70  ? 2.404   -7.216  11.483  1.00 10.19 ? 70  ASP A O     1 
ATOM   439  C CB    . ASP A 1 70  ? 4.425   -9.142  10.785  1.00 9.68  ? 70  ASP A CB    1 
ATOM   440  C CG    . ASP A 1 70  ? 5.882   -9.472  10.588  1.00 10.40 ? 70  ASP A CG    1 
ATOM   441  O OD1   . ASP A 1 70  ? 6.725   -8.645  11.010  1.00 11.09 ? 70  ASP A OD1   1 
ATOM   442  O OD2   . ASP A 1 70  ? 6.163   -10.531 9.994   1.00 10.58 ? 70  ASP A OD2   1 
ATOM   443  N N     . GLU A 1 71  ? 1.774   -8.703  13.032  1.00 10.46 ? 71  GLU A N     1 
ATOM   444  C CA    . GLU A 1 71  ? 0.396   -8.205  13.043  1.00 10.95 ? 71  GLU A CA    1 
ATOM   445  C C     . GLU A 1 71  ? 0.271   -6.713  13.250  1.00 10.00 ? 71  GLU A C     1 
ATOM   446  O O     . GLU A 1 71  ? -0.530  -6.052  12.594  1.00 10.54 ? 71  GLU A O     1 
ATOM   447  C CB    . GLU A 1 71  ? -0.422  -8.865  14.150  1.00 12.55 ? 71  GLU A CB    1 
ATOM   448  C CG    . GLU A 1 71  ? -0.637  -10.317 13.906  1.00 17.26 ? 71  GLU A CG    1 
ATOM   449  C CD    . GLU A 1 71  ? -1.529  -10.967 14.966  1.00 15.97 ? 71  GLU A CD    1 
ATOM   450  O OE1   . GLU A 1 71  ? -1.789  -10.323 16.026  1.00 17.76 ? 71  GLU A OE1   1 
ATOM   451  O OE2   . GLU A 1 71  ? -1.920  -12.115 14.690  1.00 17.86 ? 71  GLU A OE2   1 
ATOM   452  N N     . SER A 1 72  ? 1.006   -6.175  14.206  1.00 10.12 ? 72  SER A N     1 
ATOM   453  C CA    . SER A 1 72  ? 0.877   -4.747  14.472  1.00 11.40 ? 72  SER A CA    1 
ATOM   454  C C     . SER A 1 72  ? 1.347   -3.912  13.290  1.00 10.32 ? 72  SER A C     1 
ATOM   455  O O     . SER A 1 72  ? 0.707   -2.920  12.951  1.00 10.25 ? 72  SER A O     1 
ATOM   456  C CB    . SER A 1 72  ? 1.562   -4.347  15.783  1.00 13.74 ? 72  SER A CB    1 
ATOM   457  O OG    . SER A 1 72  ? 2.946   -4.677  15.780  1.00 19.34 ? 72  SER A OG    1 
ATOM   458  N N     . LEU A 1 73  ? 2.432   -4.342  12.644  1.00 9.88  ? 73  LEU A N     1 
ATOM   459  C CA    . LEU A 1 73  ? 2.952   -3.635  11.482  1.00 8.90  ? 73  LEU A CA    1 
ATOM   460  C C     . LEU A 1 73  ? 1.897   -3.642  10.341  1.00 8.89  ? 73  LEU A C     1 
ATOM   461  O O     . LEU A 1 73  ? 1.607   -2.583  9.742   1.00 8.92  ? 73  LEU A O     1 
ATOM   462  C CB    . LEU A 1 73  ? 4.264   -4.278  11.066  1.00 9.75  ? 73  LEU A CB    1 
ATOM   463  C CG    . LEU A 1 73  ? 4.869   -3.807  9.739   1.00 12.33 ? 73  LEU A CG    1 
ATOM   464  C CD1   . LEU A 1 73  ? 5.160   -2.297  9.833   1.00 12.48 ? 73  LEU A CD1   1 
ATOM   465  C CD2   . LEU A 1 73  ? 6.106   -4.653  9.365   1.00 12.20 ? 73  LEU A CD2   1 
ATOM   466  N N     . LEU A 1 74  ? 1.302   -4.818  10.080  1.00 7.93  ? 74  LEU A N     1 
ATOM   467  C CA    . LEU A 1 74  ? 0.247   -4.964  9.073   1.00 8.01  ? 74  LEU A CA    1 
ATOM   468  C C     . LEU A 1 74  ? -0.996  -4.065  9.406   1.00 6.05  ? 74  LEU A C     1 
ATOM   469  O O     . LEU A 1 74  ? -1.551  -3.389  8.526   1.00 7.54  ? 74  LEU A O     1 
ATOM   470  C CB    . LEU A 1 74  ? -0.159  -6.443  8.932   1.00 8.62  ? 74  LEU A CB    1 
ATOM   471  C CG    . LEU A 1 74  ? 0.926   -7.401  8.415   1.00 8.88  ? 74  LEU A CG    1 
ATOM   472  C CD1   . LEU A 1 74  ? 0.374   -8.802  8.402   1.00 8.64  ? 74  LEU A CD1   1 
ATOM   473  C CD2   . LEU A 1 74  ? 1.380   -7.020  6.996   1.00 8.67  ? 74  LEU A CD2   1 
ATOM   474  N N     . GLY A 1 75  ? -1.419  -4.062  10.665  1.00 6.60  ? 75  GLY A N     1 
ATOM   475  C CA    . GLY A 1 75  ? -2.529  -3.221  11.064  1.00 7.24  ? 75  GLY A CA    1 
ATOM   476  C C     . GLY A 1 75  ? -2.128  -1.749  10.883  1.00 8.05  ? 75  GLY A C     1 
ATOM   477  O O     . GLY A 1 75  ? -2.936  -0.892  10.506  1.00 8.65  ? 75  GLY A O     1 
ATOM   478  N N     . HIS A 1 76  ? -0.867  -1.447  11.155  1.00 6.92  ? 76  HIS A N     1 
ATOM   479  C CA    . HIS A 1 76  ? -0.364  -0.074  11.027  1.00 7.15  ? 76  HIS A CA    1 
ATOM   480  C C     . HIS A 1 76  ? -0.542  0.456   9.610   1.00 7.19  ? 76  HIS A C     1 
ATOM   481  O O     . HIS A 1 76  ? -0.918  1.614   9.419   1.00 7.54  ? 76  HIS A O     1 
ATOM   482  C CB    . HIS A 1 76  ? 1.124   -0.009  11.438  1.00 7.16  ? 76  HIS A CB    1 
ATOM   483  C CG    . HIS A 1 76  ? 1.602   1.389   11.692  1.00 9.05  ? 76  HIS A CG    1 
ATOM   484  N ND1   . HIS A 1 76  ? 2.463   2.056   10.839  1.00 11.62 ? 76  HIS A ND1   1 
ATOM   485  C CD2   . HIS A 1 76  ? 1.232   2.295   12.629  1.00 8.64  ? 76  HIS A CD2   1 
ATOM   486  C CE1   . HIS A 1 76  ? 2.588   3.313   11.237  1.00 8.08  ? 76  HIS A CE1   1 
ATOM   487  N NE2   . HIS A 1 76  ? 1.853   3.482   12.318  1.00 12.69 ? 76  HIS A NE2   1 
ATOM   488  N N     . LEU A 1 77  ? -0.228  -0.381  8.609   1.00 8.24  ? 77  LEU A N     1 
ATOM   489  C CA    . LEU A 1 77  ? -0.401  -0.016  7.197   1.00 8.21  ? 77  LEU A CA    1 
ATOM   490  C C     . LEU A 1 77  ? -1.862  0.408   6.960   1.00 9.05  ? 77  LEU A C     1 
ATOM   491  O O     . LEU A 1 77  ? -2.116  1.385   6.252   1.00 10.13 ? 77  LEU A O     1 
ATOM   492  C CB    . LEU A 1 77  ? -0.063  -1.195  6.277   1.00 8.83  ? 77  LEU A CB    1 
ATOM   493  C CG    . LEU A 1 77  ? 1.356   -1.783  6.327   1.00 9.64  ? 77  LEU A CG    1 
ATOM   494  C CD1   . LEU A 1 77  ? 1.521   -2.914  5.306   1.00 8.51  ? 77  LEU A CD1   1 
ATOM   495  C CD2   . LEU A 1 77  ? 2.337   -0.656  6.050   1.00 10.08 ? 77  LEU A CD2   1 
ATOM   496  N N     . MET A 1 78  ? -2.826  -0.311  7.559   1.00 8.36  ? 78  MET A N     1 
ATOM   497  C CA    . MET A 1 78  ? -4.236  0.069   7.405   1.00 9.22  ? 78  MET A CA    1 
ATOM   498  C C     . MET A 1 78  ? -4.606  1.394   8.097   1.00 6.70  ? 78  MET A C     1 
ATOM   499  O O     . MET A 1 78  ? -5.382  2.177   7.561   1.00 6.65  ? 78  MET A O     1 
ATOM   500  C CB    . MET A 1 78  ? -5.186  -1.070  7.856   1.00 10.00 ? 78  MET A CB    1 
ATOM   501  C CG    . MET A 1 78  ? -5.354  -2.155  6.806   1.00 13.81 ? 78  MET A CG    1 
ATOM   502  S SD    . MET A 1 78  ? -6.456  -3.484  7.433   1.00 17.02 ? 78  MET A SD    1 
ATOM   503  C CE    . MET A 1 78  ? -5.407  -4.217  8.438   1.00 16.28 ? 78  MET A CE    1 
ATOM   504  N N     . ILE A 1 79  ? -4.102  1.605   9.315   1.00 7.95  ? 79  ILE A N     1 
ATOM   505  C CA    . ILE A 1 79  ? -4.369  2.838   10.056  1.00 8.22  ? 79  ILE A CA    1 
ATOM   506  C C     . ILE A 1 79  ? -3.762  4.032   9.306   1.00 7.98  ? 79  ILE A C     1 
ATOM   507  O O     . ILE A 1 79  ? -4.405  5.079   9.162   1.00 8.01  ? 79  ILE A O     1 
ATOM   508  C CB    . ILE A 1 79  ? -3.858  2.778   11.533  1.00 9.41  ? 79  ILE A CB    1 
ATOM   509  C CG1   . ILE A 1 79  ? -4.775  1.865   12.362  1.00 9.17  ? 79  ILE A CG1   1 
ATOM   510  C CG2   . ILE A 1 79  ? -3.840  4.175   12.189  1.00 9.16  ? 79  ILE A CG2   1 
ATOM   511  C CD1   . ILE A 1 79  ? -6.248  2.226   12.233  1.00 9.89  ? 79  ILE A CD1   1 
ATOM   512  N N     . VAL A 1 80  ? -2.558  3.827   8.759   1.00 7.72  ? 80  VAL A N     1 
ATOM   513  C CA    . VAL A 1 80  ? -1.885  4.873   7.964   1.00 8.06  ? 80  VAL A CA    1 
ATOM   514  C C     . VAL A 1 80  ? -2.656  5.103   6.640   1.00 6.69  ? 80  VAL A C     1 
ATOM   515  O O     . VAL A 1 80  ? -2.842  6.251   6.214   1.00 7.14  ? 80  VAL A O     1 
ATOM   516  C CB    . VAL A 1 80  ? -0.367  4.531   7.729   1.00 8.07  ? 80  VAL A CB    1 
ATOM   517  C CG1   . VAL A 1 80  ? 0.251   5.501   6.667   1.00 9.32  ? 80  VAL A CG1   1 
ATOM   518  C CG2   . VAL A 1 80  ? 0.400   4.671   9.062   1.00 6.44  ? 80  VAL A CG2   1 
ATOM   519  N N     . GLY A 1 81  ? -3.111  4.013   6.009   1.00 7.65  ? 81  GLY A N     1 
ATOM   520  C CA    . GLY A 1 81  ? -3.919  4.160   4.810   1.00 9.58  ? 81  GLY A CA    1 
ATOM   521  C C     . GLY A 1 81  ? -5.216  4.966   5.114   1.00 10.03 ? 81  GLY A C     1 
ATOM   522  O O     . GLY A 1 81  ? -5.654  5.798   4.310   1.00 9.84  ? 81  GLY A O     1 
ATOM   523  N N     . LYS A 1 82  ? -5.845  4.699   6.261   1.00 9.97  ? 82  LYS A N     1 
ATOM   524  C CA    . LYS A 1 82  ? -7.048  5.418   6.681   1.00 10.78 ? 82  LYS A CA    1 
ATOM   525  C C     . LYS A 1 82  ? -6.710  6.903   6.840   1.00 9.74  ? 82  LYS A C     1 
ATOM   526  O O     . LYS A 1 82  ? -7.431  7.770   6.350   1.00 10.03 ? 82  LYS A O     1 
ATOM   527  C CB    . LYS A 1 82  ? -7.530  4.872   8.040   1.00 12.17 ? 82  LYS A CB    1 
ATOM   528  C CG    . LYS A 1 82  ? -8.514  5.802   8.777   1.00 15.35 ? 82  LYS A CG    1 
ATOM   529  C CD    . LYS A 1 82  ? -8.796  5.341   10.231  1.00 15.76 ? 82  LYS A CD    1 
ATOM   530  C CE    . LYS A 1 82  ? -7.656  5.707   11.148  1.00 17.46 ? 82  LYS A CE    1 
ATOM   531  N NZ    . LYS A 1 82  ? -7.849  7.031   11.714  1.00 17.86 ? 82  LYS A NZ    1 
ATOM   532  N N     . LYS A 1 83  ? -5.654  7.202   7.587   1.00 9.13  ? 83  LYS A N     1 
ATOM   533  C CA    . LYS A 1 83  ? -5.244  8.595   7.762   1.00 9.75  ? 83  LYS A CA    1 
ATOM   534  C C     . LYS A 1 83  ? -4.946  9.314   6.443   1.00 8.81  ? 83  LYS A C     1 
ATOM   535  O O     . LYS A 1 83  ? -5.394  10.432  6.236   1.00 9.34  ? 83  LYS A O     1 
ATOM   536  C CB    . LYS A 1 83  ? -4.036  8.687   8.691   1.00 12.74 ? 83  LYS A CB    1 
ATOM   537  C CG    . LYS A 1 83  ? -4.410  8.307   10.140  1.00 17.60 ? 83  LYS A CG    1 
ATOM   538  C CD    . LYS A 1 83  ? -3.197  8.196   11.097  1.00 19.88 ? 83  LYS A CD    1 
ATOM   539  C CE    . LYS A 1 83  ? -3.744  7.961   12.510  1.00 21.90 ? 83  LYS A CE    1 
ATOM   540  N NZ    . LYS A 1 83  ? -2.736  7.750   13.555  1.00 22.31 ? 83  LYS A NZ    1 
ATOM   541  N N     . CYS A 1 84  ? -4.182  8.681   5.561   1.00 7.96  ? 84  CYS A N     1 
ATOM   542  C CA    . CYS A 1 84  ? -3.859  9.305   4.267   1.00 8.89  ? 84  CYS A CA    1 
ATOM   543  C C     . CYS A 1 84  ? -5.135  9.532   3.446   1.00 8.75  ? 84  CYS A C     1 
ATOM   544  O O     . CYS A 1 84  ? -5.284  10.551  2.778   1.00 9.38  ? 84  CYS A O     1 
ATOM   545  C CB    . CYS A 1 84  ? -2.840  8.453   3.469   1.00 9.90  ? 84  CYS A CB    1 
ATOM   546  S SG    . CYS A 1 84  ? -1.157  8.387   4.203   1.00 10.81 ? 84  CYS A SG    1 
ATOM   547  N N     . ALA A 1 85  ? -6.031  8.553   3.446   1.00 8.08  ? 85  ALA A N     1 
ATOM   548  C CA    . ALA A 1 85  ? -7.274  8.666   2.704   1.00 8.79  ? 85  ALA A CA    1 
ATOM   549  C C     . ALA A 1 85  ? -8.031  9.922   3.187   1.00 9.39  ? 85  ALA A C     1 
ATOM   550  O O     . ALA A 1 85  ? -8.600  10.665  2.392   1.00 9.30  ? 85  ALA A O     1 
ATOM   551  C CB    . ALA A 1 85  ? -8.140  7.374   2.915   1.00 8.28  ? 85  ALA A CB    1 
ATOM   552  N N     . ALA A 1 86  ? -8.016  10.160  4.496   1.00 10.71 ? 86  ALA A N     1 
ATOM   553  C CA    . ALA A 1 86  ? -8.703  11.328  5.045   1.00 11.48 ? 86  ALA A CA    1 
ATOM   554  C C     . ALA A 1 86  ? -7.969  12.582  4.580   1.00 11.36 ? 86  ALA A C     1 
ATOM   555  O O     . ALA A 1 86  ? -8.590  13.534  4.090   1.00 12.97 ? 86  ALA A O     1 
ATOM   556  C CB    . ALA A 1 86  ? -8.782  11.260  6.581   1.00 10.55 ? 86  ALA A CB    1 
ATOM   557  N N     . ASP A 1 87  ? -6.648  12.555  4.666   1.00 10.44 ? 87  ASP A N     1 
ATOM   558  C CA    . ASP A 1 87  ? -5.852  13.700  4.248   1.00 11.04 ? 87  ASP A CA    1 
ATOM   559  C C     . ASP A 1 87  ? -6.119  14.052  2.796   1.00 10.29 ? 87  ASP A C     1 
ATOM   560  O O     . ASP A 1 87  ? -6.148  15.226  2.439   1.00 10.31 ? 87  ASP A O     1 
ATOM   561  C CB    . ASP A 1 87  ? -4.352  13.420  4.457   1.00 12.78 ? 87  ASP A CB    1 
ATOM   562  C CG    . ASP A 1 87  ? -3.465  14.596  4.042   1.00 13.81 ? 87  ASP A CG    1 
ATOM   563  O OD1   . ASP A 1 87  ? -3.661  15.732  4.522   1.00 14.73 ? 87  ASP A OD1   1 
ATOM   564  O OD2   . ASP A 1 87  ? -2.579  14.376  3.210   1.00 17.87 ? 87  ASP A OD2   1 
ATOM   565  N N     . LEU A 1 88  ? -6.340  13.028  1.974   1.00 9.78  ? 88  LEU A N     1 
ATOM   566  C CA    . LEU A 1 88  ? -6.584  13.208  0.536   1.00 11.57 ? 88  LEU A CA    1 
ATOM   567  C C     . LEU A 1 88  ? -8.048  13.477  0.154   1.00 11.74 ? 88  LEU A C     1 
ATOM   568  O O     . LEU A 1 88  ? -8.370  13.483  -1.023  1.00 12.42 ? 88  LEU A O     1 
ATOM   569  C CB    . LEU A 1 88  ? -6.070  11.990  -0.262  1.00 10.52 ? 88  LEU A CB    1 
ATOM   570  C CG    . LEU A 1 88  ? -4.569  11.760  -0.086  1.00 11.64 ? 88  LEU A CG    1 
ATOM   571  C CD1   . LEU A 1 88  ? -4.212  10.395  -0.652  1.00 10.28 ? 88  LEU A CD1   1 
ATOM   572  C CD2   . LEU A 1 88  ? -3.761  12.903  -0.758  1.00 11.56 ? 88  LEU A CD2   1 
ATOM   573  N N     . GLY A 1 89  ? -8.925  13.580  1.155   1.00 12.22 ? 89  GLY A N     1 
ATOM   574  C CA    . GLY A 1 89  ? -10.323 13.889  0.907   1.00 12.11 ? 89  GLY A CA    1 
ATOM   575  C C     . GLY A 1 89  ? -11.248 12.780  0.491   1.00 12.17 ? 89  GLY A C     1 
ATOM   576  O O     . GLY A 1 89  ? -12.280 13.072  -0.104  1.00 13.51 ? 89  GLY A O     1 
ATOM   577  N N     . LEU A 1 90  ? -10.943 11.537  0.851   1.00 12.09 ? 90  LEU A N     1 
ATOM   578  C CA    . LEU A 1 90  ? -11.797 10.398  0.475   1.00 13.44 ? 90  LEU A CA    1 
ATOM   579  C C     . LEU A 1 90  ? -12.935 10.180  1.492   1.00 14.09 ? 90  LEU A C     1 
ATOM   580  O O     . LEU A 1 90  ? -13.098 9.098   2.071   1.00 13.78 ? 90  LEU A O     1 
ATOM   581  C CB    . LEU A 1 90  ? -10.944 9.134   0.309   1.00 13.98 ? 90  LEU A CB    1 
ATOM   582  C CG    . LEU A 1 90  ? -9.744  9.394   -0.628  1.00 15.45 ? 90  LEU A CG    1 
ATOM   583  C CD1   . LEU A 1 90  ? -8.976  8.064   -0.805  1.00 15.74 ? 90  LEU A CD1   1 
ATOM   584  C CD2   . LEU A 1 90  ? -10.186 9.973   -1.999  1.00 13.79 ? 90  LEU A CD2   1 
ATOM   585  N N     . ASN A 1 91  ? -13.742 11.218  1.664   1.00 13.92 ? 91  ASN A N     1 
ATOM   586  C CA    . ASN A 1 91  ? -14.843 11.198  2.613   1.00 15.57 ? 91  ASN A CA    1 
ATOM   587  C C     . ASN A 1 91  ? -16.006 10.285  2.205   1.00 14.46 ? 91  ASN A C     1 
ATOM   588  O O     . ASN A 1 91  ? -16.888 10.028  3.017   1.00 14.62 ? 91  ASN A O     1 
ATOM   589  C CB    . ASN A 1 91  ? -15.365 12.631  2.854   1.00 20.06 ? 91  ASN A CB    1 
ATOM   590  C CG    . ASN A 1 91  ? -15.866 13.341  1.551   1.00 25.65 ? 91  ASN A CG    1 
ATOM   591  O OD1   . ASN A 1 91  ? -16.518 12.738  0.674   1.00 29.14 ? 91  ASN A OD1   1 
ATOM   592  N ND2   . ASN A 1 91  ? -15.538 14.629  1.426   1.00 29.97 ? 91  ASN A ND2   1 
ATOM   593  N N     . LYS A 1 92  ? -16.001 9.797   0.974   1.00 12.61 ? 92  LYS A N     1 
ATOM   594  C CA    . LYS A 1 92  ? -17.069 8.938   0.495   1.00 13.82 ? 92  LYS A CA    1 
ATOM   595  C C     . LYS A 1 92  ? -16.710 7.427   0.541   1.00 12.55 ? 92  LYS A C     1 
ATOM   596  O O     . LYS A 1 92  ? -17.527 6.545   0.202   1.00 12.32 ? 92  LYS A O     1 
ATOM   597  C CB    . LYS A 1 92  ? -17.478 9.410   -0.899  1.00 16.83 ? 92  LYS A CB    1 
ATOM   598  C CG    . LYS A 1 92  ? -18.857 8.970   -1.381  1.00 22.60 ? 92  LYS A CG    1 
ATOM   599  C CD    . LYS A 1 92  ? -19.445 10.038  -2.354  1.00 27.31 ? 92  LYS A CD    1 
ATOM   600  C CE    . LYS A 1 92  ? -18.343 10.756  -3.175  1.00 29.26 ? 92  LYS A CE    1 
ATOM   601  N NZ    . LYS A 1 92  ? -18.798 11.929  -4.043  1.00 33.07 ? 92  LYS A NZ    1 
ATOM   602  N N     . GLY A 1 93  ? -15.508 7.140   1.036   1.00 10.41 ? 93  GLY A N     1 
ATOM   603  C CA    . GLY A 1 93  ? -15.077 5.768   1.169   1.00 9.61  ? 93  GLY A CA    1 
ATOM   604  C C     . GLY A 1 93  ? -13.942 5.394   0.250   1.00 8.90  ? 93  GLY A C     1 
ATOM   605  O O     . GLY A 1 93  ? -13.481 6.202   -0.574  1.00 9.36  ? 93  GLY A O     1 
ATOM   606  N N     . TYR A 1 94  ? -13.523 4.148   0.328   1.00 7.69  ? 94  TYR A N     1 
ATOM   607  C CA    . TYR A 1 94  ? -12.412 3.677   -0.489  1.00 7.18  ? 94  TYR A CA    1 
ATOM   608  C C     . TYR A 1 94  ? -12.311 2.185   -0.295  1.00 7.71  ? 94  TYR A C     1 
ATOM   609  O O     . TYR A 1 94  ? -13.031 1.597   0.514   1.00 7.40  ? 94  TYR A O     1 
ATOM   610  C CB    . TYR A 1 94  ? -11.085 4.333   -0.067  1.00 8.10  ? 94  TYR A CB    1 
ATOM   611  C CG    . TYR A 1 94  ? -10.880 4.404   1.446   1.00 9.50  ? 94  TYR A CG    1 
ATOM   612  C CD1   . TYR A 1 94  ? -10.379 3.306   2.171   1.00 9.71  ? 94  TYR A CD1   1 
ATOM   613  C CD2   . TYR A 1 94  ? -11.231 5.561   2.145   1.00 8.37  ? 94  TYR A CD2   1 
ATOM   614  C CE1   . TYR A 1 94  ? -10.243 3.381   3.572   1.00 11.01 ? 94  TYR A CE1   1 
ATOM   615  C CE2   . TYR A 1 94  ? -11.102 5.643   3.518   1.00 11.51 ? 94  TYR A CE2   1 
ATOM   616  C CZ    . TYR A 1 94  ? -10.611 4.567   4.242   1.00 11.05 ? 94  TYR A CZ    1 
ATOM   617  O OH    . TYR A 1 94  ? -10.473 4.718   5.618   1.00 13.07 ? 94  TYR A OH    1 
ATOM   618  N N     . ARG A 1 95  ? -11.373 1.597   -1.011  1.00 7.66  ? 95  ARG A N     1 
ATOM   619  C CA    . ARG A 1 95  ? -11.139 0.168   -0.927  1.00 8.46  ? 95  ARG A CA    1 
ATOM   620  C C     . ARG A 1 95  ? -9.655  -0.115  -0.673  1.00 8.82  ? 95  ARG A C     1 
ATOM   621  O O     . ARG A 1 95  ? -8.789  0.495   -1.318  1.00 9.49  ? 95  ARG A O     1 
ATOM   622  C CB    . ARG A 1 95  ? -11.621 -0.551  -2.225  1.00 8.19  ? 95  ARG A CB    1 
ATOM   623  C CG    . ARG A 1 95  ? -11.329 -2.052  -2.244  1.00 7.26  ? 95  ARG A CG    1 
ATOM   624  C CD    . ARG A 1 95  ? -12.010 -2.759  -3.415  1.00 8.75  ? 95  ARG A CD    1 
ATOM   625  N NE    . ARG A 1 95  ? -13.471 -2.748  -3.275  1.00 7.62  ? 95  ARG A NE    1 
ATOM   626  C CZ    . ARG A 1 95  ? -14.332 -2.898  -4.286  1.00 8.19  ? 95  ARG A CZ    1 
ATOM   627  N NH1   . ARG A 1 95  ? -13.892 -3.071  -5.526  1.00 5.66  ? 95  ARG A NH1   1 
ATOM   628  N NH2   . ARG A 1 95  ? -15.648 -2.864  -4.055  1.00 7.35  ? 95  ARG A NH2   1 
ATOM   629  N N     . MET A 1 96  ? -9.385  -1.016  0.268   1.00 7.76  ? 96  MET A N     1 
ATOM   630  C CA    . MET A 1 96  ? -8.009  -1.430  0.581   1.00 8.06  ? 96  MET A CA    1 
ATOM   631  C C     . MET A 1 96  ? -7.774  -2.805  -0.039  1.00 7.49  ? 96  MET A C     1 
ATOM   632  O O     . MET A 1 96  ? -8.646  -3.683  -0.017  1.00 5.77  ? 96  MET A O     1 
ATOM   633  C CB    . MET A 1 96  ? -7.794  -1.452  2.078   1.00 7.72  ? 96  MET A CB    1 
ATOM   634  C CG    . MET A 1 96  ? -7.803  -0.056  2.651   1.00 11.07 ? 96  MET A CG    1 
ATOM   635  S SD    . MET A 1 96  ? -7.610  -0.098  4.408   1.00 12.36 ? 96  MET A SD    1 
ATOM   636  C CE    . MET A 1 96  ? -7.017  1.615   4.778   1.00 10.88 ? 96  MET A CE    1 
ATOM   637  N N     . VAL A 1 97  ? -6.575  -3.016  -0.556  1.00 7.05  ? 97  VAL A N     1 
ATOM   638  C CA    . VAL A 1 97  ? -6.290  -4.261  -1.241  1.00 7.87  ? 97  VAL A CA    1 
ATOM   639  C C     . VAL A 1 97  ? -4.851  -4.698  -1.022  1.00 7.90  ? 97  VAL A C     1 
ATOM   640  O O     . VAL A 1 97  ? -3.940  -3.889  -1.017  1.00 7.34  ? 97  VAL A O     1 
ATOM   641  C CB    . VAL A 1 97  ? -6.493  -4.092  -2.817  1.00 9.86  ? 97  VAL A CB    1 
ATOM   642  C CG1   . VAL A 1 97  ? -6.088  -5.385  -3.560  1.00 9.24  ? 97  VAL A CG1   1 
ATOM   643  C CG2   . VAL A 1 97  ? -7.964  -3.683  -3.178  1.00 10.51 ? 97  VAL A CG2   1 
ATOM   644  N N     . VAL A 1 98  ? -4.686  -6.005  -0.862  1.00 7.75  ? 98  VAL A N     1 
ATOM   645  C CA    . VAL A 1 98  ? -3.399  -6.623  -0.683  1.00 8.33  ? 98  VAL A CA    1 
ATOM   646  C C     . VAL A 1 98  ? -3.388  -7.758  -1.690  1.00 8.69  ? 98  VAL A C     1 
ATOM   647  O O     . VAL A 1 98  ? -4.241  -8.684  -1.608  1.00 7.84  ? 98  VAL A O     1 
ATOM   648  C CB    . VAL A 1 98  ? -3.209  -7.227  0.755   1.00 8.91  ? 98  VAL A CB    1 
ATOM   649  C CG1   . VAL A 1 98  ? -1.794  -7.906  0.848   1.00 8.53  ? 98  VAL A CG1   1 
ATOM   650  C CG2   . VAL A 1 98  ? -3.342  -6.118  1.808   1.00 10.20 ? 98  VAL A CG2   1 
ATOM   651  N N     . ASN A 1 99  ? -2.463  -7.662  -2.648  1.00 7.80  ? 99  ASN A N     1 
ATOM   652  C CA    . ASN A 1 99  ? -2.297  -8.664  -3.688  1.00 8.56  ? 99  ASN A CA    1 
ATOM   653  C C     . ASN A 1 99  ? -1.274  -9.705  -3.283  1.00 8.68  ? 99  ASN A C     1 
ATOM   654  O O     . ASN A 1 99  ? -0.097  -9.373  -3.067  1.00 8.56  ? 99  ASN A O     1 
ATOM   655  C CB    . ASN A 1 99  ? -1.875  -8.005  -4.990  1.00 8.42  ? 99  ASN A CB    1 
ATOM   656  C CG    . ASN A 1 99  ? -3.019  -7.271  -5.674  1.00 9.56  ? 99  ASN A CG    1 
ATOM   657  O OD1   . ASN A 1 99  ? -4.202  -7.424  -5.316  1.00 8.92  ? 99  ASN A OD1   1 
ATOM   658  N ND2   . ASN A 1 99  ? -2.680  -6.501  -6.693  1.00 9.01  ? 99  ASN A ND2   1 
ATOM   659  N N     . GLU A 1 100 ? -1.728  -10.957 -3.154  1.00 9.41  ? 100 GLU A N     1 
ATOM   660  C CA    . GLU A 1 100 ? -0.837  -12.068 -2.758  1.00 11.00 ? 100 GLU A CA    1 
ATOM   661  C C     . GLU A 1 100 ? -0.577  -13.139 -3.842  1.00 10.44 ? 100 GLU A C     1 
ATOM   662  O O     . GLU A 1 100 ? -1.511  -13.779 -4.345  1.00 9.06  ? 100 GLU A O     1 
ATOM   663  C CB    . GLU A 1 100 ? -1.372  -12.748 -1.476  1.00 11.97 ? 100 GLU A CB    1 
ATOM   664  C CG    . GLU A 1 100 ? -0.715  -14.085 -1.123  1.00 13.71 ? 100 GLU A CG    1 
ATOM   665  C CD    . GLU A 1 100 ? 0.769   -13.983 -0.785  1.00 14.32 ? 100 GLU A CD    1 
ATOM   666  O OE1   . GLU A 1 100 ? 1.200   -12.949 -0.218  1.00 13.89 ? 100 GLU A OE1   1 
ATOM   667  O OE2   . GLU A 1 100 ? 1.484   -14.964 -1.108  1.00 16.74 ? 100 GLU A OE2   1 
ATOM   668  N N     . GLY A 1 101 ? 0.699   -13.335 -4.190  1.00 10.05 ? 101 GLY A N     1 
ATOM   669  C CA    . GLY A 1 101 ? 1.040   -14.360 -5.170  1.00 9.67  ? 101 GLY A CA    1 
ATOM   670  C C     . GLY A 1 101 ? 0.527   -14.177 -6.598  1.00 9.84  ? 101 GLY A C     1 
ATOM   671  O O     . GLY A 1 101 ? -0.048  -13.131 -6.920  1.00 9.34  ? 101 GLY A O     1 
ATOM   672  N N     . SER A 1 102 ? 0.668   -15.205 -7.438  1.00 9.62  ? 102 SER A N     1 
ATOM   673  C CA    . SER A 1 102 ? 0.236   -15.093 -8.843  1.00 10.59 ? 102 SER A CA    1 
ATOM   674  C C     . SER A 1 102 ? -1.257  -14.869 -9.015  1.00 10.12 ? 102 SER A C     1 
ATOM   675  O O     . SER A 1 102 ? -1.692  -14.038 -9.822  1.00 9.56  ? 102 SER A O     1 
ATOM   676  C CB    . SER A 1 102 ? 0.703   -16.284 -9.722  1.00 12.94 ? 102 SER A CB    1 
ATOM   677  O OG    . SER A 1 102 ? 2.124   -16.290 -9.780  1.00 20.40 ? 102 SER A OG    1 
ATOM   678  N N     . ASP A 1 103 ? -2.057  -15.635 -8.279  1.00 9.48  ? 103 ASP A N     1 
ATOM   679  C CA    . ASP A 1 103 ? -3.506  -15.464 -8.415  1.00 9.11  ? 103 ASP A CA    1 
ATOM   680  C C     . ASP A 1 103 ? -3.990  -14.122 -7.884  1.00 7.91  ? 103 ASP A C     1 
ATOM   681  O O     . ASP A 1 103 ? -4.934  -13.540 -8.413  1.00 8.45  ? 103 ASP A O     1 
ATOM   682  C CB    . ASP A 1 103 ? -4.267  -16.631 -7.741  1.00 10.16 ? 103 ASP A CB    1 
ATOM   683  C CG    . ASP A 1 103 ? -4.394  -17.859 -8.655  1.00 10.45 ? 103 ASP A CG    1 
ATOM   684  O OD1   . ASP A 1 103 ? -4.032  -17.807 -9.855  1.00 9.07  ? 103 ASP A OD1   1 
ATOM   685  O OD2   . ASP A 1 103 ? -4.892  -18.874 -8.182  1.00 9.97  ? 103 ASP A OD2   1 
ATOM   686  N N     . GLY A 1 104 ? -3.269  -13.588 -6.897  1.00 8.23  ? 104 GLY A N     1 
ATOM   687  C CA    . GLY A 1 104 ? -3.623  -12.309 -6.318  1.00 8.72  ? 104 GLY A CA    1 
ATOM   688  C C     . GLY A 1 104 ? -3.207  -11.155 -7.212  1.00 9.09  ? 104 GLY A C     1 
ATOM   689  O O     . GLY A 1 104 ? -3.648  -10.026 -7.014  1.00 9.97  ? 104 GLY A O     1 
ATOM   690  N N     . GLY A 1 105 ? -2.345  -11.447 -8.182  1.00 9.00  ? 105 GLY A N     1 
ATOM   691  C CA    . GLY A 1 105 ? -1.870  -10.441 -9.098  1.00 10.02 ? 105 GLY A CA    1 
ATOM   692  C C     . GLY A 1 105 ? -0.648  -9.712  -8.581  1.00 9.95  ? 105 GLY A C     1 
ATOM   693  O O     . GLY A 1 105 ? -0.287  -8.686  -9.162  1.00 12.03 ? 105 GLY A O     1 
ATOM   694  N N     . GLN A 1 106 ? 0.032   -10.259 -7.585  1.00 8.44  ? 106 GLN A N     1 
ATOM   695  C CA    . GLN A 1 106 ? 1.213   -9.592  -7.025  1.00 9.21  ? 106 GLN A CA    1 
ATOM   696  C C     . GLN A 1 106 ? 2.382   -9.378  -8.041  1.00 9.06  ? 106 GLN A C     1 
ATOM   697  O O     . GLN A 1 106 ? 2.787   -10.310 -8.778  1.00 9.87  ? 106 GLN A O     1 
ATOM   698  C CB    . GLN A 1 106 ? 1.702   -10.335 -5.774  1.00 8.70  ? 106 GLN A CB    1 
ATOM   699  C CG    . GLN A 1 106 ? 2.906   -9.649  -5.092  1.00 8.79  ? 106 GLN A CG    1 
ATOM   700  C CD    . GLN A 1 106 ? 3.187   -10.212 -3.695  1.00 9.48  ? 106 GLN A CD    1 
ATOM   701  O OE1   . GLN A 1 106 ? 2.672   -11.284 -3.314  1.00 8.90  ? 106 GLN A OE1   1 
ATOM   702  N NE2   . GLN A 1 106 ? 4.016   -9.497  -2.928  1.00 8.47  ? 106 GLN A NE2   1 
ATOM   703  N N     . SER A 1 107 ? 2.909   -8.159  -8.063  1.00 8.48  ? 107 SER A N     1 
ATOM   704  C CA    . SER A 1 107 ? 4.006   -7.828  -8.989  1.00 9.82  ? 107 SER A CA    1 
ATOM   705  C C     . SER A 1 107 ? 5.299   -7.502  -8.243  1.00 9.38  ? 107 SER A C     1 
ATOM   706  O O     . SER A 1 107 ? 6.419   -7.862  -8.666  1.00 10.41 ? 107 SER A O     1 
ATOM   707  C CB    . SER A 1 107 ? 3.624   -6.626  -9.852  1.00 9.11  ? 107 SER A CB    1 
ATOM   708  O OG    . SER A 1 107 ? 2.504   -6.945  -10.650 1.00 11.48 ? 107 SER A OG    1 
ATOM   709  N N     . VAL A 1 108 ? 5.129   -6.827  -7.115  1.00 8.68  ? 108 VAL A N     1 
ATOM   710  C CA    . VAL A 1 108 ? 6.283   -6.430  -6.315  1.00 9.02  ? 108 VAL A CA    1 
ATOM   711  C C     . VAL A 1 108 ? 6.235   -7.217  -5.026  1.00 8.43  ? 108 VAL A C     1 
ATOM   712  O O     . VAL A 1 108 ? 5.281   -7.077  -4.226  1.00 7.66  ? 108 VAL A O     1 
ATOM   713  C CB    . VAL A 1 108 ? 6.328   -4.881  -6.060  1.00 9.57  ? 108 VAL A CB    1 
ATOM   714  C CG1   . VAL A 1 108 ? 7.532   -4.535  -5.185  1.00 7.59  ? 108 VAL A CG1   1 
ATOM   715  C CG2   . VAL A 1 108 ? 6.322   -4.115  -7.441  1.00 9.59  ? 108 VAL A CG2   1 
ATOM   716  N N     . TYR A 1 109 ? 7.281   -8.028  -4.847  1.00 8.56  ? 109 TYR A N     1 
ATOM   717  C CA    . TYR A 1 109 ? 7.428   -8.905  -3.694  1.00 8.49  ? 109 TYR A CA    1 
ATOM   718  C C     . TYR A 1 109 ? 8.048   -8.244  -2.454  1.00 8.10  ? 109 TYR A C     1 
ATOM   719  O O     . TYR A 1 109 ? 9.109   -8.613  -1.962  1.00 7.99  ? 109 TYR A O     1 
ATOM   720  C CB    . TYR A 1 109 ? 8.090   -10.242 -4.097  1.00 8.06  ? 109 TYR A CB    1 
ATOM   721  C CG    . TYR A 1 109 ? 7.094   -11.134 -4.817  1.00 10.23 ? 109 TYR A CG    1 
ATOM   722  C CD1   . TYR A 1 109 ? 6.599   -10.804 -6.105  1.00 8.49  ? 109 TYR A CD1   1 
ATOM   723  C CD2   . TYR A 1 109 ? 6.531   -12.242 -4.155  1.00 9.99  ? 109 TYR A CD2   1 
ATOM   724  C CE1   . TYR A 1 109 ? 5.541   -11.572 -6.706  1.00 11.17 ? 109 TYR A CE1   1 
ATOM   725  C CE2   . TYR A 1 109 ? 5.484   -13.011 -4.738  1.00 10.62 ? 109 TYR A CE2   1 
ATOM   726  C CZ    . TYR A 1 109 ? 4.993   -12.681 -5.993  1.00 10.94 ? 109 TYR A CZ    1 
ATOM   727  O OH    . TYR A 1 109 ? 3.961   -13.451 -6.499  1.00 11.93 ? 109 TYR A OH    1 
ATOM   728  N N     . HIS A 1 110 ? 7.303   -7.257  -1.954  1.00 7.99  ? 110 HIS A N     1 
ATOM   729  C CA    . HIS A 1 110 ? 7.605   -6.504  -0.748  1.00 8.08  ? 110 HIS A CA    1 
ATOM   730  C C     . HIS A 1 110 ? 6.173   -6.124  -0.335  1.00 8.34  ? 110 HIS A C     1 
ATOM   731  O O     . HIS A 1 110 ? 5.514   -5.374  -1.041  1.00 9.35  ? 110 HIS A O     1 
ATOM   732  C CB    . HIS A 1 110 ? 8.450   -5.259  -1.027  1.00 8.09  ? 110 HIS A CB    1 
ATOM   733  C CG    . HIS A 1 110 ? 8.766   -4.439  0.199   1.00 8.67  ? 110 HIS A CG    1 
ATOM   734  N ND1   . HIS A 1 110 ? 10.002  -4.458  0.826   1.00 7.66  ? 110 HIS A ND1   1 
ATOM   735  C CD2   . HIS A 1 110 ? 8.023   -3.527  0.879   1.00 7.38  ? 110 HIS A CD2   1 
ATOM   736  C CE1   . HIS A 1 110 ? 10.005  -3.598  1.830   1.00 8.13  ? 110 HIS A CE1   1 
ATOM   737  N NE2   . HIS A 1 110 ? 8.816   -3.022  1.889   1.00 8.36  ? 110 HIS A NE2   1 
ATOM   738  N N     . VAL A 1 111 ? 5.684   -6.715  0.748   1.00 8.99  ? 111 VAL A N     1 
ATOM   739  C CA    . VAL A 1 111 ? 4.319   -6.481  1.232   1.00 8.80  ? 111 VAL A CA    1 
ATOM   740  C C     . VAL A 1 111 ? 3.924   -5.017  1.239   1.00 8.57  ? 111 VAL A C     1 
ATOM   741  O O     . VAL A 1 111 ? 4.685   -4.152  1.675   1.00 8.85  ? 111 VAL A O     1 
ATOM   742  C CB    . VAL A 1 111 ? 4.122   -7.067  2.673   1.00 9.95  ? 111 VAL A CB    1 
ATOM   743  C CG1   . VAL A 1 111 ? 2.758   -6.662  3.255   1.00 11.98 ? 111 VAL A CG1   1 
ATOM   744  C CG2   . VAL A 1 111 ? 4.247   -8.549  2.631   1.00 9.30  ? 111 VAL A CG2   1 
ATOM   745  N N     . HIS A 1 112 ? 2.712   -4.743  0.770   1.00 8.13  ? 112 HIS A N     1 
ATOM   746  C CA    . HIS A 1 112 ? 2.201   -3.390  0.749   1.00 7.55  ? 112 HIS A CA    1 
ATOM   747  C C     . HIS A 1 112 ? 0.707   -3.445  0.586   1.00 7.53  ? 112 HIS A C     1 
ATOM   748  O O     . HIS A 1 112 ? 0.132   -4.451  0.140   1.00 7.33  ? 112 HIS A O     1 
ATOM   749  C CB    . HIS A 1 112 ? 2.822   -2.569  -0.391  1.00 8.30  ? 112 HIS A CB    1 
ATOM   750  C CG    . HIS A 1 112 ? 2.660   -3.191  -1.747  1.00 7.94  ? 112 HIS A CG    1 
ATOM   751  N ND1   . HIS A 1 112 ? 3.472   -4.216  -2.200  1.00 7.62  ? 112 HIS A ND1   1 
ATOM   752  C CD2   . HIS A 1 112 ? 1.767   -2.951  -2.739  1.00 8.36  ? 112 HIS A CD2   1 
ATOM   753  C CE1   . HIS A 1 112 ? 3.082   -4.585  -3.407  1.00 8.14  ? 112 HIS A CE1   1 
ATOM   754  N NE2   . HIS A 1 112 ? 2.049   -3.830  -3.760  1.00 8.54  ? 112 HIS A NE2   1 
ATOM   755  N N     . LEU A 1 113 ? 0.107   -2.309  0.865   1.00 6.70  ? 113 LEU A N     1 
ATOM   756  C CA    . LEU A 1 113 ? -1.333  -2.137  0.821   1.00 7.24  ? 113 LEU A CA    1 
ATOM   757  C C     . LEU A 1 113 ? -1.770  -1.061  -0.204  1.00 7.48  ? 113 LEU A C     1 
ATOM   758  O O     . LEU A 1 113 ? -1.143  -0.009  -0.300  1.00 7.07  ? 113 LEU A O     1 
ATOM   759  C CB    . LEU A 1 113 ? -1.759  -1.693  2.221   1.00 8.38  ? 113 LEU A CB    1 
ATOM   760  C CG    . LEU A 1 113 ? -3.209  -1.319  2.410   1.00 11.13 ? 113 LEU A CG    1 
ATOM   761  C CD1   . LEU A 1 113 ? -3.993  -2.609  2.336   1.00 13.41 ? 113 LEU A CD1   1 
ATOM   762  C CD2   . LEU A 1 113 ? -3.374  -0.644  3.772   1.00 12.69 ? 113 LEU A CD2   1 
ATOM   763  N N     . HIS A 1 114 ? -2.815  -1.349  -0.988  1.00 7.76  ? 114 HIS A N     1 
ATOM   764  C CA    . HIS A 1 114 ? -3.362  -0.371  -1.941  1.00 7.46  ? 114 HIS A CA    1 
ATOM   765  C C     . HIS A 1 114 ? -4.553  0.311   -1.270  1.00 7.59  ? 114 HIS A C     1 
ATOM   766  O O     . HIS A 1 114 ? -5.271  -0.311  -0.472  1.00 8.21  ? 114 HIS A O     1 
ATOM   767  C CB    . HIS A 1 114 ? -3.937  -1.049  -3.190  1.00 7.68  ? 114 HIS A CB    1 
ATOM   768  C CG    . HIS A 1 114 ? -2.921  -1.708  -4.075  1.00 7.92  ? 114 HIS A CG    1 
ATOM   769  N ND1   . HIS A 1 114 ? -2.505  -1.156  -5.273  1.00 9.98  ? 114 HIS A ND1   1 
ATOM   770  C CD2   . HIS A 1 114 ? -2.324  -2.922  -4.006  1.00 8.37  ? 114 HIS A CD2   1 
ATOM   771  C CE1   . HIS A 1 114 ? -1.716  -2.012  -5.910  1.00 6.60  ? 114 HIS A CE1   1 
ATOM   772  N NE2   . HIS A 1 114 ? -1.592  -3.087  -5.161  1.00 6.96  ? 114 HIS A NE2   1 
ATOM   773  N N     . VAL A 1 115 ? -4.785  1.572   -1.598  1.00 8.02  ? 115 VAL A N     1 
ATOM   774  C CA    . VAL A 1 115 ? -5.980  2.282   -1.139  1.00 7.43  ? 115 VAL A CA    1 
ATOM   775  C C     . VAL A 1 115 ? -6.470  3.024   -2.388  1.00 7.72  ? 115 VAL A C     1 
ATOM   776  O O     . VAL A 1 115 ? -5.721  3.815   -2.996  1.00 6.99  ? 115 VAL A O     1 
ATOM   777  C CB    . VAL A 1 115 ? -5.734  3.283   0.039   1.00 9.64  ? 115 VAL A CB    1 
ATOM   778  C CG1   . VAL A 1 115 ? -7.049  3.929   0.431   1.00 8.76  ? 115 VAL A CG1   1 
ATOM   779  C CG2   . VAL A 1 115 ? -5.139  2.585   1.297   1.00 8.19  ? 115 VAL A CG2   1 
ATOM   780  N N     . LEU A 1 116 ? -7.699  2.696   -2.800  1.00 6.79  ? 116 LEU A N     1 
ATOM   781  C CA    . LEU A 1 116 ? -8.360  3.268   -3.994  1.00 7.96  ? 116 LEU A CA    1 
ATOM   782  C C     . LEU A 1 116 ? -9.696  3.941   -3.666  1.00 9.31  ? 116 LEU A C     1 
ATOM   783  O O     . LEU A 1 116 ? -10.543 3.364   -2.954  1.00 8.52  ? 116 LEU A O     1 
ATOM   784  C CB    . LEU A 1 116 ? -8.651  2.196   -5.037  1.00 7.42  ? 116 LEU A CB    1 
ATOM   785  C CG    . LEU A 1 116 ? -7.360  1.434   -5.447  1.00 10.35 ? 116 LEU A CG    1 
ATOM   786  C CD1   . LEU A 1 116 ? -7.284  0.111   -4.658  1.00 10.08 ? 116 LEU A CD1   1 
ATOM   787  C CD2   . LEU A 1 116 ? -7.279  1.222   -6.988  1.00 8.78  ? 116 LEU A CD2   1 
ATOM   788  N N     . GLY A 1 117 ? -9.852  5.171   -4.182  1.00 9.53  ? 117 GLY A N     1 
ATOM   789  C CA    . GLY A 1 117 ? -11.060 5.951   -3.971  1.00 9.13  ? 117 GLY A CA    1 
ATOM   790  C C     . GLY A 1 117 ? -11.222 7.054   -5.023  1.00 9.82  ? 117 GLY A C     1 
ATOM   791  O O     . GLY A 1 117 ? -10.437 7.166   -6.015  1.00 8.56  ? 117 GLY A O     1 
ATOM   792  N N     . GLY A 1 118 ? -12.269 7.862   -4.817  1.00 9.41  ? 118 GLY A N     1 
ATOM   793  C CA    . GLY A 1 118 ? -12.561 8.967   -5.714  1.00 8.58  ? 118 GLY A CA    1 
ATOM   794  C C     . GLY A 1 118 ? -13.549 8.568   -6.790  1.00 9.71  ? 118 GLY A C     1 
ATOM   795  O O     . GLY A 1 118 ? -13.856 9.386   -7.690  1.00 10.04 ? 118 GLY A O     1 
ATOM   796  N N     . ARG A 1 119 ? -14.022 7.319   -6.737  1.00 8.53  ? 119 ARG A N     1 
ATOM   797  C CA    . ARG A 1 119 ? -15.002 6.829   -7.707  1.00 8.51  ? 119 ARG A CA    1 
ATOM   798  C C     . ARG A 1 119 ? -15.599 5.608   -7.057  1.00 8.56  ? 119 ARG A C     1 
ATOM   799  O O     . ARG A 1 119 ? -15.039 5.088   -6.088  1.00 7.77  ? 119 ARG A O     1 
ATOM   800  C CB    . ARG A 1 119 ? -14.362 6.401   -9.044  1.00 7.60  ? 119 ARG A CB    1 
ATOM   801  C CG    . ARG A 1 119 ? -13.503 5.141   -8.945  1.00 8.87  ? 119 ARG A CG    1 
ATOM   802  C CD    . ARG A 1 119 ? -13.062 4.626   -10.321 1.00 9.81  ? 119 ARG A CD    1 
ATOM   803  N NE    . ARG A 1 119 ? -12.086 3.520   -10.286 1.00 10.92 ? 119 ARG A NE    1 
ATOM   804  C CZ    . ARG A 1 119 ? -12.381 2.226   -10.132 1.00 9.95  ? 119 ARG A CZ    1 
ATOM   805  N NH1   . ARG A 1 119 ? -13.633 1.832   -9.907  1.00 7.99  ? 119 ARG A NH1   1 
ATOM   806  N NH2   . ARG A 1 119 ? -11.394 1.331   -10.145 1.00 9.81  ? 119 ARG A NH2   1 
ATOM   807  N N     . GLN A 1 120 ? -16.795 5.245   -7.526  1.00 9.05  ? 120 GLN A N     1 
ATOM   808  C CA    . GLN A 1 120 ? -17.464 4.044   -7.046  1.00 9.12  ? 120 GLN A CA    1 
ATOM   809  C C     . GLN A 1 120 ? -16.606 2.830   -7.430  1.00 8.62  ? 120 GLN A C     1 
ATOM   810  O O     . GLN A 1 120 ? -16.303 2.628   -8.607  1.00 9.00  ? 120 GLN A O     1 
ATOM   811  C CB    . GLN A 1 120 ? -18.833 3.894   -7.743  1.00 9.32  ? 120 GLN A CB    1 
ATOM   812  C CG    . GLN A 1 120 ? -19.594 2.613   -7.331  1.00 11.02 ? 120 GLN A CG    1 
ATOM   813  C CD    . GLN A 1 120 ? -19.986 2.669   -5.870  1.00 10.31 ? 120 GLN A CD    1 
ATOM   814  O OE1   . GLN A 1 120 ? -20.902 3.400   -5.502  1.00 11.58 ? 120 GLN A OE1   1 
ATOM   815  N NE2   . GLN A 1 120 ? -19.225 1.981   -5.011  1.00 12.01 ? 120 GLN A NE2   1 
ATOM   816  N N     . MET A 1 121 ? -16.212 2.027   -6.449  1.00 8.90  ? 121 MET A N     1 
ATOM   817  C CA    . MET A 1 121 ? -15.476 0.798   -6.726  1.00 8.65  ? 121 MET A CA    1 
ATOM   818  C C     . MET A 1 121 ? -16.553 -0.258  -6.980  1.00 9.18  ? 121 MET A C     1 
ATOM   819  O O     . MET A 1 121 ? -17.619 -0.253  -6.333  1.00 10.09 ? 121 MET A O     1 
ATOM   820  C CB    . MET A 1 121 ? -14.588 0.395   -5.550  1.00 9.01  ? 121 MET A CB    1 
ATOM   821  C CG    . MET A 1 121 ? -13.570 1.475   -5.153  1.00 9.56  ? 121 MET A CG    1 
ATOM   822  S SD    . MET A 1 121 ? -12.425 1.857   -6.522  1.00 11.22 ? 121 MET A SD    1 
ATOM   823  C CE    . MET A 1 121 ? -11.436 0.227   -6.586  1.00 10.54 ? 121 MET A CE    1 
ATOM   824  N N     . HIS A 1 122 ? -16.282 -1.144  -7.920  1.00 8.88  ? 122 HIS A N     1 
ATOM   825  C CA    . HIS A 1 122 ? -17.225 -2.173  -8.364  1.00 9.00  ? 122 HIS A CA    1 
ATOM   826  C C     . HIS A 1 122 ? -17.050 -3.547  -7.703  1.00 7.86  ? 122 HIS A C     1 
ATOM   827  O O     . HIS A 1 122 ? -16.108 -3.784  -6.930  1.00 8.48  ? 122 HIS A O     1 
ATOM   828  C CB    . HIS A 1 122 ? -17.121 -2.241  -9.903  1.00 10.31 ? 122 HIS A CB    1 
ATOM   829  C CG    . HIS A 1 122 ? -17.302 -0.901  -10.559 1.00 13.07 ? 122 HIS A CG    1 
ATOM   830  N ND1   . HIS A 1 122 ? -16.280 -0.231  -11.211 1.00 14.37 ? 122 HIS A ND1   1 
ATOM   831  C CD2   . HIS A 1 122 ? -18.366 -0.059  -10.577 1.00 12.65 ? 122 HIS A CD2   1 
ATOM   832  C CE1   . HIS A 1 122 ? -16.711 0.957   -11.597 1.00 13.04 ? 122 HIS A CE1   1 
ATOM   833  N NE2   . HIS A 1 122 ? -17.973 1.088   -11.223 1.00 14.89 ? 122 HIS A NE2   1 
ATOM   834  N N     . TRP A 1 123 ? -17.930 -4.473  -8.041  1.00 7.92  ? 123 TRP A N     1 
ATOM   835  C CA    . TRP A 1 123 ? -17.850 -5.811  -7.496  1.00 8.08  ? 123 TRP A CA    1 
ATOM   836  C C     . TRP A 1 123 ? -18.123 -6.786  -8.639  1.00 8.91  ? 123 TRP A C     1 
ATOM   837  O O     . TRP A 1 123 ? -18.999 -6.526  -9.476  1.00 9.88  ? 123 TRP A O     1 
ATOM   838  C CB    . TRP A 1 123 ? -18.914 -5.959  -6.428  1.00 8.27  ? 123 TRP A CB    1 
ATOM   839  C CG    . TRP A 1 123 ? -18.621 -7.043  -5.462  1.00 7.77  ? 123 TRP A CG    1 
ATOM   840  C CD1   . TRP A 1 123 ? -19.347 -8.184  -5.270  1.00 8.26  ? 123 TRP A CD1   1 
ATOM   841  C CD2   . TRP A 1 123 ? -17.588 -7.045  -4.475  1.00 7.93  ? 123 TRP A CD2   1 
ATOM   842  N NE1   . TRP A 1 123 ? -18.838 -8.891  -4.197  1.00 7.85  ? 123 TRP A NE1   1 
ATOM   843  C CE2   . TRP A 1 123 ? -17.760 -8.211  -3.689  1.00 8.64  ? 123 TRP A CE2   1 
ATOM   844  C CE3   . TRP A 1 123 ? -16.542 -6.156  -4.156  1.00 8.83  ? 123 TRP A CE3   1 
ATOM   845  C CZ2   . TRP A 1 123 ? -16.926 -8.524  -2.617  1.00 8.30  ? 123 TRP A CZ2   1 
ATOM   846  C CZ3   . TRP A 1 123 ? -15.702 -6.470  -3.078  1.00 9.10  ? 123 TRP A CZ3   1 
ATOM   847  C CH2   . TRP A 1 123 ? -15.909 -7.654  -2.316  1.00 9.92  ? 123 TRP A CH2   1 
ATOM   848  N N     . PRO A 1 124 ? -17.369 -7.900  -8.720  1.00 9.25  ? 124 PRO A N     1 
ATOM   849  C CA    . PRO A 1 124 ? -16.298 -8.310  -7.817  1.00 8.85  ? 124 PRO A CA    1 
ATOM   850  C C     . PRO A 1 124 ? -15.071 -7.361  -7.855  1.00 8.22  ? 124 PRO A C     1 
ATOM   851  O O     . PRO A 1 124 ? -14.909 -6.560  -8.776  1.00 8.21  ? 124 PRO A O     1 
ATOM   852  C CB    . PRO A 1 124 ? -15.923 -9.704  -8.331  1.00 9.33  ? 124 PRO A CB    1 
ATOM   853  C CG    . PRO A 1 124 ? -16.142 -9.564  -9.843  1.00 9.11  ? 124 PRO A CG    1 
ATOM   854  C CD    . PRO A 1 124 ? -17.484 -8.838  -9.859  1.00 9.52  ? 124 PRO A CD    1 
ATOM   855  N N     . PRO A 1 125 ? -14.183 -7.497  -6.882  1.00 7.81  ? 125 PRO A N     1 
ATOM   856  C CA    . PRO A 1 125 ? -12.957 -6.701  -6.727  1.00 8.77  ? 125 PRO A CA    1 
ATOM   857  C C     . PRO A 1 125 ? -11.877 -7.345  -7.568  1.00 7.44  ? 125 PRO A C     1 
ATOM   858  O O     . PRO A 1 125 ? -10.790 -7.653  -7.074  1.00 7.99  ? 125 PRO A O     1 
ATOM   859  C CB    . PRO A 1 125 ? -12.666 -6.827  -5.233  1.00 9.22  ? 125 PRO A CB    1 
ATOM   860  C CG    . PRO A 1 125 ? -13.051 -8.212  -4.935  1.00 8.68  ? 125 PRO A CG    1 
ATOM   861  C CD    . PRO A 1 125 ? -14.326 -8.453  -5.766  1.00 8.67  ? 125 PRO A CD    1 
ATOM   862  N N     . GLY A 1 126 ? -12.191 -7.520  -8.845  1.00 8.24  ? 126 GLY A N     1 
ATOM   863  C CA    . GLY A 1 126 ? -11.270 -8.198  -9.742  1.00 10.23 ? 126 GLY A CA    1 
ATOM   864  C C     . GLY A 1 126 ? -11.613 -9.691  -9.799  1.00 10.51 ? 126 GLY A C     1 
ATOM   865  O O     . GLY A 1 126 ? -10.800 -10.489 -10.359 1.00 8.88  ? 126 GLY A O     1 
ATOM   866  O OXT   . GLY A 1 126 ? -12.749 -10.041 -9.343  1.00 11.47 ? 126 GLY A OXT   1 
HETATM 867  P P     . AMP B 2 .   ? 1.141   -5.380  -6.775  1.00 9.66  ? 200 AMP A P     1 
HETATM 868  O O1P   . AMP B 2 .   ? 0.134   -6.256  -7.397  1.00 9.03  ? 200 AMP A O1P   1 
HETATM 869  O O2P   . AMP B 2 .   ? 2.316   -6.126  -6.228  1.00 9.94  ? 200 AMP A O2P   1 
HETATM 870  O O3P   . AMP B 2 .   ? 0.558   -4.356  -5.815  1.00 9.41  ? 200 AMP A O3P   1 
HETATM 871  O "O5'" . AMP B 2 .   ? 1.707   -4.537  -8.054  1.00 10.77 ? 200 AMP A "O5'" 1 
HETATM 872  C "C5'" . AMP B 2 .   ? 2.738   -3.524  -7.854  1.00 9.25  ? 200 AMP A "C5'" 1 
HETATM 873  C "C4'" . AMP B 2 .   ? 1.982   -2.176  -7.818  1.00 10.89 ? 200 AMP A "C4'" 1 
HETATM 874  O "O4'" . AMP B 2 .   ? 2.957   -1.091  -7.608  1.00 9.52  ? 200 AMP A "O4'" 1 
HETATM 875  C "C3'" . AMP B 2 .   ? 1.196   -1.891  -9.274  1.00 9.59  ? 200 AMP A "C3'" 1 
HETATM 876  O "O3'" . AMP B 2 .   ? -0.144  -1.303  -8.902  1.00 9.92  ? 200 AMP A "O3'" 1 
HETATM 877  C "C2'" . AMP B 2 .   ? 2.206   -0.810  -9.928  1.00 9.55  ? 200 AMP A "C2'" 1 
HETATM 878  O "O2'" . AMP B 2 .   ? 1.542   0.233   -10.609 1.00 6.61  ? 200 AMP A "O2'" 1 
HETATM 879  C "C1'" . AMP B 2 .   ? 2.845   -0.087  -8.620  1.00 9.60  ? 200 AMP A "C1'" 1 
HETATM 880  N N9    . AMP B 2 .   ? 4.203   0.410   -8.915  1.00 9.86  ? 200 AMP A N9    1 
HETATM 881  C C8    . AMP B 2 .   ? 5.259   -0.283  -9.521  1.00 10.65 ? 200 AMP A C8    1 
HETATM 882  N N7    . AMP B 2 .   ? 6.411   0.395   -9.703  1.00 9.90  ? 200 AMP A N7    1 
HETATM 883  C C5    . AMP B 2 .   ? 6.024   1.631   -9.173  1.00 10.85 ? 200 AMP A C5    1 
HETATM 884  C C6    . AMP B 2 .   ? 6.777   2.792   -8.958  1.00 11.33 ? 200 AMP A C6    1 
HETATM 885  N N6    . AMP B 2 .   ? 8.062   2.865   -9.462  1.00 10.44 ? 200 AMP A N6    1 
HETATM 886  N N1    . AMP B 2 .   ? 6.134   3.783   -8.249  1.00 10.05 ? 200 AMP A N1    1 
HETATM 887  C C2    . AMP B 2 .   ? 4.870   3.680   -7.833  1.00 10.73 ? 200 AMP A C2    1 
HETATM 888  N N3    . AMP B 2 .   ? 4.067   2.632   -8.025  1.00 8.97  ? 200 AMP A N3    1 
HETATM 889  C C4    . AMP B 2 .   ? 4.698   1.651   -8.681  1.00 10.12 ? 200 AMP A C4    1 
HETATM 890  O O     . HOH C 3 .   ? 1.817   -7.136  -0.816  1.00 14.35 ? 201 HOH A O     1 
HETATM 891  O O     . HOH C 3 .   ? -5.663  -19.172 -5.690  1.00 13.33 ? 202 HOH A O     1 
HETATM 892  O O     . HOH C 3 .   ? -19.877 -10.973 -2.346  1.00 12.96 ? 203 HOH A O     1 
HETATM 893  O O     . HOH C 3 .   ? 4.587   -16.664 12.981  1.00 15.72 ? 204 HOH A O     1 
HETATM 894  O O     . HOH C 3 .   ? -14.400 10.531  -1.536  1.00 18.31 ? 205 HOH A O     1 
HETATM 895  O O     . HOH C 3 .   ? 4.948   10.813  10.637  1.00 12.91 ? 206 HOH A O     1 
HETATM 896  O O     . HOH C 3 .   ? 9.010   -8.121  -7.075  1.00 13.75 ? 207 HOH A O     1 
HETATM 897  O O     . HOH C 3 .   ? 2.558   -7.440  16.289  1.00 12.83 ? 208 HOH A O     1 
HETATM 898  O O     . HOH C 3 .   ? 7.029   6.418   -7.807  0.94 9.66  ? 209 HOH A O     1 
HETATM 899  O O     . HOH C 3 .   ? 1.623   -9.987  -0.621  0.98 8.67  ? 210 HOH A O     1 
HETATM 900  O O     . HOH C 3 .   ? 3.557   9.785   -5.019  1.00 16.82 ? 211 HOH A O     1 
HETATM 901  O O     . HOH C 3 .   ? -10.090 7.502   6.349   1.00 12.58 ? 212 HOH A O     1 
HETATM 902  O O     . HOH C 3 .   ? -18.579 -2.436  -4.983  1.00 13.38 ? 213 HOH A O     1 
HETATM 903  O O     . HOH C 3 .   ? 1.222   -7.126  -3.720  1.00 10.61 ? 214 HOH A O     1 
HETATM 904  O O     . HOH C 3 .   ? 8.539   -1.606  9.178   0.72 9.75  ? 215 HOH A O     1 
HETATM 905  O O     . HOH C 3 .   ? 3.500   -16.606 17.598  1.00 14.99 ? 216 HOH A O     1 
HETATM 906  O O     . HOH C 3 .   ? -0.175  -12.372 -11.242 1.00 16.22 ? 217 HOH A O     1 
HETATM 907  O O     . HOH C 3 .   ? 15.109  -0.594  1.711   1.00 17.72 ? 218 HOH A O     1 
HETATM 908  O O     . HOH C 3 .   ? 9.372   5.362   -9.828  1.00 12.26 ? 219 HOH A O     1 
HETATM 909  O O     . HOH C 3 .   ? 3.328   -8.235  -12.917 1.00 15.64 ? 220 HOH A O     1 
HETATM 910  O O     . HOH C 3 .   ? 13.042  5.513   9.393   1.00 12.49 ? 221 HOH A O     1 
HETATM 911  O O     . HOH C 3 .   ? 4.617   -5.815  13.991  1.00 13.11 ? 222 HOH A O     1 
HETATM 912  O O     . HOH C 3 .   ? -3.702  8.936   -6.582  0.87 14.11 ? 223 HOH A O     1 
HETATM 913  O O     . HOH C 3 .   ? 7.541   -5.662  3.259   0.99 10.37 ? 224 HOH A O     1 
HETATM 914  O O     . HOH C 3 .   ? 4.736   7.539   -6.553  0.89 10.98 ? 225 HOH A O     1 
HETATM 915  O O     . HOH C 3 .   ? -21.629 -5.624  -10.223 0.90 18.71 ? 226 HOH A O     1 
HETATM 916  O O     . HOH C 3 .   ? -20.643 5.461   -3.747  0.97 11.47 ? 227 HOH A O     1 
HETATM 917  O O     . HOH C 3 .   ? -19.478 6.540   2.927   1.00 13.98 ? 228 HOH A O     1 
HETATM 918  O O     . HOH C 3 .   ? 0.436   -18.223 17.041  1.00 15.32 ? 229 HOH A O     1 
HETATM 919  O O     . HOH C 3 .   ? 9.477   -15.080 17.730  0.93 12.23 ? 230 HOH A O     1 
HETATM 920  O O     . HOH C 3 .   ? 4.857   14.946  1.540   0.96 13.90 ? 231 HOH A O     1 
HETATM 921  O O     . HOH C 3 .   ? -4.147  16.318  7.167   0.86 13.92 ? 232 HOH A O     1 
HETATM 922  O O     . HOH C 3 .   ? -7.445  16.922  0.022   0.86 24.16 ? 233 HOH A O     1 
HETATM 923  O O     . HOH C 3 .   ? 8.767   -13.171 6.808   1.00 29.59 ? 234 HOH A O     1 
HETATM 924  O O     . HOH C 3 .   ? 1.812   -19.499 13.545  0.92 14.47 ? 235 HOH A O     1 
HETATM 925  O O     . HOH C 3 .   ? -3.148  -1.413  -15.692 1.00 22.58 ? 236 HOH A O     1 
HETATM 926  O O     . HOH C 3 .   ? 13.678  -4.249  1.138   1.00 20.13 ? 237 HOH A O     1 
HETATM 927  O O     . HOH C 3 .   ? 8.647   -11.380 9.016   1.00 21.14 ? 238 HOH A O     1 
HETATM 928  O O     . HOH C 3 .   ? 22.527  2.136   -8.041  1.00 20.22 ? 239 HOH A O     1 
HETATM 929  O O     . HOH C 3 .   ? -6.270  6.432   14.280  1.00 23.36 ? 240 HOH A O     1 
HETATM 930  O O     . HOH C 3 .   ? -3.393  3.968   -14.963 0.60 16.35 ? 241 HOH A O     1 
HETATM 931  O O     . HOH C 3 .   ? -0.833  9.321   14.297  0.50 11.74 ? 242 HOH A O     1 
HETATM 932  O O     . HOH C 3 .   ? 0.496   0.243   -16.315 1.00 20.84 ? 243 HOH A O     1 
HETATM 933  O O     . HOH C 3 .   ? 6.967   -6.453  12.624  1.00 20.36 ? 244 HOH A O     1 
HETATM 934  O O     . HOH C 3 .   ? 0.935   -19.073 4.297   0.84 11.95 ? 245 HOH A O     1 
HETATM 935  O O     . HOH C 3 .   ? 4.217   11.741  7.605   0.75 11.21 ? 246 HOH A O     1 
HETATM 936  O O     . HOH C 3 .   ? 11.603  7.309   -0.107  0.86 10.12 ? 247 HOH A O     1 
HETATM 937  O O     . HOH C 3 .   ? 2.289   -10.874 -11.397 1.00 22.75 ? 248 HOH A O     1 
HETATM 938  O O     . HOH C 3 .   ? -1.458  7.452   -8.024  0.81 20.75 ? 249 HOH A O     1 
HETATM 939  O O     . HOH C 3 .   ? -14.126 7.214   4.570   1.00 26.59 ? 250 HOH A O     1 
HETATM 940  O O     . HOH C 3 .   ? 4.255   -18.529 0.312   1.00 41.35 ? 251 HOH A O     1 
HETATM 941  O O     . HOH C 3 .   ? 4.641   -3.382  -10.590 0.76 11.61 ? 252 HOH A O     1 
HETATM 942  O O     . HOH C 3 .   ? 8.393   7.539   -11.521 0.71 13.78 ? 253 HOH A O     1 
HETATM 943  O O     . HOH C 3 .   ? 4.484   -16.135 -6.507  0.68 10.61 ? 254 HOH A O     1 
HETATM 944  O O     . HOH C 3 .   ? -15.177 2.613   -13.064 1.00 23.67 ? 255 HOH A O     1 
HETATM 945  O O     . HOH C 3 .   ? 12.599  3.977   11.642  1.00 32.04 ? 256 HOH A O     1 
HETATM 946  O O     . HOH C 3 .   ? -8.064  9.250   9.753   0.55 9.24  ? 257 HOH A O     1 
HETATM 947  O O     . HOH C 3 .   ? -0.296  13.936  -2.795  0.92 14.58 ? 258 HOH A O     1 
HETATM 948  O O     . HOH C 3 .   ? 13.656  -10.781 -0.373  0.87 30.23 ? 259 HOH A O     1 
HETATM 949  O O     . HOH C 3 .   ? 5.117   -14.486 -11.201 1.00 26.19 ? 260 HOH A O     1 
HETATM 950  O O     . HOH C 3 .   ? 10.060  -13.133 15.800  0.96 20.15 ? 261 HOH A O     1 
HETATM 951  O O     . HOH C 3 .   ? -11.443 9.265   4.649   0.91 15.64 ? 262 HOH A O     1 
HETATM 952  O O     . HOH C 3 .   ? 8.924   -12.918 20.361  0.69 18.89 ? 263 HOH A O     1 
HETATM 953  O O     . HOH C 3 .   ? 8.742   -0.864  15.619  0.71 16.85 ? 264 HOH A O     1 
HETATM 954  O O     . HOH C 3 .   ? -22.901 4.660   -6.888  0.86 25.07 ? 265 HOH A O     1 
HETATM 955  O O     . HOH C 3 .   ? -17.128 4.024   -11.152 0.72 15.90 ? 266 HOH A O     1 
HETATM 956  O O     . HOH C 3 .   ? -14.872 -3.502  -12.351 0.88 22.83 ? 267 HOH A O     1 
HETATM 957  O O     . HOH C 3 .   ? 1.352   14.798  3.170   0.93 15.69 ? 268 HOH A O     1 
HETATM 958  O O     . HOH C 3 .   ? 5.782   -16.391 -4.301  1.00 24.72 ? 269 HOH A O     1 
HETATM 959  O O     . HOH C 3 .   ? 2.102   7.226   12.229  0.94 16.82 ? 270 HOH A O     1 
HETATM 960  O O     . HOH C 3 .   ? 13.818  -5.533  6.541   0.70 14.03 ? 271 HOH A O     1 
HETATM 961  O O     . HOH C 3 .   ? -6.891  14.338  -3.233  0.68 18.36 ? 272 HOH A O     1 
HETATM 962  O O     . HOH C 3 .   ? -0.578  6.830   12.481  0.57 14.92 ? 273 HOH A O     1 
HETATM 963  O O     . HOH C 3 .   ? 13.990  -0.602  6.080   0.69 17.77 ? 274 HOH A O     1 
HETATM 964  O O     . HOH C 3 .   ? 14.825  9.481   -3.216  0.96 18.55 ? 275 HOH A O     1 
HETATM 965  O O     . HOH C 3 .   ? 3.178   -13.372 -9.184  0.90 16.85 ? 276 HOH A O     1 
HETATM 966  O O     . HOH C 3 .   ? -4.924  9.477   -10.188 1.00 21.32 ? 277 HOH A O     1 
HETATM 967  O O     . HOH C 3 .   ? 10.765  -7.648  12.882  0.74 21.85 ? 278 HOH A O     1 
HETATM 968  O O     . HOH C 3 .   ? -19.764 11.286  1.608   0.66 23.29 ? 279 HOH A O     1 
HETATM 969  O O     . HOH C 3 .   ? 3.760   -14.200 18.553  0.77 22.22 ? 280 HOH A O     1 
HETATM 970  O O     . HOH C 3 .   ? 13.713  -0.853  -10.323 0.49 14.22 ? 281 HOH A O     1 
HETATM 971  O O     . HOH C 3 .   ? 16.237  -3.738  -11.095 1.00 25.35 ? 282 HOH A O     1 
HETATM 972  O O     . HOH C 3 .   ? -15.573 -5.951  -11.233 0.90 15.22 ? 283 HOH A O     1 
HETATM 973  O O     . HOH C 3 .   ? 8.458   -3.469  11.743  0.69 20.88 ? 284 HOH A O     1 
HETATM 974  O O     . HOH C 3 .   ? -5.049  11.348  -5.565  0.94 26.16 ? 285 HOH A O     1 
HETATM 975  O O     . HOH C 3 .   ? 3.494   -16.951 -11.994 0.85 19.44 ? 286 HOH A O     1 
HETATM 976  O O     . HOH C 3 .   ? 10.245  1.181   15.165  1.00 26.72 ? 287 HOH A O     1 
HETATM 977  O O     . HOH C 3 .   ? 10.505  -11.132 7.073   0.41 26.57 ? 288 HOH A O     1 
HETATM 978  O O     . HOH C 3 .   ? 1.531   -17.341 -3.368  0.93 22.42 ? 289 HOH A O     1 
HETATM 979  O O     . HOH C 3 .   ? 0.718   -8.613  17.996  0.41 22.06 ? 290 HOH A O     1 
HETATM 980  O O     . HOH C 3 .   ? -13.015 -0.702  -12.606 0.72 16.06 ? 291 HOH A O     1 
HETATM 981  O O     . HOH C 3 .   ? -1.778  11.069  6.208   0.50 17.30 ? 292 HOH A O     1 
HETATM 982  O O     . HOH C 3 .   ? 13.042  7.421   -3.499  0.46 10.93 ? 293 HOH A O     1 
HETATM 983  O O     . HOH C 3 .   ? -1.134  -1.373  -13.547 0.98 22.42 ? 294 HOH A O     1 
HETATM 984  O O     . HOH C 3 .   ? -0.674  -5.573  -2.459  1.00 10.20 ? 295 HOH A O     1 
HETATM 985  O O     . HOH C 3 .   ? -25.264 6.406   -5.876  1.00 14.89 ? 296 HOH A O     1 
HETATM 986  O O     . HOH C 3 .   ? -5.391  12.540  8.246   1.00 18.19 ? 297 HOH A O     1 
HETATM 987  O O     . HOH C 3 .   ? 16.642  -2.458  0.303   0.72 13.81 ? 298 HOH A O     1 
HETATM 988  O O     . HOH C 3 .   ? 7.367   -14.230 -12.341 1.00 17.00 ? 299 HOH A O     1 
HETATM 989  O O     . HOH C 3 .   ? 6.263   8.281   -9.626  0.74 14.85 ? 300 HOH A O     1 
HETATM 990  O O     . HOH C 3 .   ? 12.861  -5.179  -1.328  1.00 20.05 ? 301 HOH A O     1 
HETATM 991  O O     . HOH C 3 .   ? 1.891   13.883  -4.501  0.95 21.19 ? 302 HOH A O     1 
HETATM 992  O O     . HOH C 3 .   ? 3.060   11.623  -6.859  0.99 16.88 ? 303 HOH A O     1 
HETATM 993  O O     . HOH C 3 .   ? -11.318 1.391   -13.435 1.00 35.04 ? 304 HOH A O     1 
HETATM 994  O O     . HOH C 3 .   ? -10.848 5.743   -12.488 0.75 19.44 ? 305 HOH A O     1 
HETATM 995  O O     . HOH C 3 .   ? 11.440  -10.236 -2.466  0.68 14.29 ? 306 HOH A O     1 
HETATM 996  O O     . HOH C 3 .   ? -20.248 -3.402  -9.283  1.00 17.42 ? 307 HOH A O     1 
HETATM 997  O O     . HOH C 3 .   ? -20.967 3.622   -10.484 0.72 19.69 ? 308 HOH A O     1 
HETATM 998  O O     . HOH C 3 .   ? -6.359  11.763  10.839  1.00 32.37 ? 309 HOH A O     1 
HETATM 999  O O     . HOH C 3 .   ? 2.593   15.176  0.033   1.00 20.94 ? 310 HOH A O     1 
HETATM 1000 O O     . HOH C 3 .   ? -0.593  14.602  0.074   1.00 36.51 ? 311 HOH A O     1 
HETATM 1001 O O     . HOH C 3 .   ? -20.635 8.773   1.725   0.35 7.46  ? 312 HOH A O     1 
HETATM 1002 O O     . HOH C 3 .   ? -1.430  -15.013 15.373  0.73 14.71 ? 313 HOH A O     1 
HETATM 1003 O O     . HOH C 3 .   ? 11.007  -11.073 2.855   1.00 31.13 ? 314 HOH A O     1 
HETATM 1004 O O     . HOH C 3 .   ? -8.415  1.181   -14.622 0.89 19.72 ? 315 HOH A O     1 
HETATM 1005 O O     . HOH C 3 .   ? -22.655 7.491   -4.273  0.60 21.37 ? 316 HOH A O     1 
HETATM 1006 O O     . HOH C 3 .   ? -0.937  4.822   -15.929 1.00 24.85 ? 317 HOH A O     1 
HETATM 1007 O O     . HOH C 3 .   ? -15.743 6.235   -12.665 0.68 24.33 ? 318 HOH A O     1 
HETATM 1008 O O     . HOH C 3 .   ? 14.190  -7.243  -1.375  0.97 23.72 ? 319 HOH A O     1 
HETATM 1009 O O     . HOH C 3 .   ? 22.409  1.022   -5.157  0.88 23.78 ? 320 HOH A O     1 
HETATM 1010 O O     . HOH C 3 .   ? 2.092   8.045   -13.419 0.79 18.12 ? 321 HOH A O     1 
HETATM 1011 O O     . HOH C 3 .   ? 13.232  -2.367  3.043   0.63 16.95 ? 322 HOH A O     1 
HETATM 1012 O O     . HOH C 3 .   ? -19.287 -3.041  -12.039 0.91 29.62 ? 323 HOH A O     1 
HETATM 1013 O O     . HOH C 3 .   ? 0.879   1.787   -18.689 0.49 18.50 ? 324 HOH A O     1 
HETATM 1014 O O     . HOH C 3 .   ? -0.723  11.172  10.338  0.84 28.23 ? 325 HOH A O     1 
HETATM 1015 O O     . HOH C 3 .   ? 3.452   7.886   -8.983  0.89 25.15 ? 326 HOH A O     1 
HETATM 1016 O O     . HOH C 3 .   ? -0.893  12.777  8.161   0.78 21.59 ? 327 HOH A O     1 
HETATM 1017 O O     . HOH C 3 .   ? -1.452  -11.045 -13.132 0.65 20.06 ? 328 HOH A O     1 
HETATM 1018 O O     . HOH C 3 .   ? 2.875   -2.942  -13.252 1.00 19.03 ? 329 HOH A O     1 
HETATM 1019 O O     . HOH C 3 .   ? 3.686   15.679  -2.769  1.00 18.23 ? 330 HOH A O     1 
HETATM 1020 O O     . HOH C 3 .   ? 12.447  -10.613 -5.009  0.82 22.34 ? 331 HOH A O     1 
HETATM 1021 O O     . HOH C 3 .   ? -2.127  -0.341  -17.922 0.86 17.74 ? 332 HOH A O     1 
HETATM 1022 O O     . HOH C 3 .   ? 1.835   -0.485  -13.136 0.57 12.28 ? 333 HOH A O     1 
HETATM 1023 O O     . HOH C 3 .   ? -4.657  2.191   -16.461 1.00 30.85 ? 334 HOH A O     1 
HETATM 1024 O O     . HOH C 3 .   ? -4.012  17.869  2.544   0.89 25.48 ? 335 HOH A O     1 
HETATM 1025 O O     . HOH C 3 .   ? 11.671  7.305   14.425  0.84 27.36 ? 336 HOH A O     1 
HETATM 1026 O O     . HOH C 3 .   ? 7.346   7.770   13.779  0.69 14.91 ? 337 HOH A O     1 
HETATM 1027 O O     . HOH C 3 .   ? -10.375 7.422   13.641  0.45 15.66 ? 338 HOH A O     1 
HETATM 1028 O O     . HOH C 3 .   ? 6.157   -16.637 -8.824  0.39 9.86  ? 339 HOH A O     1 
HETATM 1029 O O     . HOH C 3 .   ? 2.151   -4.134  -11.195 0.73 18.73 ? 340 HOH A O     1 
HETATM 1030 O O     . HOH C 3 .   ? -13.036 11.409  5.592   0.91 26.24 ? 341 HOH A O     1 
HETATM 1031 O O     . HOH C 3 .   ? -6.713  0.447   -17.923 0.89 24.17 ? 342 HOH A O     1 
HETATM 1032 O O     . HOH C 3 .   ? -4.150  13.838  -4.735  0.87 27.59 ? 343 HOH A O     1 
HETATM 1033 O O     . HOH C 3 .   ? 17.267  0.389   3.293   0.85 22.01 ? 344 HOH A O     1 
HETATM 1034 O O     . HOH C 3 .   ? 15.173  -6.092  2.495   0.88 29.99 ? 345 HOH A O     1 
HETATM 1035 O O     . HOH C 3 .   ? -0.967  9.539   -10.027 0.92 32.50 ? 346 HOH A O     1 
HETATM 1036 O O     . HOH C 3 .   ? 11.182  -0.709  10.026  0.87 27.11 ? 347 HOH A O     1 
HETATM 1037 O O     . HOH C 3 .   ? -8.658  16.545  3.783   0.34 18.55 ? 348 HOH A O     1 
HETATM 1038 O O     . HOH C 3 .   ? 12.342  -13.615 14.507  1.00 34.73 ? 349 HOH A O     1 
HETATM 1039 O O     . HOH C 3 .   ? -7.278  5.883   -13.213 0.75 22.77 ? 350 HOH A O     1 
HETATM 1040 O O     . HOH C 3 .   ? -11.215 13.420  3.624   0.77 24.10 ? 351 HOH A O     1 
HETATM 1041 O O     . HOH C 3 .   ? -21.033 -9.483  -8.431  0.68 19.62 ? 352 HOH A O     1 
HETATM 1042 O O     . HOH C 3 .   ? 25.374  2.358   -8.143  0.58 27.67 ? 353 HOH A O     1 
HETATM 1043 O O     . HOH C 3 .   ? 2.385   -1.918  -15.901 0.00 8.19  ? 354 HOH A O     1 
HETATM 1044 O O     . HOH C 3 .   ? 18.397  -2.087  3.635   0.33 21.02 ? 355 HOH A O     1 
HETATM 1045 O O     . HOH C 3 .   ? 18.638  -4.074  0.960   0.57 22.94 ? 356 HOH A O     1 
HETATM 1046 O O     . HOH C 3 .   ? 14.349  3.765   13.632  0.80 25.11 ? 357 HOH A O     1 
HETATM 1047 O O     . HOH C 3 .   ? 13.662  -8.298  6.239   0.65 23.89 ? 358 HOH A O     1 
HETATM 1048 O O     . HOH C 3 .   ? 1.547   10.222  -8.985  0.38 14.67 ? 359 HOH A O     1 
HETATM 1049 O O     . HOH C 3 .   ? -0.270  9.037   -12.656 0.30 6.95  ? 360 HOH A O     1 
HETATM 1050 O O     . HOH C 3 .   ? 22.995  -0.392  -9.160  0.81 30.36 ? 361 HOH A O     1 
HETATM 1051 O O     . HOH C 3 .   ? -21.550 -8.112  -10.885 0.67 24.80 ? 362 HOH A O     1 
HETATM 1052 O O     . HOH C 3 .   ? 16.233  -11.695 -1.994  0.36 17.28 ? 363 HOH A O     1 
HETATM 1053 O O     . HOH C 3 .   ? 8.926   7.780   16.841  0.59 20.76 ? 364 HOH A O     1 
HETATM 1054 O O     . HOH C 3 .   ? 12.768  0.265   13.226  0.48 16.79 ? 365 HOH A O     1 
HETATM 1055 O O     . HOH C 3 .   ? -10.633 17.736  0.953   0.81 26.44 ? 366 HOH A O     1 
HETATM 1056 O O     . HOH C 3 .   ? 3.850   -19.007 -3.258  0.48 15.79 ? 367 HOH A O     1 
HETATM 1057 O O     . HOH C 3 .   ? 13.323  -10.501 15.221  0.93 29.56 ? 368 HOH A O     1 
HETATM 1058 O O     . HOH C 3 .   ? 4.832   -19.966 2.512   0.92 28.97 ? 369 HOH A O     1 
HETATM 1059 O O     . HOH C 3 .   ? 2.265   15.779  -7.642  0.34 15.40 ? 370 HOH A O     1 
HETATM 1060 O O     . HOH C 3 .   ? -1.640  13.604  -7.188  0.63 21.30 ? 371 HOH A O     1 
HETATM 1061 O O     . HOH C 3 .   ? 10.229  -0.883  17.689  0.53 19.19 ? 372 HOH A O     1 
HETATM 1062 O O     . HOH C 3 .   ? 9.055   -15.898 -10.521 0.38 14.41 ? 373 HOH A O     1 
HETATM 1063 O O     . HOH C 3 .   ? -4.078  1.534   -19.505 0.82 32.40 ? 374 HOH A O     1 
# 
